data_1NLP
# 
_entry.id   1NLP 
# 
_audit_conform.dict_name       mmcif_pdbx.dic 
_audit_conform.dict_version    5.397 
_audit_conform.dict_location   http://mmcif.pdb.org/dictionaries/ascii/mmcif_pdbx.dic 
# 
loop_
_database_2.database_id 
_database_2.database_code 
_database_2.pdbx_database_accession 
_database_2.pdbx_DOI 
PDB   1NLP         pdb_00001nlp 10.2210/pdb1nlp/pdb 
WWPDB D_1000175328 ?            ?                   
# 
loop_
_pdbx_audit_revision_history.ordinal 
_pdbx_audit_revision_history.data_content_type 
_pdbx_audit_revision_history.major_revision 
_pdbx_audit_revision_history.minor_revision 
_pdbx_audit_revision_history.revision_date 
1 'Structure model' 1 0 1997-01-27 
2 'Structure model' 1 1 2008-03-24 
3 'Structure model' 1 2 2011-07-13 
4 'Structure model' 1 3 2022-02-23 
5 'Structure model' 2 0 2023-11-15 
6 'Structure model' 2 1 2024-10-23 
# 
_pdbx_audit_revision_details.ordinal             1 
_pdbx_audit_revision_details.revision_ordinal    1 
_pdbx_audit_revision_details.data_content_type   'Structure model' 
_pdbx_audit_revision_details.provider            repository 
_pdbx_audit_revision_details.type                'Initial release' 
_pdbx_audit_revision_details.description         ? 
_pdbx_audit_revision_details.details             ? 
# 
loop_
_pdbx_audit_revision_group.ordinal 
_pdbx_audit_revision_group.revision_ordinal 
_pdbx_audit_revision_group.data_content_type 
_pdbx_audit_revision_group.group 
1 2 'Structure model' 'Version format compliance' 
2 3 'Structure model' 'Version format compliance' 
3 4 'Structure model' 'Database references'       
4 4 'Structure model' 'Derived calculations'      
5 4 'Structure model' Other                       
6 5 'Structure model' 'Atomic model'              
7 5 'Structure model' 'Data collection'           
8 5 'Structure model' 'Derived calculations'      
9 6 'Structure model' 'Structure summary'         
# 
loop_
_pdbx_audit_revision_category.ordinal 
_pdbx_audit_revision_category.revision_ordinal 
_pdbx_audit_revision_category.data_content_type 
_pdbx_audit_revision_category.category 
1  4 'Structure model' database_2                
2  4 'Structure model' pdbx_database_status      
3  4 'Structure model' pdbx_struct_assembly      
4  4 'Structure model' pdbx_struct_oper_list     
5  4 'Structure model' struct_conn               
6  4 'Structure model' struct_ref_seq_dif        
7  5 'Structure model' atom_site                 
8  5 'Structure model' chem_comp_atom            
9  5 'Structure model' chem_comp_bond            
10 5 'Structure model' struct_conn               
11 6 'Structure model' pdbx_entry_details        
12 6 'Structure model' pdbx_modification_feature 
# 
loop_
_pdbx_audit_revision_item.ordinal 
_pdbx_audit_revision_item.revision_ordinal 
_pdbx_audit_revision_item.data_content_type 
_pdbx_audit_revision_item.item 
1  4 'Structure model' '_database_2.pdbx_DOI'                
2  4 'Structure model' '_database_2.pdbx_database_accession' 
3  4 'Structure model' '_pdbx_database_status.process_site'  
4  4 'Structure model' '_struct_conn.pdbx_leaving_atom_flag' 
5  4 'Structure model' '_struct_conn.ptnr1_auth_comp_id'     
6  4 'Structure model' '_struct_conn.ptnr1_auth_seq_id'      
7  4 'Structure model' '_struct_conn.ptnr1_label_atom_id'    
8  4 'Structure model' '_struct_conn.ptnr1_label_comp_id'    
9  4 'Structure model' '_struct_conn.ptnr1_label_seq_id'     
10 4 'Structure model' '_struct_conn.ptnr2_auth_comp_id'     
11 4 'Structure model' '_struct_conn.ptnr2_auth_seq_id'      
12 4 'Structure model' '_struct_conn.ptnr2_label_atom_id'    
13 4 'Structure model' '_struct_conn.ptnr2_label_comp_id'    
14 4 'Structure model' '_struct_conn.ptnr2_label_seq_id'     
15 4 'Structure model' '_struct_ref_seq_dif.details'         
16 5 'Structure model' '_atom_site.auth_atom_id'             
17 5 'Structure model' '_atom_site.label_atom_id'            
18 5 'Structure model' '_struct_conn.pdbx_leaving_atom_flag' 
19 5 'Structure model' '_struct_conn.ptnr1_label_atom_id'    
20 5 'Structure model' '_struct_conn.ptnr2_label_atom_id'    
# 
_pdbx_database_status.status_code                     REL 
_pdbx_database_status.entry_id                        1NLP 
_pdbx_database_status.recvd_initial_deposition_date   1996-08-04 
_pdbx_database_status.deposit_site                    ? 
_pdbx_database_status.process_site                    BNL 
_pdbx_database_status.SG_entry                        . 
_pdbx_database_status.pdb_format_compatible           Y 
_pdbx_database_status.status_code_mr                  ? 
_pdbx_database_status.status_code_sf                  ? 
_pdbx_database_status.status_code_cs                  ? 
_pdbx_database_status.status_code_nmr_data            ? 
_pdbx_database_status.methods_development_category    ? 
# 
loop_
_audit_author.name 
_audit_author.pdbx_ordinal 
'Feng, S.'        1 
'Kapoor, T.M.'    2 
'Shirai, F.'      3 
'Combs, A.P.'     4 
'Schreiber, S.L.' 5 
# 
loop_
_citation.id 
_citation.title 
_citation.journal_abbrev 
_citation.journal_volume 
_citation.page_first 
_citation.page_last 
_citation.year 
_citation.journal_id_ASTM 
_citation.country 
_citation.journal_id_ISSN 
_citation.journal_id_CSD 
_citation.book_publisher 
_citation.pdbx_database_id_PubMed 
_citation.pdbx_database_id_DOI 
primary 'Molecular basis for the binding of SH3 ligands with non-peptide elements identified by combinatorial synthesis.'         
Chem.Biol.              3   661   670 1996 CBOLE2 UK 1074-5521 2050 ? 8807900 '10.1016/S1074-5521(96)90134-9' 
1       'Protein Structure-Based Combinatorial Chemistry: Discovery of Non-Peptide Binding Elements to Src SH3 Domain'            
J.Am.Chem.Soc.          118 287   ?   1996 JACSAT US 0002-7863 0004 ? ?       ?                               
2       'Specific Interactions Outside the Proline-Rich Core of Two Classes of Src Homology 3 Ligands'                            
Proc.Natl.Acad.Sci.USA  92  12408 ?   1995 PNASA6 US 0027-8424 0040 ? ?       ?                               
3       'Structural Basis for the Binding of Proline-Rich Peptides to SH3 Domains'                                                
'Cell(Cambridge,Mass.)' 76  933   ?   1994 CELLB5 US 0092-8674 0998 ? ?       ?                               
4       'Two Binding Orientations for Peptides to the Src SH3 Domain: Development of a General Model for SH3-Ligand Interactions' 
Science                 266 1241  ?   1994 SCIEAS US 0036-8075 0038 ? ?       ?                               
5       'Solution Structure of the SH3 Domain of Src and Identification of its Ligand-Binding Site'                               
Science                 258 1665  ?   1992 SCIEAS US 0036-8075 0038 ? ?       ?                               
# 
loop_
_citation_author.citation_id 
_citation_author.name 
_citation_author.ordinal 
_citation_author.identifier_ORCID 
primary 'Feng, S.'         1  ? 
primary 'Kapoor, T.M.'     2  ? 
primary 'Shirai, F.'       3  ? 
primary 'Combs, A.P.'      4  ? 
primary 'Schreiber, S.L.'  5  ? 
1       'Combs, A.P.'      6  ? 
1       'Kapoor, T.M.'     7  ? 
1       'Feng, S.'         8  ? 
1       'Chen, J.K.'       9  ? 
1       'Daude-Snow, L.F.' 10 ? 
1       'Schreiber, S.L.'  11 ? 
2       'Feng, S.'         12 ? 
2       'Kasahara, C.'     13 ? 
2       'Rickles, R.J.'    14 ? 
2       'Schreiber, S.L.'  15 ? 
3       'Yu, H.'           16 ? 
3       'Chen, J.K.'       17 ? 
3       'Feng, S.'         18 ? 
3       'Dalgarno, D.C.'   19 ? 
3       'Brauer, A.W.'     20 ? 
3       'Schreiber, S.L.'  21 ? 
4       'Feng, S.'         22 ? 
4       'Chen, J.K.'       23 ? 
4       'Yu, H.'           24 ? 
4       'Simon, J.A.'      25 ? 
4       'Schreiber, S.L.'  26 ? 
5       'Yu, H.'           27 ? 
5       'Rosen, M.K.'      28 ? 
5       'Shin, T.B.'       29 ? 
5       'Seidel-Dugan, C.' 30 ? 
5       'Brugge, J.S.'     31 ? 
5       'Schreiber, S.L.'  32 ? 
# 
loop_
_entity.id 
_entity.type 
_entity.src_method 
_entity.pdbx_description 
_entity.formula_weight 
_entity.pdbx_number_of_molecules 
_entity.pdbx_ec 
_entity.pdbx_mutation 
_entity.pdbx_fragment 
_entity.details 
1 polymer man C-SRC                  7104.749 1 2.7.1.112 ? 'SH3 DOMAIN' ?                                          
2 polymer man 'NL2 (MN8-MN1-PLPPLP)' 1052.353 1 ?         ? ?            'LIGAND NL2 CONTAINS NON-PEPTIDE ELEMENTS' 
# 
loop_
_entity_poly.entity_id 
_entity_poly.type 
_entity_poly.nstd_linkage 
_entity_poly.nstd_monomer 
_entity_poly.pdbx_seq_one_letter_code 
_entity_poly.pdbx_seq_one_letter_code_can 
_entity_poly.pdbx_strand_id 
_entity_poly.pdbx_target_identifier 
1 'polypeptide(L)' no no  GSHMGGVTTFVALYDYESRTETDLSFKKGERLQIVNNTEGDWWLAHSLTTGQTGYIPSNYVAPS 
GSHMGGVTTFVALYDYESRTETDLSFKKGERLQIVNNTEGDWWLAHSLTTGQTGYIPSNYVAPS C ? 
2 'polypeptide(L)' no yes '(ACE)(MN8)(MN1)PLPPLP(NH2)'                                     XXXPLPPLPX N ? 
# 
loop_
_entity_poly_seq.entity_id 
_entity_poly_seq.num 
_entity_poly_seq.mon_id 
_entity_poly_seq.hetero 
1 1  GLY n 
1 2  SER n 
1 3  HIS n 
1 4  MET n 
1 5  GLY n 
1 6  GLY n 
1 7  VAL n 
1 8  THR n 
1 9  THR n 
1 10 PHE n 
1 11 VAL n 
1 12 ALA n 
1 13 LEU n 
1 14 TYR n 
1 15 ASP n 
1 16 TYR n 
1 17 GLU n 
1 18 SER n 
1 19 ARG n 
1 20 THR n 
1 21 GLU n 
1 22 THR n 
1 23 ASP n 
1 24 LEU n 
1 25 SER n 
1 26 PHE n 
1 27 LYS n 
1 28 LYS n 
1 29 GLY n 
1 30 GLU n 
1 31 ARG n 
1 32 LEU n 
1 33 GLN n 
1 34 ILE n 
1 35 VAL n 
1 36 ASN n 
1 37 ASN n 
1 38 THR n 
1 39 GLU n 
1 40 GLY n 
1 41 ASP n 
1 42 TRP n 
1 43 TRP n 
1 44 LEU n 
1 45 ALA n 
1 46 HIS n 
1 47 SER n 
1 48 LEU n 
1 49 THR n 
1 50 THR n 
1 51 GLY n 
1 52 GLN n 
1 53 THR n 
1 54 GLY n 
1 55 TYR n 
1 56 ILE n 
1 57 PRO n 
1 58 SER n 
1 59 ASN n 
1 60 TYR n 
1 61 VAL n 
1 62 ALA n 
1 63 PRO n 
1 64 SER n 
2 1  ACE n 
2 2  MN8 n 
2 3  MN1 n 
2 4  PRO n 
2 5  LEU n 
2 6  PRO n 
2 7  PRO n 
2 8  LEU n 
2 9  PRO n 
2 10 NH2 n 
# 
_entity_src_gen.entity_id                          1 
_entity_src_gen.pdbx_src_id                        1 
_entity_src_gen.pdbx_alt_source_flag               sample 
_entity_src_gen.pdbx_seq_type                      ? 
_entity_src_gen.pdbx_beg_seq_num                   ? 
_entity_src_gen.pdbx_end_seq_num                   ? 
_entity_src_gen.gene_src_common_name               chicken 
_entity_src_gen.gene_src_genus                     Gallus 
_entity_src_gen.pdbx_gene_src_gene                 CHICKEN 
_entity_src_gen.gene_src_species                   ? 
_entity_src_gen.gene_src_strain                    ? 
_entity_src_gen.gene_src_tissue                    ? 
_entity_src_gen.gene_src_tissue_fraction           ? 
_entity_src_gen.gene_src_details                   ? 
_entity_src_gen.pdbx_gene_src_fragment             ? 
_entity_src_gen.pdbx_gene_src_scientific_name      'Gallus gallus' 
_entity_src_gen.pdbx_gene_src_ncbi_taxonomy_id     9031 
_entity_src_gen.pdbx_gene_src_variant              ? 
_entity_src_gen.pdbx_gene_src_cell_line            ? 
_entity_src_gen.pdbx_gene_src_atcc                 ? 
_entity_src_gen.pdbx_gene_src_organ                ? 
_entity_src_gen.pdbx_gene_src_organelle            ? 
_entity_src_gen.pdbx_gene_src_cell                 ? 
_entity_src_gen.pdbx_gene_src_cellular_location    ? 
_entity_src_gen.host_org_common_name               ? 
_entity_src_gen.pdbx_host_org_scientific_name      GST-FUSION 
_entity_src_gen.pdbx_host_org_ncbi_taxonomy_id     ? 
_entity_src_gen.host_org_genus                     ? 
_entity_src_gen.pdbx_host_org_gene                 CHICKEN 
_entity_src_gen.pdbx_host_org_organ                ? 
_entity_src_gen.host_org_species                   ? 
_entity_src_gen.pdbx_host_org_tissue               ? 
_entity_src_gen.pdbx_host_org_tissue_fraction      ? 
_entity_src_gen.pdbx_host_org_strain               ? 
_entity_src_gen.pdbx_host_org_variant              ? 
_entity_src_gen.pdbx_host_org_cell_line            ? 
_entity_src_gen.pdbx_host_org_atcc                 ? 
_entity_src_gen.pdbx_host_org_culture_collection   ? 
_entity_src_gen.pdbx_host_org_cell                 ? 
_entity_src_gen.pdbx_host_org_organelle            ? 
_entity_src_gen.pdbx_host_org_cellular_location    ? 
_entity_src_gen.pdbx_host_org_vector_type          ? 
_entity_src_gen.pdbx_host_org_vector               ? 
_entity_src_gen.host_org_details                   ? 
_entity_src_gen.expression_system_id               ? 
_entity_src_gen.plasmid_name                       PGEX-2T 
_entity_src_gen.plasmid_details                    ? 
_entity_src_gen.pdbx_description                   ? 
# 
loop_
_chem_comp.id 
_chem_comp.type 
_chem_comp.mon_nstd_flag 
_chem_comp.name 
_chem_comp.pdbx_synonyms 
_chem_comp.formula 
_chem_comp.formula_weight 
ACE non-polymer         . 'ACETYL GROUP'                                      ? 'C2 H4 O'         44.053  
ALA 'L-peptide linking' y ALANINE                                             ? 'C3 H7 N O2'      89.093  
ARG 'L-peptide linking' y ARGININE                                            ? 'C6 H15 N4 O2 1'  175.209 
ASN 'L-peptide linking' y ASPARAGINE                                          ? 'C4 H8 N2 O3'     132.118 
ASP 'L-peptide linking' y 'ASPARTIC ACID'                                     ? 'C4 H7 N O4'      133.103 
GLN 'L-peptide linking' y GLUTAMINE                                           ? 'C5 H10 N2 O3'    146.144 
GLU 'L-peptide linking' y 'GLUTAMIC ACID'                                     ? 'C5 H9 N O4'      147.129 
GLY 'peptide linking'   y GLYCINE                                             ? 'C2 H5 N O2'      75.067  
HIS 'L-peptide linking' y HISTIDINE                                           ? 'C6 H10 N3 O2 1'  156.162 
ILE 'L-peptide linking' y ISOLEUCINE                                          ? 'C6 H13 N O2'     131.173 
LEU 'L-peptide linking' y LEUCINE                                             ? 'C6 H13 N O2'     131.173 
LYS 'L-peptide linking' y LYSINE                                              ? 'C6 H15 N2 O2 1'  147.195 
MET 'L-peptide linking' y METHIONINE                                          ? 'C5 H11 N O2 S'   149.211 
MN1 non-polymer         . 4-CARBOXYPIPERIDINE                                 ? 'C6 H11 N O2'     129.157 
MN8 non-polymer         . '2-(4-CARCOXY-5-ISOPROPYLTHIAZOLYL)BENZOPIPERIDINE' ? 'C16 H18 N2 O2 S' 302.391 
NH2 non-polymer         . 'AMINO GROUP'                                       ? 'H2 N'            16.023  
PHE 'L-peptide linking' y PHENYLALANINE                                       ? 'C9 H11 N O2'     165.189 
PRO 'L-peptide linking' y PROLINE                                             ? 'C5 H9 N O2'      115.130 
SER 'L-peptide linking' y SERINE                                              ? 'C3 H7 N O3'      105.093 
THR 'L-peptide linking' y THREONINE                                           ? 'C4 H9 N O3'      119.119 
TRP 'L-peptide linking' y TRYPTOPHAN                                          ? 'C11 H12 N2 O2'   204.225 
TYR 'L-peptide linking' y TYROSINE                                            ? 'C9 H11 N O3'     181.189 
VAL 'L-peptide linking' y VALINE                                              ? 'C5 H11 N O2'     117.146 
# 
loop_
_pdbx_poly_seq_scheme.asym_id 
_pdbx_poly_seq_scheme.entity_id 
_pdbx_poly_seq_scheme.seq_id 
_pdbx_poly_seq_scheme.mon_id 
_pdbx_poly_seq_scheme.ndb_seq_num 
_pdbx_poly_seq_scheme.pdb_seq_num 
_pdbx_poly_seq_scheme.auth_seq_num 
_pdbx_poly_seq_scheme.pdb_mon_id 
_pdbx_poly_seq_scheme.auth_mon_id 
_pdbx_poly_seq_scheme.pdb_strand_id 
_pdbx_poly_seq_scheme.pdb_ins_code 
_pdbx_poly_seq_scheme.hetero 
A 1 1  GLY 1  1  ?  ?   ?   C . n 
A 1 2  SER 2  2  ?  ?   ?   C . n 
A 1 3  HIS 3  3  ?  ?   ?   C . n 
A 1 4  MET 4  4  ?  ?   ?   C . n 
A 1 5  GLY 5  5  ?  ?   ?   C . n 
A 1 6  GLY 6  6  ?  ?   ?   C . n 
A 1 7  VAL 7  7  ?  ?   ?   C . n 
A 1 8  THR 8  8  ?  ?   ?   C . n 
A 1 9  THR 9  9  9  THR THR C . n 
A 1 10 PHE 10 10 10 PHE PHE C . n 
A 1 11 VAL 11 11 11 VAL VAL C . n 
A 1 12 ALA 12 12 12 ALA ALA C . n 
A 1 13 LEU 13 13 13 LEU LEU C . n 
A 1 14 TYR 14 14 14 TYR TYR C . n 
A 1 15 ASP 15 15 15 ASP ASP C . n 
A 1 16 TYR 16 16 16 TYR TYR C . n 
A 1 17 GLU 17 17 17 GLU GLU C . n 
A 1 18 SER 18 18 18 SER SER C . n 
A 1 19 ARG 19 19 19 ARG ARG C . n 
A 1 20 THR 20 20 20 THR THR C . n 
A 1 21 GLU 21 21 21 GLU GLU C . n 
A 1 22 THR 22 22 22 THR THR C . n 
A 1 23 ASP 23 23 23 ASP ASP C . n 
A 1 24 LEU 24 24 24 LEU LEU C . n 
A 1 25 SER 25 25 25 SER SER C . n 
A 1 26 PHE 26 26 26 PHE PHE C . n 
A 1 27 LYS 27 27 27 LYS LYS C . n 
A 1 28 LYS 28 28 28 LYS LYS C . n 
A 1 29 GLY 29 29 29 GLY GLY C . n 
A 1 30 GLU 30 30 30 GLU GLU C . n 
A 1 31 ARG 31 31 31 ARG ARG C . n 
A 1 32 LEU 32 32 32 LEU LEU C . n 
A 1 33 GLN 33 33 33 GLN GLN C . n 
A 1 34 ILE 34 34 34 ILE ILE C . n 
A 1 35 VAL 35 35 35 VAL VAL C . n 
A 1 36 ASN 36 36 36 ASN ASN C . n 
A 1 37 ASN 37 37 37 ASN ASN C . n 
A 1 38 THR 38 38 38 THR THR C . n 
A 1 39 GLU 39 39 39 GLU GLU C . n 
A 1 40 GLY 40 40 40 GLY GLY C . n 
A 1 41 ASP 41 41 41 ASP ASP C . n 
A 1 42 TRP 42 42 42 TRP TRP C . n 
A 1 43 TRP 43 43 43 TRP TRP C . n 
A 1 44 LEU 44 44 44 LEU LEU C . n 
A 1 45 ALA 45 45 45 ALA ALA C . n 
A 1 46 HIS 46 46 46 HIS HIS C . n 
A 1 47 SER 47 47 47 SER SER C . n 
A 1 48 LEU 48 48 48 LEU LEU C . n 
A 1 49 THR 49 49 49 THR THR C . n 
A 1 50 THR 50 50 50 THR THR C . n 
A 1 51 GLY 51 51 51 GLY GLY C . n 
A 1 52 GLN 52 52 52 GLN GLN C . n 
A 1 53 THR 53 53 53 THR THR C . n 
A 1 54 GLY 54 54 54 GLY GLY C . n 
A 1 55 TYR 55 55 55 TYR TYR C . n 
A 1 56 ILE 56 56 56 ILE ILE C . n 
A 1 57 PRO 57 57 57 PRO PRO C . n 
A 1 58 SER 58 58 58 SER SER C . n 
A 1 59 ASN 59 59 59 ASN ASN C . n 
A 1 60 TYR 60 60 60 TYR TYR C . n 
A 1 61 VAL 61 61 61 VAL VAL C . n 
A 1 62 ALA 62 62 62 ALA ALA C . n 
A 1 63 PRO 63 63 63 PRO PRO C . n 
A 1 64 SER 64 64 64 SER SER C . n 
B 2 1  ACE 1  72 72 ACE ACE N . n 
B 2 2  MN8 2  73 73 MN8 MN8 N . n 
B 2 3  MN1 3  74 74 MN1 MN1 N . n 
B 2 4  PRO 4  75 75 PRO PRO N . n 
B 2 5  LEU 5  76 76 LEU LEU N . n 
B 2 6  PRO 6  77 77 PRO PRO N . n 
B 2 7  PRO 7  78 78 PRO PRO N . n 
B 2 8  LEU 8  79 79 LEU LEU N . n 
B 2 9  PRO 9  80 80 PRO PRO N . n 
B 2 10 NH2 10 81 81 NH2 NH2 N . n 
# 
loop_
_software.name 
_software.classification 
_software.version 
_software.citation_id 
_software.pdbx_ordinal 
X-PLOR 'model building' 3.1 ? 1 
X-PLOR refinement       3.1 ? 2 
X-PLOR phasing          3.1 ? 3 
# 
_cell.entry_id           1NLP 
_cell.length_a           1.000 
_cell.length_b           1.000 
_cell.length_c           1.000 
_cell.angle_alpha        90.00 
_cell.angle_beta         90.00 
_cell.angle_gamma        90.00 
_cell.Z_PDB              1 
_cell.pdbx_unique_axis   ? 
# 
_symmetry.entry_id                         1NLP 
_symmetry.space_group_name_H-M             'P 1' 
_symmetry.pdbx_full_space_group_name_H-M   ? 
_symmetry.cell_setting                     ? 
_symmetry.Int_Tables_number                1 
# 
_exptl.entry_id          1NLP 
_exptl.method            'SOLUTION NMR' 
_exptl.crystals_number   ? 
# 
_struct.entry_id                  1NLP 
_struct.title                     'STRUCTURE OF SIGNAL TRANSDUCTION PROTEIN, NMR, MINIMIZED AVERAGE STRUCTURE' 
_struct.pdbx_model_details        ? 
_struct.pdbx_CASP_flag            ? 
_struct.pdbx_model_type_details   ? 
# 
_struct_keywords.entry_id        1NLP 
_struct_keywords.pdbx_keywords   'COMPLEX (TRANSFERASE/PEPTIDE)' 
_struct_keywords.text            
'SRC, SH3 DOMAIN, LIGANDS, NON-PEPTIDE ELEMENTS, COMPLEX (TRANSFERASE-PEPTIDE), COMPLEX (TRANSFERASE-PEPTIDE) complex' 
# 
loop_
_struct_asym.id 
_struct_asym.pdbx_blank_PDB_chainid_flag 
_struct_asym.pdbx_modified 
_struct_asym.entity_id 
_struct_asym.details 
A N N 1 ? 
B N N 2 ? 
# 
loop_
_struct_ref.id 
_struct_ref.db_name 
_struct_ref.db_code 
_struct_ref.entity_id 
_struct_ref.pdbx_db_accession 
_struct_ref.pdbx_align_begin 
_struct_ref.pdbx_seq_one_letter_code 
_struct_ref.pdbx_db_isoform 
1 UNP SRC_AVISR 1 P00525 1 
;MGSSKSKPKDPSQRRCSLEPPDSTHHGGFPASQTPNKTAAPDTHRTPSRSFGTVATEPKLFGGFNTSDTVTSPQRAGALA
GGVTTFVALYDYESRTETDLSFKKGERLQIVNNTEGDWWLAHSLTTGQTGYIPSNYVAPSDSIQAEEWYFGKITRRESER
LLLNPENPRGTFLVRESETTKGAYCLSVSDFDNAKGLNVKHYKIRKLDSGGFYITSRTQFSSLQQLVAYYSKHADGLCHR
LTNVCPTSKPQTQGLAKDAWEIPRESLRLEVKLGQGCFGEVWMGTWNGTTRVAIKTLKPGTMSPEAFLQEAQVMKKLRHE
KLVQLYAVVSEEPIYIVTEYMSKGSLLDFLKGEMGKYLRLPQLVDMAAQIASGMAYVERMNYVHRDLRAANILVGENLVC
KVADFGLARLIEDNEYTARQGAKFPIKWTAPEAALYGRFTIKSDVWSFGILLTELTTKGRVPYPGMGNGEVLDRVERGYR
MPCPPECPESLHDLMCQCWRRDPEERPTFEYLQAQLLPACVLEVAE
;
? 
2 PDB 1NLP      2 1NLP   ? ? ? 
# 
loop_
_struct_ref_seq.align_id 
_struct_ref_seq.ref_id 
_struct_ref_seq.pdbx_PDB_id_code 
_struct_ref_seq.pdbx_strand_id 
_struct_ref_seq.seq_align_beg 
_struct_ref_seq.pdbx_seq_align_beg_ins_code 
_struct_ref_seq.seq_align_end 
_struct_ref_seq.pdbx_seq_align_end_ins_code 
_struct_ref_seq.pdbx_db_accession 
_struct_ref_seq.db_align_beg 
_struct_ref_seq.pdbx_db_align_beg_ins_code 
_struct_ref_seq.db_align_end 
_struct_ref_seq.pdbx_db_align_end_ins_code 
_struct_ref_seq.pdbx_auth_seq_align_beg 
_struct_ref_seq.pdbx_auth_seq_align_end 
1 1 1NLP C 1 ? 64 ? P00525 77 ? 140 ? 1  64 
2 2 1NLP N 1 ? 10 ? 1NLP   72 ? 81  ? 72 81 
# 
loop_
_struct_ref_seq_dif.align_id 
_struct_ref_seq_dif.pdbx_pdb_id_code 
_struct_ref_seq_dif.mon_id 
_struct_ref_seq_dif.pdbx_pdb_strand_id 
_struct_ref_seq_dif.seq_num 
_struct_ref_seq_dif.pdbx_pdb_ins_code 
_struct_ref_seq_dif.pdbx_seq_db_name 
_struct_ref_seq_dif.pdbx_seq_db_accession_code 
_struct_ref_seq_dif.db_mon_id 
_struct_ref_seq_dif.pdbx_seq_db_seq_num 
_struct_ref_seq_dif.details 
_struct_ref_seq_dif.pdbx_auth_seq_num 
_struct_ref_seq_dif.pdbx_ordinal 
1 1NLP SER C 2 ? UNP P00525 ALA 78 conflict 2 1 
1 1NLP HIS C 3 ? UNP P00525 LEU 79 conflict 3 2 
1 1NLP MET C 4 ? UNP P00525 ALA 80 conflict 4 3 
# 
_pdbx_struct_assembly.id                   1 
_pdbx_struct_assembly.details              author_defined_assembly 
_pdbx_struct_assembly.method_details       ? 
_pdbx_struct_assembly.oligomeric_details   dimeric 
_pdbx_struct_assembly.oligomeric_count     2 
# 
_pdbx_struct_assembly_gen.assembly_id       1 
_pdbx_struct_assembly_gen.oper_expression   1 
_pdbx_struct_assembly_gen.asym_id_list      A,B 
# 
_pdbx_struct_oper_list.id                   1 
_pdbx_struct_oper_list.type                 'identity operation' 
_pdbx_struct_oper_list.name                 1_555 
_pdbx_struct_oper_list.symmetry_operation   x,y,z 
_pdbx_struct_oper_list.matrix[1][1]         1.0000000000 
_pdbx_struct_oper_list.matrix[1][2]         0.0000000000 
_pdbx_struct_oper_list.matrix[1][3]         0.0000000000 
_pdbx_struct_oper_list.vector[1]            0.0000000000 
_pdbx_struct_oper_list.matrix[2][1]         0.0000000000 
_pdbx_struct_oper_list.matrix[2][2]         1.0000000000 
_pdbx_struct_oper_list.matrix[2][3]         0.0000000000 
_pdbx_struct_oper_list.vector[2]            0.0000000000 
_pdbx_struct_oper_list.matrix[3][1]         0.0000000000 
_pdbx_struct_oper_list.matrix[3][2]         0.0000000000 
_pdbx_struct_oper_list.matrix[3][3]         1.0000000000 
_pdbx_struct_oper_list.vector[3]            0.0000000000 
# 
_struct_biol.id   1 
# 
_struct_conf.conf_type_id            HELX_P 
_struct_conf.id                      HELX_P1 
_struct_conf.pdbx_PDB_helix_id       1 
_struct_conf.beg_label_comp_id       SER 
_struct_conf.beg_label_asym_id       A 
_struct_conf.beg_label_seq_id        58 
_struct_conf.pdbx_beg_PDB_ins_code   ? 
_struct_conf.end_label_comp_id       TYR 
_struct_conf.end_label_asym_id       A 
_struct_conf.end_label_seq_id        60 
_struct_conf.pdbx_end_PDB_ins_code   ? 
_struct_conf.beg_auth_comp_id        SER 
_struct_conf.beg_auth_asym_id        C 
_struct_conf.beg_auth_seq_id         58 
_struct_conf.end_auth_comp_id        TYR 
_struct_conf.end_auth_asym_id        C 
_struct_conf.end_auth_seq_id         60 
_struct_conf.pdbx_PDB_helix_class    5 
_struct_conf.details                 ? 
_struct_conf.pdbx_PDB_helix_length   3 
# 
_struct_conf_type.id          HELX_P 
_struct_conf_type.criteria    ? 
_struct_conf_type.reference   ? 
# 
loop_
_struct_conn.id 
_struct_conn.conn_type_id 
_struct_conn.pdbx_leaving_atom_flag 
_struct_conn.pdbx_PDB_id 
_struct_conn.ptnr1_label_asym_id 
_struct_conn.ptnr1_label_comp_id 
_struct_conn.ptnr1_label_seq_id 
_struct_conn.ptnr1_label_atom_id 
_struct_conn.pdbx_ptnr1_label_alt_id 
_struct_conn.pdbx_ptnr1_PDB_ins_code 
_struct_conn.pdbx_ptnr1_standard_comp_id 
_struct_conn.ptnr1_symmetry 
_struct_conn.ptnr2_label_asym_id 
_struct_conn.ptnr2_label_comp_id 
_struct_conn.ptnr2_label_seq_id 
_struct_conn.ptnr2_label_atom_id 
_struct_conn.pdbx_ptnr2_label_alt_id 
_struct_conn.pdbx_ptnr2_PDB_ins_code 
_struct_conn.ptnr1_auth_asym_id 
_struct_conn.ptnr1_auth_comp_id 
_struct_conn.ptnr1_auth_seq_id 
_struct_conn.ptnr2_auth_asym_id 
_struct_conn.ptnr2_auth_comp_id 
_struct_conn.ptnr2_auth_seq_id 
_struct_conn.ptnr2_symmetry 
_struct_conn.pdbx_ptnr3_label_atom_id 
_struct_conn.pdbx_ptnr3_label_seq_id 
_struct_conn.pdbx_ptnr3_label_comp_id 
_struct_conn.pdbx_ptnr3_label_asym_id 
_struct_conn.pdbx_ptnr3_label_alt_id 
_struct_conn.pdbx_ptnr3_PDB_ins_code 
_struct_conn.details 
_struct_conn.pdbx_dist_value 
_struct_conn.pdbx_value_order 
_struct_conn.pdbx_role 
covale1 covale both ? B ACE 1 C ? ? ? 1_555 B MN8 2  N ? ? N ACE 72 N MN8 73 1_555 ? ? ? ? ? ? ? 1.313 ? ? 
covale2 covale both ? B MN8 2 C ? ? ? 1_555 B MN1 3  N ? ? N MN8 73 N MN1 74 1_555 ? ? ? ? ? ? ? 1.318 ? ? 
covale3 covale both ? B MN1 3 C ? ? ? 1_555 B PRO 4  N ? ? N MN1 74 N PRO 75 1_555 ? ? ? ? ? ? ? 1.310 ? ? 
covale4 covale both ? B PRO 9 C ? ? ? 1_555 B NH2 10 N ? ? N PRO 80 N NH2 81 1_555 ? ? ? ? ? ? ? 1.305 ? ? 
# 
_struct_conn_type.id          covale 
_struct_conn_type.criteria    ? 
_struct_conn_type.reference   ? 
# 
loop_
_pdbx_modification_feature.ordinal 
_pdbx_modification_feature.label_comp_id 
_pdbx_modification_feature.label_asym_id 
_pdbx_modification_feature.label_seq_id 
_pdbx_modification_feature.label_alt_id 
_pdbx_modification_feature.modified_residue_label_comp_id 
_pdbx_modification_feature.modified_residue_label_asym_id 
_pdbx_modification_feature.modified_residue_label_seq_id 
_pdbx_modification_feature.modified_residue_label_alt_id 
_pdbx_modification_feature.auth_comp_id 
_pdbx_modification_feature.auth_asym_id 
_pdbx_modification_feature.auth_seq_id 
_pdbx_modification_feature.PDB_ins_code 
_pdbx_modification_feature.symmetry 
_pdbx_modification_feature.modified_residue_auth_comp_id 
_pdbx_modification_feature.modified_residue_auth_asym_id 
_pdbx_modification_feature.modified_residue_auth_seq_id 
_pdbx_modification_feature.modified_residue_PDB_ins_code 
_pdbx_modification_feature.modified_residue_symmetry 
_pdbx_modification_feature.comp_id_linking_atom 
_pdbx_modification_feature.modified_residue_id_linking_atom 
_pdbx_modification_feature.modified_residue_id 
_pdbx_modification_feature.ref_pcm_id 
_pdbx_modification_feature.ref_comp_id 
_pdbx_modification_feature.type 
_pdbx_modification_feature.category 
1 MN8 B 2  ? .   . . . MN8 N 73 ? 1_555 .   . .  . .     . . ?   1  MN8 None 'Non-standard residue' 
2 MN1 B 3  ? .   . . . MN1 N 74 ? 1_555 .   . .  . .     . . ?   1  MN1 None 'Non-standard residue' 
3 ACE B 1  ? MN8 B 2 ? ACE N 72 ? 1_555 MN8 N 73 ? 1_555 . . MN8 42 ACE None 'Terminal acetylation' 
4 NH2 B 10 ? PRO B 9 ? NH2 N 81 ? 1_555 PRO N 80 ? 1_555 . . PRO 13 NH2 None 'Terminal amidation'   
# 
_struct_sheet.id               A 
_struct_sheet.type             ? 
_struct_sheet.number_strands   3 
_struct_sheet.details          ? 
# 
loop_
_struct_sheet_order.sheet_id 
_struct_sheet_order.range_id_1 
_struct_sheet_order.range_id_2 
_struct_sheet_order.offset 
_struct_sheet_order.sense 
A 1 2 ? anti-parallel 
A 2 3 ? anti-parallel 
# 
loop_
_struct_sheet_range.sheet_id 
_struct_sheet_range.id 
_struct_sheet_range.beg_label_comp_id 
_struct_sheet_range.beg_label_asym_id 
_struct_sheet_range.beg_label_seq_id 
_struct_sheet_range.pdbx_beg_PDB_ins_code 
_struct_sheet_range.end_label_comp_id 
_struct_sheet_range.end_label_asym_id 
_struct_sheet_range.end_label_seq_id 
_struct_sheet_range.pdbx_end_PDB_ins_code 
_struct_sheet_range.beg_auth_comp_id 
_struct_sheet_range.beg_auth_asym_id 
_struct_sheet_range.beg_auth_seq_id 
_struct_sheet_range.end_auth_comp_id 
_struct_sheet_range.end_auth_asym_id 
_struct_sheet_range.end_auth_seq_id 
A 1 GLN A 52 ? PRO A 57 ? GLN C 52 PRO C 57 
A 2 TRP A 42 ? SER A 47 ? TRP C 42 SER C 47 
A 3 LEU A 32 ? ASN A 36 ? LEU C 32 ASN C 36 
# 
loop_
_pdbx_struct_sheet_hbond.sheet_id 
_pdbx_struct_sheet_hbond.range_id_1 
_pdbx_struct_sheet_hbond.range_id_2 
_pdbx_struct_sheet_hbond.range_1_label_atom_id 
_pdbx_struct_sheet_hbond.range_1_label_comp_id 
_pdbx_struct_sheet_hbond.range_1_label_asym_id 
_pdbx_struct_sheet_hbond.range_1_label_seq_id 
_pdbx_struct_sheet_hbond.range_1_PDB_ins_code 
_pdbx_struct_sheet_hbond.range_1_auth_atom_id 
_pdbx_struct_sheet_hbond.range_1_auth_comp_id 
_pdbx_struct_sheet_hbond.range_1_auth_asym_id 
_pdbx_struct_sheet_hbond.range_1_auth_seq_id 
_pdbx_struct_sheet_hbond.range_2_label_atom_id 
_pdbx_struct_sheet_hbond.range_2_label_comp_id 
_pdbx_struct_sheet_hbond.range_2_label_asym_id 
_pdbx_struct_sheet_hbond.range_2_label_seq_id 
_pdbx_struct_sheet_hbond.range_2_PDB_ins_code 
_pdbx_struct_sheet_hbond.range_2_auth_atom_id 
_pdbx_struct_sheet_hbond.range_2_auth_comp_id 
_pdbx_struct_sheet_hbond.range_2_auth_asym_id 
_pdbx_struct_sheet_hbond.range_2_auth_seq_id 
A 1 2 O GLN A 52 ? O GLN C 52 N SER A 47 ? N SER C 47 
A 2 3 O LEU A 44 ? O LEU C 44 N ASN A 36 ? N ASN C 36 
# 
_pdbx_entry_details.entry_id                   1NLP 
_pdbx_entry_details.compound_details           ? 
_pdbx_entry_details.source_details             ? 
_pdbx_entry_details.nonpolymer_details         ? 
_pdbx_entry_details.sequence_details           ? 
_pdbx_entry_details.has_ligand_of_interest     ? 
_pdbx_entry_details.has_protein_modification   Y 
# 
loop_
_pdbx_validate_torsion.id 
_pdbx_validate_torsion.PDB_model_num 
_pdbx_validate_torsion.auth_comp_id 
_pdbx_validate_torsion.auth_asym_id 
_pdbx_validate_torsion.auth_seq_id 
_pdbx_validate_torsion.PDB_ins_code 
_pdbx_validate_torsion.label_alt_id 
_pdbx_validate_torsion.phi 
_pdbx_validate_torsion.psi 
1 1 LEU C 13 ? ? -38.76  -31.34 
2 1 VAL C 35 ? ? -113.38 -74.78 
3 1 TYR C 55 ? ? -50.15  174.75 
4 1 LEU N 79 ? ? -43.00  150.85 
# 
_pdbx_nmr_ensemble.entry_id                             1NLP 
_pdbx_nmr_ensemble.conformers_calculated_total_number   ? 
_pdbx_nmr_ensemble.conformers_submitted_total_number    1 
_pdbx_nmr_ensemble.conformer_selection_criteria         'MINIMIZED AVERAGE' 
# 
_pdbx_nmr_software.classification   refinement 
_pdbx_nmr_software.name             X-PLOR 
_pdbx_nmr_software.version          3.1 
_pdbx_nmr_software.authors          BRUNGER 
_pdbx_nmr_software.ordinal          1 
# 
loop_
_pdbx_unobs_or_zero_occ_residues.id 
_pdbx_unobs_or_zero_occ_residues.PDB_model_num 
_pdbx_unobs_or_zero_occ_residues.polymer_flag 
_pdbx_unobs_or_zero_occ_residues.occupancy_flag 
_pdbx_unobs_or_zero_occ_residues.auth_asym_id 
_pdbx_unobs_or_zero_occ_residues.auth_comp_id 
_pdbx_unobs_or_zero_occ_residues.auth_seq_id 
_pdbx_unobs_or_zero_occ_residues.PDB_ins_code 
_pdbx_unobs_or_zero_occ_residues.label_asym_id 
_pdbx_unobs_or_zero_occ_residues.label_comp_id 
_pdbx_unobs_or_zero_occ_residues.label_seq_id 
1 1 Y 1 C GLY 1 ? A GLY 1 
2 1 Y 1 C SER 2 ? A SER 2 
3 1 Y 1 C HIS 3 ? A HIS 3 
4 1 Y 1 C MET 4 ? A MET 4 
5 1 Y 1 C GLY 5 ? A GLY 5 
6 1 Y 1 C GLY 6 ? A GLY 6 
7 1 Y 1 C VAL 7 ? A VAL 7 
8 1 Y 1 C THR 8 ? A THR 8 
# 
loop_
_chem_comp_atom.comp_id 
_chem_comp_atom.atom_id 
_chem_comp_atom.type_symbol 
_chem_comp_atom.pdbx_aromatic_flag 
_chem_comp_atom.pdbx_stereo_config 
_chem_comp_atom.pdbx_ordinal 
ACE C    C N N 1   
ACE O    O N N 2   
ACE CH3  C N N 3   
ACE H    H N N 4   
ACE H1   H N N 5   
ACE H2   H N N 6   
ACE H3   H N N 7   
ALA N    N N N 8   
ALA CA   C N S 9   
ALA C    C N N 10  
ALA O    O N N 11  
ALA CB   C N N 12  
ALA OXT  O N N 13  
ALA H    H N N 14  
ALA H2   H N N 15  
ALA HA   H N N 16  
ALA HB1  H N N 17  
ALA HB2  H N N 18  
ALA HB3  H N N 19  
ALA HXT  H N N 20  
ARG N    N N N 21  
ARG CA   C N S 22  
ARG C    C N N 23  
ARG O    O N N 24  
ARG CB   C N N 25  
ARG CG   C N N 26  
ARG CD   C N N 27  
ARG NE   N N N 28  
ARG CZ   C N N 29  
ARG NH1  N N N 30  
ARG NH2  N N N 31  
ARG OXT  O N N 32  
ARG H    H N N 33  
ARG H2   H N N 34  
ARG HA   H N N 35  
ARG HB2  H N N 36  
ARG HB3  H N N 37  
ARG HG2  H N N 38  
ARG HG3  H N N 39  
ARG HD2  H N N 40  
ARG HD3  H N N 41  
ARG HE   H N N 42  
ARG HH11 H N N 43  
ARG HH12 H N N 44  
ARG HH21 H N N 45  
ARG HH22 H N N 46  
ARG HXT  H N N 47  
ASN N    N N N 48  
ASN CA   C N S 49  
ASN C    C N N 50  
ASN O    O N N 51  
ASN CB   C N N 52  
ASN CG   C N N 53  
ASN OD1  O N N 54  
ASN ND2  N N N 55  
ASN OXT  O N N 56  
ASN H    H N N 57  
ASN H2   H N N 58  
ASN HA   H N N 59  
ASN HB2  H N N 60  
ASN HB3  H N N 61  
ASN HD21 H N N 62  
ASN HD22 H N N 63  
ASN HXT  H N N 64  
ASP N    N N N 65  
ASP CA   C N S 66  
ASP C    C N N 67  
ASP O    O N N 68  
ASP CB   C N N 69  
ASP CG   C N N 70  
ASP OD1  O N N 71  
ASP OD2  O N N 72  
ASP OXT  O N N 73  
ASP H    H N N 74  
ASP H2   H N N 75  
ASP HA   H N N 76  
ASP HB2  H N N 77  
ASP HB3  H N N 78  
ASP HD2  H N N 79  
ASP HXT  H N N 80  
GLN N    N N N 81  
GLN CA   C N S 82  
GLN C    C N N 83  
GLN O    O N N 84  
GLN CB   C N N 85  
GLN CG   C N N 86  
GLN CD   C N N 87  
GLN OE1  O N N 88  
GLN NE2  N N N 89  
GLN OXT  O N N 90  
GLN H    H N N 91  
GLN H2   H N N 92  
GLN HA   H N N 93  
GLN HB2  H N N 94  
GLN HB3  H N N 95  
GLN HG2  H N N 96  
GLN HG3  H N N 97  
GLN HE21 H N N 98  
GLN HE22 H N N 99  
GLN HXT  H N N 100 
GLU N    N N N 101 
GLU CA   C N S 102 
GLU C    C N N 103 
GLU O    O N N 104 
GLU CB   C N N 105 
GLU CG   C N N 106 
GLU CD   C N N 107 
GLU OE1  O N N 108 
GLU OE2  O N N 109 
GLU OXT  O N N 110 
GLU H    H N N 111 
GLU H2   H N N 112 
GLU HA   H N N 113 
GLU HB2  H N N 114 
GLU HB3  H N N 115 
GLU HG2  H N N 116 
GLU HG3  H N N 117 
GLU HE2  H N N 118 
GLU HXT  H N N 119 
GLY N    N N N 120 
GLY CA   C N N 121 
GLY C    C N N 122 
GLY O    O N N 123 
GLY OXT  O N N 124 
GLY H    H N N 125 
GLY H2   H N N 126 
GLY HA2  H N N 127 
GLY HA3  H N N 128 
GLY HXT  H N N 129 
HIS N    N N N 130 
HIS CA   C N S 131 
HIS C    C N N 132 
HIS O    O N N 133 
HIS CB   C N N 134 
HIS CG   C Y N 135 
HIS ND1  N Y N 136 
HIS CD2  C Y N 137 
HIS CE1  C Y N 138 
HIS NE2  N Y N 139 
HIS OXT  O N N 140 
HIS H    H N N 141 
HIS H2   H N N 142 
HIS HA   H N N 143 
HIS HB2  H N N 144 
HIS HB3  H N N 145 
HIS HD1  H N N 146 
HIS HD2  H N N 147 
HIS HE1  H N N 148 
HIS HE2  H N N 149 
HIS HXT  H N N 150 
ILE N    N N N 151 
ILE CA   C N S 152 
ILE C    C N N 153 
ILE O    O N N 154 
ILE CB   C N S 155 
ILE CG1  C N N 156 
ILE CG2  C N N 157 
ILE CD1  C N N 158 
ILE OXT  O N N 159 
ILE H    H N N 160 
ILE H2   H N N 161 
ILE HA   H N N 162 
ILE HB   H N N 163 
ILE HG12 H N N 164 
ILE HG13 H N N 165 
ILE HG21 H N N 166 
ILE HG22 H N N 167 
ILE HG23 H N N 168 
ILE HD11 H N N 169 
ILE HD12 H N N 170 
ILE HD13 H N N 171 
ILE HXT  H N N 172 
LEU N    N N N 173 
LEU CA   C N S 174 
LEU C    C N N 175 
LEU O    O N N 176 
LEU CB   C N N 177 
LEU CG   C N N 178 
LEU CD1  C N N 179 
LEU CD2  C N N 180 
LEU OXT  O N N 181 
LEU H    H N N 182 
LEU H2   H N N 183 
LEU HA   H N N 184 
LEU HB2  H N N 185 
LEU HB3  H N N 186 
LEU HG   H N N 187 
LEU HD11 H N N 188 
LEU HD12 H N N 189 
LEU HD13 H N N 190 
LEU HD21 H N N 191 
LEU HD22 H N N 192 
LEU HD23 H N N 193 
LEU HXT  H N N 194 
LYS N    N N N 195 
LYS CA   C N S 196 
LYS C    C N N 197 
LYS O    O N N 198 
LYS CB   C N N 199 
LYS CG   C N N 200 
LYS CD   C N N 201 
LYS CE   C N N 202 
LYS NZ   N N N 203 
LYS OXT  O N N 204 
LYS H    H N N 205 
LYS H2   H N N 206 
LYS HA   H N N 207 
LYS HB2  H N N 208 
LYS HB3  H N N 209 
LYS HG2  H N N 210 
LYS HG3  H N N 211 
LYS HD2  H N N 212 
LYS HD3  H N N 213 
LYS HE2  H N N 214 
LYS HE3  H N N 215 
LYS HZ1  H N N 216 
LYS HZ2  H N N 217 
LYS HZ3  H N N 218 
LYS HXT  H N N 219 
MET N    N N N 220 
MET CA   C N S 221 
MET C    C N N 222 
MET O    O N N 223 
MET CB   C N N 224 
MET CG   C N N 225 
MET SD   S N N 226 
MET CE   C N N 227 
MET OXT  O N N 228 
MET H    H N N 229 
MET H2   H N N 230 
MET HA   H N N 231 
MET HB2  H N N 232 
MET HB3  H N N 233 
MET HG2  H N N 234 
MET HG3  H N N 235 
MET HE1  H N N 236 
MET HE2  H N N 237 
MET HE3  H N N 238 
MET HXT  H N N 239 
MN1 N    N N N 240 
MN1 C2   C N N 241 
MN1 C3   C N N 242 
MN1 C4   C N N 243 
MN1 C    C N N 244 
MN1 O    O N N 245 
MN1 OXT  O N N 246 
MN1 C5   C N N 247 
MN1 C6   C N N 248 
MN1 H    H N N 249 
MN1 H21  H N N 250 
MN1 H22  H N N 251 
MN1 H31  H N N 252 
MN1 H32  H N N 253 
MN1 H4   H N N 254 
MN1 HXT  H N N 255 
MN1 H51  H N N 256 
MN1 H52  H N N 257 
MN1 H61  H N N 258 
MN1 H62  H N N 259 
MN8 C    C N N 260 
MN8 O    O N N 261 
MN8 OXT  O N N 262 
MN8 CA   C Y N 263 
MN8 C3   C Y N 264 
MN8 C4   C N N 265 
MN8 C5   C N N 266 
MN8 C6   C N N 267 
MN8 S7   S Y N 268 
MN8 C8   C Y N 269 
MN8 N9   N Y N 270 
MN8 CA2  C N S 271 
MN8 N    N N N 272 
MN8 C12  C N N 273 
MN8 C13  C Y N 274 
MN8 C14  C Y N 275 
MN8 C15  C N N 276 
MN8 C16  C Y N 277 
MN8 C17  C Y N 278 
MN8 C18  C Y N 279 
MN8 C19  C Y N 280 
MN8 HXT  H N N 281 
MN8 H4   H N N 282 
MN8 H51  H N N 283 
MN8 H52  H N N 284 
MN8 H53  H N N 285 
MN8 H61  H N N 286 
MN8 H62  H N N 287 
MN8 H63  H N N 288 
MN8 HA2  H N N 289 
MN8 H    H N N 290 
MN8 H121 H N N 291 
MN8 H122 H N N 292 
MN8 H151 H N N 293 
MN8 H152 H N N 294 
MN8 H16  H N N 295 
MN8 H17  H N N 296 
MN8 H18  H N N 297 
MN8 H19  H N N 298 
NH2 N    N N N 299 
NH2 HN1  H N N 300 
NH2 HN2  H N N 301 
PHE N    N N N 302 
PHE CA   C N S 303 
PHE C    C N N 304 
PHE O    O N N 305 
PHE CB   C N N 306 
PHE CG   C Y N 307 
PHE CD1  C Y N 308 
PHE CD2  C Y N 309 
PHE CE1  C Y N 310 
PHE CE2  C Y N 311 
PHE CZ   C Y N 312 
PHE OXT  O N N 313 
PHE H    H N N 314 
PHE H2   H N N 315 
PHE HA   H N N 316 
PHE HB2  H N N 317 
PHE HB3  H N N 318 
PHE HD1  H N N 319 
PHE HD2  H N N 320 
PHE HE1  H N N 321 
PHE HE2  H N N 322 
PHE HZ   H N N 323 
PHE HXT  H N N 324 
PRO N    N N N 325 
PRO CA   C N S 326 
PRO C    C N N 327 
PRO O    O N N 328 
PRO CB   C N N 329 
PRO CG   C N N 330 
PRO CD   C N N 331 
PRO OXT  O N N 332 
PRO H    H N N 333 
PRO HA   H N N 334 
PRO HB2  H N N 335 
PRO HB3  H N N 336 
PRO HG2  H N N 337 
PRO HG3  H N N 338 
PRO HD2  H N N 339 
PRO HD3  H N N 340 
PRO HXT  H N N 341 
SER N    N N N 342 
SER CA   C N S 343 
SER C    C N N 344 
SER O    O N N 345 
SER CB   C N N 346 
SER OG   O N N 347 
SER OXT  O N N 348 
SER H    H N N 349 
SER H2   H N N 350 
SER HA   H N N 351 
SER HB2  H N N 352 
SER HB3  H N N 353 
SER HG   H N N 354 
SER HXT  H N N 355 
THR N    N N N 356 
THR CA   C N S 357 
THR C    C N N 358 
THR O    O N N 359 
THR CB   C N R 360 
THR OG1  O N N 361 
THR CG2  C N N 362 
THR OXT  O N N 363 
THR H    H N N 364 
THR H2   H N N 365 
THR HA   H N N 366 
THR HB   H N N 367 
THR HG1  H N N 368 
THR HG21 H N N 369 
THR HG22 H N N 370 
THR HG23 H N N 371 
THR HXT  H N N 372 
TRP N    N N N 373 
TRP CA   C N S 374 
TRP C    C N N 375 
TRP O    O N N 376 
TRP CB   C N N 377 
TRP CG   C Y N 378 
TRP CD1  C Y N 379 
TRP CD2  C Y N 380 
TRP NE1  N Y N 381 
TRP CE2  C Y N 382 
TRP CE3  C Y N 383 
TRP CZ2  C Y N 384 
TRP CZ3  C Y N 385 
TRP CH2  C Y N 386 
TRP OXT  O N N 387 
TRP H    H N N 388 
TRP H2   H N N 389 
TRP HA   H N N 390 
TRP HB2  H N N 391 
TRP HB3  H N N 392 
TRP HD1  H N N 393 
TRP HE1  H N N 394 
TRP HE3  H N N 395 
TRP HZ2  H N N 396 
TRP HZ3  H N N 397 
TRP HH2  H N N 398 
TRP HXT  H N N 399 
TYR N    N N N 400 
TYR CA   C N S 401 
TYR C    C N N 402 
TYR O    O N N 403 
TYR CB   C N N 404 
TYR CG   C Y N 405 
TYR CD1  C Y N 406 
TYR CD2  C Y N 407 
TYR CE1  C Y N 408 
TYR CE2  C Y N 409 
TYR CZ   C Y N 410 
TYR OH   O N N 411 
TYR OXT  O N N 412 
TYR H    H N N 413 
TYR H2   H N N 414 
TYR HA   H N N 415 
TYR HB2  H N N 416 
TYR HB3  H N N 417 
TYR HD1  H N N 418 
TYR HD2  H N N 419 
TYR HE1  H N N 420 
TYR HE2  H N N 421 
TYR HH   H N N 422 
TYR HXT  H N N 423 
VAL N    N N N 424 
VAL CA   C N S 425 
VAL C    C N N 426 
VAL O    O N N 427 
VAL CB   C N N 428 
VAL CG1  C N N 429 
VAL CG2  C N N 430 
VAL OXT  O N N 431 
VAL H    H N N 432 
VAL H2   H N N 433 
VAL HA   H N N 434 
VAL HB   H N N 435 
VAL HG11 H N N 436 
VAL HG12 H N N 437 
VAL HG13 H N N 438 
VAL HG21 H N N 439 
VAL HG22 H N N 440 
VAL HG23 H N N 441 
VAL HXT  H N N 442 
# 
loop_
_chem_comp_bond.comp_id 
_chem_comp_bond.atom_id_1 
_chem_comp_bond.atom_id_2 
_chem_comp_bond.value_order 
_chem_comp_bond.pdbx_aromatic_flag 
_chem_comp_bond.pdbx_stereo_config 
_chem_comp_bond.pdbx_ordinal 
ACE C   O    doub N N 1   
ACE C   CH3  sing N N 2   
ACE C   H    sing N N 3   
ACE CH3 H1   sing N N 4   
ACE CH3 H2   sing N N 5   
ACE CH3 H3   sing N N 6   
ALA N   CA   sing N N 7   
ALA N   H    sing N N 8   
ALA N   H2   sing N N 9   
ALA CA  C    sing N N 10  
ALA CA  CB   sing N N 11  
ALA CA  HA   sing N N 12  
ALA C   O    doub N N 13  
ALA C   OXT  sing N N 14  
ALA CB  HB1  sing N N 15  
ALA CB  HB2  sing N N 16  
ALA CB  HB3  sing N N 17  
ALA OXT HXT  sing N N 18  
ARG N   CA   sing N N 19  
ARG N   H    sing N N 20  
ARG N   H2   sing N N 21  
ARG CA  C    sing N N 22  
ARG CA  CB   sing N N 23  
ARG CA  HA   sing N N 24  
ARG C   O    doub N N 25  
ARG C   OXT  sing N N 26  
ARG CB  CG   sing N N 27  
ARG CB  HB2  sing N N 28  
ARG CB  HB3  sing N N 29  
ARG CG  CD   sing N N 30  
ARG CG  HG2  sing N N 31  
ARG CG  HG3  sing N N 32  
ARG CD  NE   sing N N 33  
ARG CD  HD2  sing N N 34  
ARG CD  HD3  sing N N 35  
ARG NE  CZ   sing N N 36  
ARG NE  HE   sing N N 37  
ARG CZ  NH1  sing N N 38  
ARG CZ  NH2  doub N N 39  
ARG NH1 HH11 sing N N 40  
ARG NH1 HH12 sing N N 41  
ARG NH2 HH21 sing N N 42  
ARG NH2 HH22 sing N N 43  
ARG OXT HXT  sing N N 44  
ASN N   CA   sing N N 45  
ASN N   H    sing N N 46  
ASN N   H2   sing N N 47  
ASN CA  C    sing N N 48  
ASN CA  CB   sing N N 49  
ASN CA  HA   sing N N 50  
ASN C   O    doub N N 51  
ASN C   OXT  sing N N 52  
ASN CB  CG   sing N N 53  
ASN CB  HB2  sing N N 54  
ASN CB  HB3  sing N N 55  
ASN CG  OD1  doub N N 56  
ASN CG  ND2  sing N N 57  
ASN ND2 HD21 sing N N 58  
ASN ND2 HD22 sing N N 59  
ASN OXT HXT  sing N N 60  
ASP N   CA   sing N N 61  
ASP N   H    sing N N 62  
ASP N   H2   sing N N 63  
ASP CA  C    sing N N 64  
ASP CA  CB   sing N N 65  
ASP CA  HA   sing N N 66  
ASP C   O    doub N N 67  
ASP C   OXT  sing N N 68  
ASP CB  CG   sing N N 69  
ASP CB  HB2  sing N N 70  
ASP CB  HB3  sing N N 71  
ASP CG  OD1  doub N N 72  
ASP CG  OD2  sing N N 73  
ASP OD2 HD2  sing N N 74  
ASP OXT HXT  sing N N 75  
GLN N   CA   sing N N 76  
GLN N   H    sing N N 77  
GLN N   H2   sing N N 78  
GLN CA  C    sing N N 79  
GLN CA  CB   sing N N 80  
GLN CA  HA   sing N N 81  
GLN C   O    doub N N 82  
GLN C   OXT  sing N N 83  
GLN CB  CG   sing N N 84  
GLN CB  HB2  sing N N 85  
GLN CB  HB3  sing N N 86  
GLN CG  CD   sing N N 87  
GLN CG  HG2  sing N N 88  
GLN CG  HG3  sing N N 89  
GLN CD  OE1  doub N N 90  
GLN CD  NE2  sing N N 91  
GLN NE2 HE21 sing N N 92  
GLN NE2 HE22 sing N N 93  
GLN OXT HXT  sing N N 94  
GLU N   CA   sing N N 95  
GLU N   H    sing N N 96  
GLU N   H2   sing N N 97  
GLU CA  C    sing N N 98  
GLU CA  CB   sing N N 99  
GLU CA  HA   sing N N 100 
GLU C   O    doub N N 101 
GLU C   OXT  sing N N 102 
GLU CB  CG   sing N N 103 
GLU CB  HB2  sing N N 104 
GLU CB  HB3  sing N N 105 
GLU CG  CD   sing N N 106 
GLU CG  HG2  sing N N 107 
GLU CG  HG3  sing N N 108 
GLU CD  OE1  doub N N 109 
GLU CD  OE2  sing N N 110 
GLU OE2 HE2  sing N N 111 
GLU OXT HXT  sing N N 112 
GLY N   CA   sing N N 113 
GLY N   H    sing N N 114 
GLY N   H2   sing N N 115 
GLY CA  C    sing N N 116 
GLY CA  HA2  sing N N 117 
GLY CA  HA3  sing N N 118 
GLY C   O    doub N N 119 
GLY C   OXT  sing N N 120 
GLY OXT HXT  sing N N 121 
HIS N   CA   sing N N 122 
HIS N   H    sing N N 123 
HIS N   H2   sing N N 124 
HIS CA  C    sing N N 125 
HIS CA  CB   sing N N 126 
HIS CA  HA   sing N N 127 
HIS C   O    doub N N 128 
HIS C   OXT  sing N N 129 
HIS CB  CG   sing N N 130 
HIS CB  HB2  sing N N 131 
HIS CB  HB3  sing N N 132 
HIS CG  ND1  sing Y N 133 
HIS CG  CD2  doub Y N 134 
HIS ND1 CE1  doub Y N 135 
HIS ND1 HD1  sing N N 136 
HIS CD2 NE2  sing Y N 137 
HIS CD2 HD2  sing N N 138 
HIS CE1 NE2  sing Y N 139 
HIS CE1 HE1  sing N N 140 
HIS NE2 HE2  sing N N 141 
HIS OXT HXT  sing N N 142 
ILE N   CA   sing N N 143 
ILE N   H    sing N N 144 
ILE N   H2   sing N N 145 
ILE CA  C    sing N N 146 
ILE CA  CB   sing N N 147 
ILE CA  HA   sing N N 148 
ILE C   O    doub N N 149 
ILE C   OXT  sing N N 150 
ILE CB  CG1  sing N N 151 
ILE CB  CG2  sing N N 152 
ILE CB  HB   sing N N 153 
ILE CG1 CD1  sing N N 154 
ILE CG1 HG12 sing N N 155 
ILE CG1 HG13 sing N N 156 
ILE CG2 HG21 sing N N 157 
ILE CG2 HG22 sing N N 158 
ILE CG2 HG23 sing N N 159 
ILE CD1 HD11 sing N N 160 
ILE CD1 HD12 sing N N 161 
ILE CD1 HD13 sing N N 162 
ILE OXT HXT  sing N N 163 
LEU N   CA   sing N N 164 
LEU N   H    sing N N 165 
LEU N   H2   sing N N 166 
LEU CA  C    sing N N 167 
LEU CA  CB   sing N N 168 
LEU CA  HA   sing N N 169 
LEU C   O    doub N N 170 
LEU C   OXT  sing N N 171 
LEU CB  CG   sing N N 172 
LEU CB  HB2  sing N N 173 
LEU CB  HB3  sing N N 174 
LEU CG  CD1  sing N N 175 
LEU CG  CD2  sing N N 176 
LEU CG  HG   sing N N 177 
LEU CD1 HD11 sing N N 178 
LEU CD1 HD12 sing N N 179 
LEU CD1 HD13 sing N N 180 
LEU CD2 HD21 sing N N 181 
LEU CD2 HD22 sing N N 182 
LEU CD2 HD23 sing N N 183 
LEU OXT HXT  sing N N 184 
LYS N   CA   sing N N 185 
LYS N   H    sing N N 186 
LYS N   H2   sing N N 187 
LYS CA  C    sing N N 188 
LYS CA  CB   sing N N 189 
LYS CA  HA   sing N N 190 
LYS C   O    doub N N 191 
LYS C   OXT  sing N N 192 
LYS CB  CG   sing N N 193 
LYS CB  HB2  sing N N 194 
LYS CB  HB3  sing N N 195 
LYS CG  CD   sing N N 196 
LYS CG  HG2  sing N N 197 
LYS CG  HG3  sing N N 198 
LYS CD  CE   sing N N 199 
LYS CD  HD2  sing N N 200 
LYS CD  HD3  sing N N 201 
LYS CE  NZ   sing N N 202 
LYS CE  HE2  sing N N 203 
LYS CE  HE3  sing N N 204 
LYS NZ  HZ1  sing N N 205 
LYS NZ  HZ2  sing N N 206 
LYS NZ  HZ3  sing N N 207 
LYS OXT HXT  sing N N 208 
MET N   CA   sing N N 209 
MET N   H    sing N N 210 
MET N   H2   sing N N 211 
MET CA  C    sing N N 212 
MET CA  CB   sing N N 213 
MET CA  HA   sing N N 214 
MET C   O    doub N N 215 
MET C   OXT  sing N N 216 
MET CB  CG   sing N N 217 
MET CB  HB2  sing N N 218 
MET CB  HB3  sing N N 219 
MET CG  SD   sing N N 220 
MET CG  HG2  sing N N 221 
MET CG  HG3  sing N N 222 
MET SD  CE   sing N N 223 
MET CE  HE1  sing N N 224 
MET CE  HE2  sing N N 225 
MET CE  HE3  sing N N 226 
MET OXT HXT  sing N N 227 
MN1 N   C2   sing N N 228 
MN1 N   C6   sing N N 229 
MN1 N   H    sing N N 230 
MN1 C2  C3   sing N N 231 
MN1 C2  H21  sing N N 232 
MN1 C2  H22  sing N N 233 
MN1 C3  C4   sing N N 234 
MN1 C3  H31  sing N N 235 
MN1 C3  H32  sing N N 236 
MN1 C4  C    sing N N 237 
MN1 C4  C5   sing N N 238 
MN1 C4  H4   sing N N 239 
MN1 C   O    doub N N 240 
MN1 C   OXT  sing N N 241 
MN1 OXT HXT  sing N N 242 
MN1 C5  C6   sing N N 243 
MN1 C5  H51  sing N N 244 
MN1 C5  H52  sing N N 245 
MN1 C6  H61  sing N N 246 
MN1 C6  H62  sing N N 247 
MN8 C   O    doub N N 248 
MN8 C   OXT  sing N N 249 
MN8 C   CA   sing N N 250 
MN8 OXT HXT  sing N N 251 
MN8 CA  C3   doub Y N 252 
MN8 CA  N9   sing Y N 253 
MN8 C3  C4   sing N N 254 
MN8 C3  S7   sing Y N 255 
MN8 C4  C5   sing N N 256 
MN8 C4  C6   sing N N 257 
MN8 C4  H4   sing N N 258 
MN8 C5  H51  sing N N 259 
MN8 C5  H52  sing N N 260 
MN8 C5  H53  sing N N 261 
MN8 C6  H61  sing N N 262 
MN8 C6  H62  sing N N 263 
MN8 C6  H63  sing N N 264 
MN8 S7  C8   sing Y N 265 
MN8 C8  N9   doub Y N 266 
MN8 C8  CA2  sing N N 267 
MN8 CA2 N    sing N N 268 
MN8 CA2 C15  sing N N 269 
MN8 CA2 HA2  sing N N 270 
MN8 N   C12  sing N N 271 
MN8 N   H    sing N N 272 
MN8 C12 C13  sing N N 273 
MN8 C12 H121 sing N N 274 
MN8 C12 H122 sing N N 275 
MN8 C13 C14  doub Y N 276 
MN8 C13 C19  sing Y N 277 
MN8 C14 C15  sing N N 278 
MN8 C14 C16  sing Y N 279 
MN8 C15 H151 sing N N 280 
MN8 C15 H152 sing N N 281 
MN8 C16 C17  doub Y N 282 
MN8 C16 H16  sing N N 283 
MN8 C17 C18  sing Y N 284 
MN8 C17 H17  sing N N 285 
MN8 C18 C19  doub Y N 286 
MN8 C18 H18  sing N N 287 
MN8 C19 H19  sing N N 288 
NH2 N   HN1  sing N N 289 
NH2 N   HN2  sing N N 290 
PHE N   CA   sing N N 291 
PHE N   H    sing N N 292 
PHE N   H2   sing N N 293 
PHE CA  C    sing N N 294 
PHE CA  CB   sing N N 295 
PHE CA  HA   sing N N 296 
PHE C   O    doub N N 297 
PHE C   OXT  sing N N 298 
PHE CB  CG   sing N N 299 
PHE CB  HB2  sing N N 300 
PHE CB  HB3  sing N N 301 
PHE CG  CD1  doub Y N 302 
PHE CG  CD2  sing Y N 303 
PHE CD1 CE1  sing Y N 304 
PHE CD1 HD1  sing N N 305 
PHE CD2 CE2  doub Y N 306 
PHE CD2 HD2  sing N N 307 
PHE CE1 CZ   doub Y N 308 
PHE CE1 HE1  sing N N 309 
PHE CE2 CZ   sing Y N 310 
PHE CE2 HE2  sing N N 311 
PHE CZ  HZ   sing N N 312 
PHE OXT HXT  sing N N 313 
PRO N   CA   sing N N 314 
PRO N   CD   sing N N 315 
PRO N   H    sing N N 316 
PRO CA  C    sing N N 317 
PRO CA  CB   sing N N 318 
PRO CA  HA   sing N N 319 
PRO C   O    doub N N 320 
PRO C   OXT  sing N N 321 
PRO CB  CG   sing N N 322 
PRO CB  HB2  sing N N 323 
PRO CB  HB3  sing N N 324 
PRO CG  CD   sing N N 325 
PRO CG  HG2  sing N N 326 
PRO CG  HG3  sing N N 327 
PRO CD  HD2  sing N N 328 
PRO CD  HD3  sing N N 329 
PRO OXT HXT  sing N N 330 
SER N   CA   sing N N 331 
SER N   H    sing N N 332 
SER N   H2   sing N N 333 
SER CA  C    sing N N 334 
SER CA  CB   sing N N 335 
SER CA  HA   sing N N 336 
SER C   O    doub N N 337 
SER C   OXT  sing N N 338 
SER CB  OG   sing N N 339 
SER CB  HB2  sing N N 340 
SER CB  HB3  sing N N 341 
SER OG  HG   sing N N 342 
SER OXT HXT  sing N N 343 
THR N   CA   sing N N 344 
THR N   H    sing N N 345 
THR N   H2   sing N N 346 
THR CA  C    sing N N 347 
THR CA  CB   sing N N 348 
THR CA  HA   sing N N 349 
THR C   O    doub N N 350 
THR C   OXT  sing N N 351 
THR CB  OG1  sing N N 352 
THR CB  CG2  sing N N 353 
THR CB  HB   sing N N 354 
THR OG1 HG1  sing N N 355 
THR CG2 HG21 sing N N 356 
THR CG2 HG22 sing N N 357 
THR CG2 HG23 sing N N 358 
THR OXT HXT  sing N N 359 
TRP N   CA   sing N N 360 
TRP N   H    sing N N 361 
TRP N   H2   sing N N 362 
TRP CA  C    sing N N 363 
TRP CA  CB   sing N N 364 
TRP CA  HA   sing N N 365 
TRP C   O    doub N N 366 
TRP C   OXT  sing N N 367 
TRP CB  CG   sing N N 368 
TRP CB  HB2  sing N N 369 
TRP CB  HB3  sing N N 370 
TRP CG  CD1  doub Y N 371 
TRP CG  CD2  sing Y N 372 
TRP CD1 NE1  sing Y N 373 
TRP CD1 HD1  sing N N 374 
TRP CD2 CE2  doub Y N 375 
TRP CD2 CE3  sing Y N 376 
TRP NE1 CE2  sing Y N 377 
TRP NE1 HE1  sing N N 378 
TRP CE2 CZ2  sing Y N 379 
TRP CE3 CZ3  doub Y N 380 
TRP CE3 HE3  sing N N 381 
TRP CZ2 CH2  doub Y N 382 
TRP CZ2 HZ2  sing N N 383 
TRP CZ3 CH2  sing Y N 384 
TRP CZ3 HZ3  sing N N 385 
TRP CH2 HH2  sing N N 386 
TRP OXT HXT  sing N N 387 
TYR N   CA   sing N N 388 
TYR N   H    sing N N 389 
TYR N   H2   sing N N 390 
TYR CA  C    sing N N 391 
TYR CA  CB   sing N N 392 
TYR CA  HA   sing N N 393 
TYR C   O    doub N N 394 
TYR C   OXT  sing N N 395 
TYR CB  CG   sing N N 396 
TYR CB  HB2  sing N N 397 
TYR CB  HB3  sing N N 398 
TYR CG  CD1  doub Y N 399 
TYR CG  CD2  sing Y N 400 
TYR CD1 CE1  sing Y N 401 
TYR CD1 HD1  sing N N 402 
TYR CD2 CE2  doub Y N 403 
TYR CD2 HD2  sing N N 404 
TYR CE1 CZ   doub Y N 405 
TYR CE1 HE1  sing N N 406 
TYR CE2 CZ   sing Y N 407 
TYR CE2 HE2  sing N N 408 
TYR CZ  OH   sing N N 409 
TYR OH  HH   sing N N 410 
TYR OXT HXT  sing N N 411 
VAL N   CA   sing N N 412 
VAL N   H    sing N N 413 
VAL N   H2   sing N N 414 
VAL CA  C    sing N N 415 
VAL CA  CB   sing N N 416 
VAL CA  HA   sing N N 417 
VAL C   O    doub N N 418 
VAL C   OXT  sing N N 419 
VAL CB  CG1  sing N N 420 
VAL CB  CG2  sing N N 421 
VAL CB  HB   sing N N 422 
VAL CG1 HG11 sing N N 423 
VAL CG1 HG12 sing N N 424 
VAL CG1 HG13 sing N N 425 
VAL CG2 HG21 sing N N 426 
VAL CG2 HG22 sing N N 427 
VAL CG2 HG23 sing N N 428 
VAL OXT HXT  sing N N 429 
# 
_atom_sites.entry_id                    1NLP 
_atom_sites.fract_transf_matrix[1][1]   1.000000 
_atom_sites.fract_transf_matrix[1][2]   0.000000 
_atom_sites.fract_transf_matrix[1][3]   0.000000 
_atom_sites.fract_transf_matrix[2][1]   0.000000 
_atom_sites.fract_transf_matrix[2][2]   1.000000 
_atom_sites.fract_transf_matrix[2][3]   0.000000 
_atom_sites.fract_transf_matrix[3][1]   0.000000 
_atom_sites.fract_transf_matrix[3][2]   0.000000 
_atom_sites.fract_transf_matrix[3][3]   1.000000 
_atom_sites.fract_transf_vector[1]      0.00000 
_atom_sites.fract_transf_vector[2]      0.00000 
_atom_sites.fract_transf_vector[3]      0.00000 
# 
loop_
_atom_type.symbol 
C 
H 
N 
O 
S 
# 
loop_
_atom_site.group_PDB 
_atom_site.id 
_atom_site.type_symbol 
_atom_site.label_atom_id 
_atom_site.label_alt_id 
_atom_site.label_comp_id 
_atom_site.label_asym_id 
_atom_site.label_entity_id 
_atom_site.label_seq_id 
_atom_site.pdbx_PDB_ins_code 
_atom_site.Cartn_x 
_atom_site.Cartn_y 
_atom_site.Cartn_z 
_atom_site.occupancy 
_atom_site.B_iso_or_equiv 
_atom_site.pdbx_formal_charge 
_atom_site.auth_seq_id 
_atom_site.auth_comp_id 
_atom_site.auth_asym_id 
_atom_site.auth_atom_id 
_atom_site.pdbx_PDB_model_num 
ATOM   1    N N    . THR A 1 9  ? 1.077   -1.237  -11.345 1.00 1.31 ? 9  THR C N    1 
ATOM   2    C CA   . THR A 1 9  ? 2.038   -2.083  -10.580 1.00 0.77 ? 9  THR C CA   1 
ATOM   3    C C    . THR A 1 9  ? 2.978   -1.184  -9.775  1.00 0.62 ? 9  THR C C    1 
ATOM   4    O O    . THR A 1 9  ? 3.925   -0.634  -10.298 1.00 0.75 ? 9  THR C O    1 
ATOM   5    C CB   . THR A 1 9  ? 2.855   -2.937  -11.552 1.00 1.28 ? 9  THR C CB   1 
ATOM   6    O OG1  . THR A 1 9  ? 2.037   -3.316  -12.649 1.00 1.56 ? 9  THR C OG1  1 
ATOM   7    C CG2  . THR A 1 9  ? 3.361   -4.188  -10.834 1.00 1.77 ? 9  THR C CG2  1 
ATOM   8    H HA   . THR A 1 9  ? 1.491   -2.726  -9.907  1.00 1.00 ? 9  THR C HA   1 
ATOM   9    H HB   . THR A 1 9  ? 3.699   -2.366  -11.911 1.00 1.70 ? 9  THR C HB   1 
ATOM   10   H HG1  . THR A 1 9  ? 2.517   -3.122  -13.458 1.00 2.07 ? 9  THR C HG1  1 
ATOM   11   H HG21 . THR A 1 9  ? 3.294   -4.041  -9.766  1.00 2.13 ? 9  THR C HG21 1 
ATOM   12   H HG22 . THR A 1 9  ? 2.756   -5.036  -11.118 1.00 2.09 ? 9  THR C HG22 1 
ATOM   13   H HG23 . THR A 1 9  ? 4.390   -4.370  -11.109 1.00 2.31 ? 9  THR C HG23 1 
ATOM   14   N N    . PHE A 1 10 ? 2.721   -1.031  -8.505  1.00 0.49 ? 10 PHE C N    1 
ATOM   15   C CA   . PHE A 1 10 ? 3.599   -0.167  -7.668  1.00 0.37 ? 10 PHE C CA   1 
ATOM   16   C C    . PHE A 1 10 ? 4.517   -1.045  -6.813  1.00 0.33 ? 10 PHE C C    1 
ATOM   17   O O    . PHE A 1 10 ? 4.417   -2.256  -6.818  1.00 0.40 ? 10 PHE C O    1 
ATOM   18   C CB   . PHE A 1 10 ? 2.733   0.702   -6.754  1.00 0.42 ? 10 PHE C CB   1 
ATOM   19   C CG   . PHE A 1 10 ? 2.378   1.988   -7.464  1.00 0.43 ? 10 PHE C CG   1 
ATOM   20   C CD1  . PHE A 1 10 ? 2.149   1.985   -8.846  1.00 1.19 ? 10 PHE C CD1  1 
ATOM   21   C CD2  . PHE A 1 10 ? 2.277   3.183   -6.741  1.00 1.37 ? 10 PHE C CD2  1 
ATOM   22   C CE1  . PHE A 1 10 ? 1.820   3.177   -9.503  1.00 1.21 ? 10 PHE C CE1  1 
ATOM   23   C CE2  . PHE A 1 10 ? 1.948   4.375   -7.400  1.00 1.37 ? 10 PHE C CE2  1 
ATOM   24   C CZ   . PHE A 1 10 ? 1.720   4.371   -8.780  1.00 0.49 ? 10 PHE C CZ   1 
ATOM   25   H H    . PHE A 1 10 ? 1.950   -1.482  -8.103  1.00 0.58 ? 10 PHE C H    1 
ATOM   26   H HA   . PHE A 1 10 ? 4.197   0.466   -8.305  1.00 0.35 ? 10 PHE C HA   1 
ATOM   27   H HB2  . PHE A 1 10 ? 1.828   0.169   -6.503  1.00 0.50 ? 10 PHE C HB2  1 
ATOM   28   H HB3  . PHE A 1 10 ? 3.278   0.930   -5.853  1.00 0.44 ? 10 PHE C HB3  1 
ATOM   29   H HD1  . PHE A 1 10 ? 2.226   1.064   -9.402  1.00 2.07 ? 10 PHE C HD1  1 
ATOM   30   H HD2  . PHE A 1 10 ? 2.453   3.186   -5.675  1.00 2.27 ? 10 PHE C HD2  1 
ATOM   31   H HE1  . PHE A 1 10 ? 1.644   3.175   -10.569 1.00 2.11 ? 10 PHE C HE1  1 
ATOM   32   H HE2  . PHE A 1 10 ? 1.871   5.297   -6.844  1.00 2.26 ? 10 PHE C HE2  1 
ATOM   33   H HZ   . PHE A 1 10 ? 1.465   5.290   -9.287  1.00 0.53 ? 10 PHE C HZ   1 
ATOM   34   N N    . VAL A 1 11 ? 5.411   -0.441  -6.077  1.00 0.34 ? 11 VAL C N    1 
ATOM   35   C CA   . VAL A 1 11 ? 6.337   -1.235  -5.219  1.00 0.37 ? 11 VAL C CA   1 
ATOM   36   C C    . VAL A 1 11 ? 6.318   -0.667  -3.798  1.00 0.32 ? 11 VAL C C    1 
ATOM   37   O O    . VAL A 1 11 ? 6.391   0.528   -3.598  1.00 0.34 ? 11 VAL C O    1 
ATOM   38   C CB   . VAL A 1 11 ? 7.756   -1.147  -5.784  1.00 0.44 ? 11 VAL C CB   1 
ATOM   39   C CG1  . VAL A 1 11 ? 8.700   -1.993  -4.927  1.00 0.58 ? 11 VAL C CG1  1 
ATOM   40   C CG2  . VAL A 1 11 ? 7.764   -1.673  -7.221  1.00 0.57 ? 11 VAL C CG2  1 
ATOM   41   H H    . VAL A 1 11 ? 5.472   0.537   -6.087  1.00 0.39 ? 11 VAL C H    1 
ATOM   42   H HA   . VAL A 1 11 ? 6.018   -2.266  -5.200  1.00 0.42 ? 11 VAL C HA   1 
ATOM   43   H HB   . VAL A 1 11 ? 8.085   -0.118  -5.772  1.00 0.49 ? 11 VAL C HB   1 
ATOM   44   H HG11 . VAL A 1 11 ? 8.158   -2.831  -4.515  1.00 1.12 ? 11 VAL C HG11 1 
ATOM   45   H HG12 . VAL A 1 11 ? 9.513   -2.356  -5.538  1.00 1.26 ? 11 VAL C HG12 1 
ATOM   46   H HG13 . VAL A 1 11 ? 9.095   -1.390  -4.124  1.00 1.16 ? 11 VAL C HG13 1 
ATOM   47   H HG21 . VAL A 1 11 ? 7.020   -2.450  -7.324  1.00 1.10 ? 11 VAL C HG21 1 
ATOM   48   H HG22 . VAL A 1 11 ? 7.536   -0.865  -7.901  1.00 1.01 ? 11 VAL C HG22 1 
ATOM   49   H HG23 . VAL A 1 11 ? 8.739   -2.075  -7.452  1.00 1.36 ? 11 VAL C HG23 1 
ATOM   50   N N    . ALA A 1 12 ? 6.214   -1.510  -2.810  1.00 0.32 ? 12 ALA C N    1 
ATOM   51   C CA   . ALA A 1 12 ? 6.183   -1.006  -1.408  1.00 0.32 ? 12 ALA C CA   1 
ATOM   52   C C    . ALA A 1 12 ? 7.601   -0.671  -0.940  1.00 0.32 ? 12 ALA C C    1 
ATOM   53   O O    . ALA A 1 12 ? 8.316   -1.523  -0.452  1.00 0.36 ? 12 ALA C O    1 
ATOM   54   C CB   . ALA A 1 12 ? 5.587   -2.076  -0.491  1.00 0.35 ? 12 ALA C CB   1 
ATOM   55   H H    . ALA A 1 12 ? 6.151   -2.471  -2.988  1.00 0.36 ? 12 ALA C H    1 
ATOM   56   H HA   . ALA A 1 12 ? 5.571   -0.116  -1.362  1.00 0.33 ? 12 ALA C HA   1 
ATOM   57   H HB1  . ALA A 1 12 ? 6.022   -3.035  -0.727  1.00 1.06 ? 12 ALA C HB1  1 
ATOM   58   H HB2  . ALA A 1 12 ? 5.799   -1.825  0.538   1.00 1.12 ? 12 ALA C HB2  1 
ATOM   59   H HB3  . ALA A 1 12 ? 4.517   -2.120  -0.637  1.00 1.05 ? 12 ALA C HB3  1 
ATOM   60   N N    . LEU A 1 13 ? 8.003   0.566   -1.079  1.00 0.31 ? 13 LEU C N    1 
ATOM   61   C CA   . LEU A 1 13 ? 9.367   0.976   -0.634  1.00 0.35 ? 13 LEU C CA   1 
ATOM   62   C C    . LEU A 1 13 ? 9.716   0.265   0.670   1.00 0.34 ? 13 LEU C C    1 
ATOM   63   O O    . LEU A 1 13 ? 10.865  -0.027  0.937   1.00 0.37 ? 13 LEU C O    1 
ATOM   64   C CB   . LEU A 1 13 ? 9.391   2.489   -0.411  1.00 0.40 ? 13 LEU C CB   1 
ATOM   65   C CG   . LEU A 1 13 ? 9.227   3.205   -1.753  1.00 0.52 ? 13 LEU C CG   1 
ATOM   66   C CD1  . LEU A 1 13 ? 9.065   4.706   -1.515  1.00 0.67 ? 13 LEU C CD1  1 
ATOM   67   C CD2  . LEU A 1 13 ? 10.465  2.957   -2.616  1.00 0.67 ? 13 LEU C CD2  1 
ATOM   68   H H    . LEU A 1 13 ? 7.402   1.229   -1.473  1.00 0.32 ? 13 LEU C H    1 
ATOM   69   H HA   . LEU A 1 13 ? 10.092  0.715   -1.384  1.00 0.37 ? 13 LEU C HA   1 
ATOM   70   H HB2  . LEU A 1 13 ? 8.583   2.768   0.249   1.00 0.45 ? 13 LEU C HB2  1 
ATOM   71   H HB3  . LEU A 1 13 ? 10.333  2.773   0.033   1.00 0.41 ? 13 LEU C HB3  1 
ATOM   72   H HG   . LEU A 1 13 ? 8.351   2.824   -2.259  1.00 0.57 ? 13 LEU C HG   1 
ATOM   73   H HD11 . LEU A 1 13 ? 9.061   4.905   -0.452  1.00 1.12 ? 13 LEU C HD11 1 
ATOM   74   H HD12 . LEU A 1 13 ? 9.886   5.235   -1.975  1.00 1.34 ? 13 LEU C HD12 1 
ATOM   75   H HD13 . LEU A 1 13 ? 8.134   5.042   -1.947  1.00 1.25 ? 13 LEU C HD13 1 
ATOM   76   H HD21 . LEU A 1 13 ? 11.252  2.538   -2.004  1.00 1.33 ? 13 LEU C HD21 1 
ATOM   77   H HD22 . LEU A 1 13 ? 10.221  2.266   -3.409  1.00 1.20 ? 13 LEU C HD22 1 
ATOM   78   H HD23 . LEU A 1 13 ? 10.800  3.891   -3.042  1.00 1.20 ? 13 LEU C HD23 1 
ATOM   79   N N    . TYR A 1 14 ? 8.740   -0.014  1.488   1.00 0.34 ? 14 TYR C N    1 
ATOM   80   C CA   . TYR A 1 14 ? 9.040   -0.699  2.776   1.00 0.37 ? 14 TYR C CA   1 
ATOM   81   C C    . TYR A 1 14 ? 7.843   -1.531  3.228   1.00 0.36 ? 14 TYR C C    1 
ATOM   82   O O    . TYR A 1 14 ? 6.735   -1.349  2.767   1.00 0.36 ? 14 TYR C O    1 
ATOM   83   C CB   . TYR A 1 14 ? 9.346   0.359   3.830   1.00 0.39 ? 14 TYR C CB   1 
ATOM   84   C CG   . TYR A 1 14 ? 10.209  1.426   3.210   1.00 0.44 ? 14 TYR C CG   1 
ATOM   85   C CD1  . TYR A 1 14 ? 11.580  1.202   3.054   1.00 1.39 ? 14 TYR C CD1  1 
ATOM   86   C CD2  . TYR A 1 14 ? 9.643   2.636   2.786   1.00 1.20 ? 14 TYR C CD2  1 
ATOM   87   C CE1  . TYR A 1 14 ? 12.388  2.187   2.479   1.00 1.45 ? 14 TYR C CE1  1 
ATOM   88   C CE2  . TYR A 1 14 ? 10.451  3.617   2.210   1.00 1.22 ? 14 TYR C CE2  1 
ATOM   89   C CZ   . TYR A 1 14 ? 11.825  3.395   2.056   1.00 0.64 ? 14 TYR C CZ   1 
ATOM   90   O OH   . TYR A 1 14 ? 12.621  4.367   1.484   1.00 0.77 ? 14 TYR C OH   1 
ATOM   91   H H    . TYR A 1 14 ? 7.816   0.232   1.258   1.00 0.34 ? 14 TYR C H    1 
ATOM   92   H HA   . TYR A 1 14 ? 9.899   -1.340  2.652   1.00 0.42 ? 14 TYR C HA   1 
ATOM   93   H HB2  . TYR A 1 14 ? 8.423   0.797   4.183   1.00 0.36 ? 14 TYR C HB2  1 
ATOM   94   H HB3  . TYR A 1 14 ? 9.871   -0.094  4.657   1.00 0.48 ? 14 TYR C HB3  1 
ATOM   95   H HD1  . TYR A 1 14 ? 12.015  0.269   3.379   1.00 2.27 ? 14 TYR C HD1  1 
ATOM   96   H HD2  . TYR A 1 14 ? 8.582   2.815   2.904   1.00 2.09 ? 14 TYR C HD2  1 
ATOM   97   H HE1  . TYR A 1 14 ? 13.445  2.014   2.364   1.00 2.35 ? 14 TYR C HE1  1 
ATOM   98   H HE2  . TYR A 1 14 ? 10.012  4.551   1.891   1.00 2.09 ? 14 TYR C HE2  1 
ATOM   99   H HH   . TYR A 1 14 ? 12.407  5.206   1.896   1.00 1.16 ? 14 TYR C HH   1 
ATOM   100  N N    . ASP A 1 15 ? 8.058   -2.434  4.145   1.00 0.43 ? 15 ASP C N    1 
ATOM   101  C CA   . ASP A 1 15 ? 6.932   -3.267  4.643   1.00 0.43 ? 15 ASP C CA   1 
ATOM   102  C C    . ASP A 1 15 ? 5.956   -2.358  5.381   1.00 0.39 ? 15 ASP C C    1 
ATOM   103  O O    . ASP A 1 15 ? 6.311   -1.709  6.345   1.00 0.43 ? 15 ASP C O    1 
ATOM   104  C CB   . ASP A 1 15 ? 7.454   -4.337  5.609   1.00 0.50 ? 15 ASP C CB   1 
ATOM   105  C CG   . ASP A 1 15 ? 8.711   -4.997  5.036   1.00 0.98 ? 15 ASP C CG   1 
ATOM   106  O OD1  . ASP A 1 15 ? 9.760   -4.377  5.086   1.00 1.91 ? 15 ASP C OD1  1 
ATOM   107  O OD2  . ASP A 1 15 ? 8.607   -6.119  4.569   1.00 1.21 ? 15 ASP C OD2  1 
ATOM   108  H H    . ASP A 1 15 ? 8.958   -2.554  4.511   1.00 0.51 ? 15 ASP C H    1 
ATOM   109  H HA   . ASP A 1 15 ? 6.432   -3.735  3.810   1.00 0.44 ? 15 ASP C HA   1 
ATOM   110  H HB2  . ASP A 1 15 ? 7.691   -3.877  6.557   1.00 0.72 ? 15 ASP C HB2  1 
ATOM   111  H HB3  . ASP A 1 15 ? 6.692   -5.088  5.757   1.00 0.83 ? 15 ASP C HB3  1 
ATOM   112  N N    . TYR A 1 16 ? 4.732   -2.287  4.940   1.00 0.36 ? 16 TYR C N    1 
ATOM   113  C CA   . TYR A 1 16 ? 3.766   -1.398  5.633   1.00 0.33 ? 16 TYR C CA   1 
ATOM   114  C C    . TYR A 1 16 ? 2.930   -2.204  6.625   1.00 0.34 ? 16 TYR C C    1 
ATOM   115  O O    . TYR A 1 16 ? 2.280   -3.167  6.269   1.00 0.38 ? 16 TYR C O    1 
ATOM   116  C CB   . TYR A 1 16 ? 2.856   -0.724  4.608   1.00 0.31 ? 16 TYR C CB   1 
ATOM   117  C CG   . TYR A 1 16 ? 1.679   -0.097  5.295   1.00 0.31 ? 16 TYR C CG   1 
ATOM   118  C CD1  . TYR A 1 16 ? 1.902   0.839   6.299   1.00 1.10 ? 16 TYR C CD1  1 
ATOM   119  C CD2  . TYR A 1 16 ? 0.376   -0.439  4.927   1.00 1.06 ? 16 TYR C CD2  1 
ATOM   120  C CE1  . TYR A 1 16 ? 0.820   1.442   6.949   1.00 1.14 ? 16 TYR C CE1  1 
ATOM   121  C CE2  . TYR A 1 16 ? -0.711  0.160   5.571   1.00 1.04 ? 16 TYR C CE2  1 
ATOM   122  C CZ   . TYR A 1 16 ? -0.489  1.102   6.585   1.00 0.35 ? 16 TYR C CZ   1 
ATOM   123  O OH   . TYR A 1 16 ? -1.561  1.695   7.223   1.00 0.39 ? 16 TYR C OH   1 
ATOM   124  H H    . TYR A 1 16 ? 4.457   -2.806  4.156   1.00 0.39 ? 16 TYR C H    1 
ATOM   125  H HA   . TYR A 1 16 ? 4.316   -0.643  6.161   1.00 0.33 ? 16 TYR C HA   1 
ATOM   126  H HB2  . TYR A 1 16 ? 3.411   0.052   4.109   1.00 0.30 ? 16 TYR C HB2  1 
ATOM   127  H HB3  . TYR A 1 16 ? 2.512   -1.450  3.887   1.00 0.32 ? 16 TYR C HB3  1 
ATOM   128  H HD1  . TYR A 1 16 ? 2.915   1.096   6.565   1.00 1.86 ? 16 TYR C HD1  1 
ATOM   129  H HD2  . TYR A 1 16 ? 0.211   -1.166  4.146   1.00 1.84 ? 16 TYR C HD2  1 
ATOM   130  H HE1  . TYR A 1 16 ? 0.993   2.167   7.730   1.00 1.93 ? 16 TYR C HE1  1 
ATOM   131  H HE2  . TYR A 1 16 ? -1.719  -0.100  5.285   1.00 1.81 ? 16 TYR C HE2  1 
ATOM   132  H HH   . TYR A 1 16 ? -1.607  1.343   8.114   1.00 0.86 ? 16 TYR C HH   1 
ATOM   133  N N    . GLU A 1 17 ? 2.942   -1.808  7.868   1.00 0.34 ? 17 GLU C N    1 
ATOM   134  C CA   . GLU A 1 17 ? 2.142   -2.539  8.894   1.00 0.37 ? 17 GLU C CA   1 
ATOM   135  C C    . GLU A 1 17 ? 0.791   -1.841  9.073   1.00 0.37 ? 17 GLU C C    1 
ATOM   136  O O    . GLU A 1 17 ? 0.662   -0.906  9.839   1.00 0.58 ? 17 GLU C O    1 
ATOM   137  C CB   . GLU A 1 17 ? 2.896   -2.552  10.227  1.00 0.43 ? 17 GLU C CB   1 
ATOM   138  C CG   . GLU A 1 17 ? 3.576   -1.200  10.447  1.00 1.48 ? 17 GLU C CG   1 
ATOM   139  C CD   . GLU A 1 17 ? 4.108   -1.124  11.880  1.00 2.04 ? 17 GLU C CD   1 
ATOM   140  O OE1  . GLU A 1 17 ? 5.138   -1.723  12.141  1.00 2.73 ? 17 GLU C OE1  1 
ATOM   141  O OE2  . GLU A 1 17 ? 3.474   -0.469  12.691  1.00 2.49 ? 17 GLU C OE2  1 
ATOM   142  H H    . GLU A 1 17 ? 3.474   -1.023  8.126   1.00 0.35 ? 17 GLU C H    1 
ATOM   143  H HA   . GLU A 1 17 ? 1.980   -3.554  8.563   1.00 0.39 ? 17 GLU C HA   1 
ATOM   144  H HB2  . GLU A 1 17 ? 2.199   -2.740  11.030  1.00 1.08 ? 17 GLU C HB2  1 
ATOM   145  H HB3  . GLU A 1 17 ? 3.643   -3.331  10.209  1.00 1.11 ? 17 GLU C HB3  1 
ATOM   146  H HG2  . GLU A 1 17 ? 4.397   -1.093  9.753   1.00 2.14 ? 17 GLU C HG2  1 
ATOM   147  H HG3  . GLU A 1 17 ? 2.863   -0.406  10.287  1.00 2.12 ? 17 GLU C HG3  1 
ATOM   148  N N    . SER A 1 18 ? -0.215  -2.285  8.368   1.00 0.43 ? 18 SER C N    1 
ATOM   149  C CA   . SER A 1 18 ? -1.556  -1.646  8.489   1.00 0.45 ? 18 SER C CA   1 
ATOM   150  C C    . SER A 1 18 ? -2.092  -1.823  9.913   1.00 0.48 ? 18 SER C C    1 
ATOM   151  O O    . SER A 1 18 ? -1.671  -2.700  10.641  1.00 0.62 ? 18 SER C O    1 
ATOM   152  C CB   . SER A 1 18 ? -2.520  -2.302  7.500   1.00 0.58 ? 18 SER C CB   1 
ATOM   153  O OG   . SER A 1 18 ? -3.308  -3.271  8.179   1.00 1.44 ? 18 SER C OG   1 
ATOM   154  H H    . SER A 1 18 ? -0.087  -3.037  7.754   1.00 0.62 ? 18 SER C H    1 
ATOM   155  H HA   . SER A 1 18 ? -1.475  -0.593  8.265   1.00 0.53 ? 18 SER C HA   1 
ATOM   156  H HB2  . SER A 1 18 ? -3.169  -1.553  7.075   1.00 1.13 ? 18 SER C HB2  1 
ATOM   157  H HB3  . SER A 1 18 ? -1.955  -2.774  6.707   1.00 1.14 ? 18 SER C HB3  1 
ATOM   158  H HG   . SER A 1 18 ? -3.522  -3.970  7.557   1.00 1.74 ? 18 SER C HG   1 
ATOM   159  N N    . ARG A 1 19 ? -3.020  -0.994  10.312  1.00 0.63 ? 19 ARG C N    1 
ATOM   160  C CA   . ARG A 1 19 ? -3.584  -1.113  11.688  1.00 0.83 ? 19 ARG C CA   1 
ATOM   161  C C    . ARG A 1 19 ? -5.110  -1.235  11.616  1.00 0.80 ? 19 ARG C C    1 
ATOM   162  O O    . ARG A 1 19 ? -5.749  -1.673  12.552  1.00 1.02 ? 19 ARG C O    1 
ATOM   163  C CB   . ARG A 1 19 ? -3.213  0.130   12.501  1.00 1.08 ? 19 ARG C CB   1 
ATOM   164  C CG   . ARG A 1 19 ? -1.701  0.155   12.737  1.00 1.39 ? 19 ARG C CG   1 
ATOM   165  C CD   . ARG A 1 19 ? -1.160  1.554   12.437  1.00 1.92 ? 19 ARG C CD   1 
ATOM   166  N NE   . ARG A 1 19 ? 0.297   1.600   12.752  1.00 2.62 ? 19 ARG C NE   1 
ATOM   167  C CZ   . ARG A 1 19 ? 0.697   1.689   13.992  1.00 3.23 ? 19 ARG C CZ   1 
ATOM   168  N NH1  . ARG A 1 19 ? -0.177  1.743   14.962  1.00 3.32 ? 19 ARG C NH1  1 
ATOM   169  N NH2  . ARG A 1 19 ? 1.973   1.727   14.261  1.00 4.22 ? 19 ARG C NH2  1 
ATOM   170  H H    . ARG A 1 19 ? -3.342  -0.294  9.708   1.00 0.74 ? 19 ARG C H    1 
ATOM   171  H HA   . ARG A 1 19 ? -3.176  -1.990  12.168  1.00 0.97 ? 19 ARG C HA   1 
ATOM   172  H HB2  . ARG A 1 19 ? -3.509  1.017   11.958  1.00 1.27 ? 19 ARG C HB2  1 
ATOM   173  H HB3  . ARG A 1 19 ? -3.723  0.103   13.451  1.00 1.39 ? 19 ARG C HB3  1 
ATOM   174  H HG2  . ARG A 1 19 ? -1.495  -0.098  13.767  1.00 1.73 ? 19 ARG C HG2  1 
ATOM   175  H HG3  . ARG A 1 19 ? -1.223  -0.561  12.086  1.00 1.97 ? 19 ARG C HG3  1 
ATOM   176  H HD2  . ARG A 1 19 ? -1.309  1.782   11.391  1.00 2.35 ? 19 ARG C HD2  1 
ATOM   177  H HD3  . ARG A 1 19 ? -1.682  2.281   13.042  1.00 2.38 ? 19 ARG C HD3  1 
ATOM   178  H HE   . ARG A 1 19 ? 0.955   1.563   12.027  1.00 3.09 ? 19 ARG C HE   1 
ATOM   179  H HH11 . ARG A 1 19 ? -1.155  1.716   14.758  1.00 2.99 ? 19 ARG C HH11 1 
ATOM   180  H HH12 . ARG A 1 19 ? 0.134   1.809   15.911  1.00 4.05 ? 19 ARG C HH12 1 
ATOM   181  H HH21 . ARG A 1 19 ? 2.642   1.689   13.519  1.00 4.58 ? 19 ARG C HH21 1 
ATOM   182  H HH22 . ARG A 1 19 ? 2.282   1.795   15.211  1.00 4.81 ? 19 ARG C HH22 1 
ATOM   183  N N    . THR A 1 20 ? -5.701  -0.852  10.517  1.00 0.74 ? 20 THR C N    1 
ATOM   184  C CA   . THR A 1 20 ? -7.184  -0.948  10.399  1.00 0.87 ? 20 THR C CA   1 
ATOM   185  C C    . THR A 1 20 ? -7.549  -2.100  9.463   1.00 0.99 ? 20 THR C C    1 
ATOM   186  O O    . THR A 1 20 ? -6.692  -2.731  8.874   1.00 1.17 ? 20 THR C O    1 
ATOM   187  C CB   . THR A 1 20 ? -7.742  0.362   9.839   1.00 1.00 ? 20 THR C CB   1 
ATOM   188  O OG1  . THR A 1 20 ? -9.037  0.130   9.301   1.00 1.20 ? 20 THR C OG1  1 
ATOM   189  C CG2  . THR A 1 20 ? -6.818  0.891   8.741   1.00 1.02 ? 20 THR C CG2  1 
ATOM   190  H H    . THR A 1 20 ? -5.173  -0.501  9.771   1.00 0.76 ? 20 THR C H    1 
ATOM   191  H HA   . THR A 1 20 ? -7.609  -1.132  11.375  1.00 1.06 ? 20 THR C HA   1 
ATOM   192  H HB   . THR A 1 20 ? -7.808  1.093   10.630  1.00 1.28 ? 20 THR C HB   1 
ATOM   193  H HG1  . THR A 1 20 ? -9.682  0.480   9.920   1.00 1.44 ? 20 THR C HG1  1 
ATOM   194  H HG21 . THR A 1 20 ? -6.707  0.139   7.972   1.00 1.46 ? 20 THR C HG21 1 
ATOM   195  H HG22 . THR A 1 20 ? -7.245  1.785   8.311   1.00 1.55 ? 20 THR C HG22 1 
ATOM   196  H HG23 . THR A 1 20 ? -5.852  1.121   9.163   1.00 1.43 ? 20 THR C HG23 1 
ATOM   197  N N    . GLU A 1 21 ? -8.814  -2.384  9.323   1.00 1.30 ? 21 GLU C N    1 
ATOM   198  C CA   . GLU A 1 21 ? -9.235  -3.499  8.429   1.00 1.61 ? 21 GLU C CA   1 
ATOM   199  C C    . GLU A 1 21 ? -9.448  -2.971  7.008   1.00 1.26 ? 21 GLU C C    1 
ATOM   200  O O    . GLU A 1 21 ? -10.003 -3.645  6.163   1.00 1.74 ? 21 GLU C O    1 
ATOM   201  C CB   . GLU A 1 21 ? -10.544 -4.099  8.949   1.00 2.17 ? 21 GLU C CB   1 
ATOM   202  C CG   . GLU A 1 21 ? -10.238 -5.342  9.788   1.00 2.79 ? 21 GLU C CG   1 
ATOM   203  C CD   . GLU A 1 21 ? -11.541 -5.908  10.355  1.00 3.42 ? 21 GLU C CD   1 
ATOM   204  O OE1  . GLU A 1 21 ? -12.558 -5.782  9.692   1.00 4.00 ? 21 GLU C OE1  1 
ATOM   205  O OE2  . GLU A 1 21 ? -11.502 -6.458  11.444  1.00 3.79 ? 21 GLU C OE2  1 
ATOM   206  H H    . GLU A 1 21 ? -9.489  -1.865  9.810   1.00 1.50 ? 21 GLU C H    1 
ATOM   207  H HA   . GLU A 1 21 ? -8.470  -4.260  8.418   1.00 1.84 ? 21 GLU C HA   1 
ATOM   208  H HB2  . GLU A 1 21 ? -11.057 -3.370  9.558   1.00 2.53 ? 21 GLU C HB2  1 
ATOM   209  H HB3  . GLU A 1 21 ? -11.170 -4.377  8.114   1.00 2.51 ? 21 GLU C HB3  1 
ATOM   210  H HG2  . GLU A 1 21 ? -9.761  -6.086  9.168   1.00 3.06 ? 21 GLU C HG2  1 
ATOM   211  H HG3  . GLU A 1 21 ? -9.581  -5.074  10.601  1.00 3.27 ? 21 GLU C HG3  1 
ATOM   212  N N    . THR A 1 22 ? -9.011  -1.771  6.733   1.00 0.66 ? 22 THR C N    1 
ATOM   213  C CA   . THR A 1 22 ? -9.190  -1.210  5.364   1.00 0.49 ? 22 THR C CA   1 
ATOM   214  C C    . THR A 1 22 ? -7.887  -1.350  4.578   1.00 0.40 ? 22 THR C C    1 
ATOM   215  O O    . THR A 1 22 ? -7.884  -1.755  3.434   1.00 0.69 ? 22 THR C O    1 
ATOM   216  C CB   . THR A 1 22 ? -9.559  0.273   5.456   1.00 0.72 ? 22 THR C CB   1 
ATOM   217  O OG1  . THR A 1 22 ? -9.057  0.808   6.673   1.00 1.20 ? 22 THR C OG1  1 
ATOM   218  C CG2  . THR A 1 22 ? -11.078 0.433   5.413   1.00 0.86 ? 22 THR C CG2  1 
ATOM   219  H H    . THR A 1 22 ? -8.564  -1.241  7.426   1.00 0.76 ? 22 THR C H    1 
ATOM   220  H HA   . THR A 1 22 ? -9.977  -1.746  4.855   1.00 0.69 ? 22 THR C HA   1 
ATOM   221  H HB   . THR A 1 22 ? -9.123  0.804   4.622   1.00 1.05 ? 22 THR C HB   1 
ATOM   222  H HG1  . THR A 1 22 ? -8.791  1.716   6.511   1.00 1.43 ? 22 THR C HG1  1 
ATOM   223  H HG21 . THR A 1 22 ? -11.546 -0.469  5.778   1.00 1.27 ? 22 THR C HG21 1 
ATOM   224  H HG22 . THR A 1 22 ? -11.368 1.268   6.036   1.00 1.39 ? 22 THR C HG22 1 
ATOM   225  H HG23 . THR A 1 22 ? -11.391 0.616   4.395   1.00 1.40 ? 22 THR C HG23 1 
ATOM   226  N N    . ASP A 1 23 ? -6.780  -1.005  5.178   1.00 0.48 ? 23 ASP C N    1 
ATOM   227  C CA   . ASP A 1 23 ? -5.484  -1.105  4.453   1.00 0.42 ? 23 ASP C CA   1 
ATOM   228  C C    . ASP A 1 23 ? -4.800  -2.437  4.766   1.00 0.43 ? 23 ASP C C    1 
ATOM   229  O O    . ASP A 1 23 ? -4.951  -2.993  5.836   1.00 0.55 ? 23 ASP C O    1 
ATOM   230  C CB   . ASP A 1 23 ? -4.570  0.048   4.876   1.00 0.52 ? 23 ASP C CB   1 
ATOM   231  C CG   . ASP A 1 23 ? -5.400  1.322   5.046   1.00 1.10 ? 23 ASP C CG   1 
ATOM   232  O OD1  . ASP A 1 23 ? -6.231  1.349   5.940   1.00 1.68 ? 23 ASP C OD1  1 
ATOM   233  O OD2  . ASP A 1 23 ? -5.191  2.249   4.282   1.00 2.00 ? 23 ASP C OD2  1 
ATOM   234  H H    . ASP A 1 23 ? -6.804  -0.671  6.098   1.00 0.81 ? 23 ASP C H    1 
ATOM   235  H HA   . ASP A 1 23 ? -5.666  -1.045  3.394   1.00 0.42 ? 23 ASP C HA   1 
ATOM   236  H HB2  . ASP A 1 23 ? -4.089  -0.197  5.811   1.00 1.09 ? 23 ASP C HB2  1 
ATOM   237  H HB3  . ASP A 1 23 ? -3.820  0.210   4.117   1.00 1.14 ? 23 ASP C HB3  1 
ATOM   238  N N    . LEU A 1 24 ? -4.037  -2.945  3.834   1.00 0.39 ? 24 LEU C N    1 
ATOM   239  C CA   . LEU A 1 24 ? -3.327  -4.233  4.062   1.00 0.46 ? 24 LEU C CA   1 
ATOM   240  C C    . LEU A 1 24 ? -1.853  -3.944  4.349   1.00 0.44 ? 24 LEU C C    1 
ATOM   241  O O    . LEU A 1 24 ? -1.338  -2.900  4.002   1.00 0.54 ? 24 LEU C O    1 
ATOM   242  C CB   . LEU A 1 24 ? -3.427  -5.107  2.808   1.00 0.53 ? 24 LEU C CB   1 
ATOM   243  C CG   . LEU A 1 24 ? -4.770  -5.840  2.790   1.00 0.60 ? 24 LEU C CG   1 
ATOM   244  C CD1  . LEU A 1 24 ? -5.038  -6.372  1.381   1.00 1.65 ? 24 LEU C CD1  1 
ATOM   245  C CD2  . LEU A 1 24 ? -4.725  -7.011  3.770   1.00 1.25 ? 24 LEU C CD2  1 
ATOM   246  H H    . LEU A 1 24 ? -3.929  -2.471  2.983   1.00 0.37 ? 24 LEU C H    1 
ATOM   247  H HA   . LEU A 1 24 ? -3.767  -4.749  4.901   1.00 0.51 ? 24 LEU C HA   1 
ATOM   248  H HB2  . LEU A 1 24 ? -3.345  -4.485  1.928   1.00 0.64 ? 24 LEU C HB2  1 
ATOM   249  H HB3  . LEU A 1 24 ? -2.627  -5.832  2.811   1.00 0.63 ? 24 LEU C HB3  1 
ATOM   250  H HG   . LEU A 1 24 ? -5.558  -5.157  3.074   1.00 1.30 ? 24 LEU C HG   1 
ATOM   251  H HD11 . LEU A 1 24 ? -4.997  -5.558  0.674   1.00 2.24 ? 24 LEU C HD11 1 
ATOM   252  H HD12 . LEU A 1 24 ? -4.288  -7.108  1.126   1.00 2.08 ? 24 LEU C HD12 1 
ATOM   253  H HD13 . LEU A 1 24 ? -6.015  -6.830  1.349   1.00 2.27 ? 24 LEU C HD13 1 
ATOM   254  H HD21 . LEU A 1 24 ? -3.748  -7.471  3.737   1.00 1.87 ? 24 LEU C HD21 1 
ATOM   255  H HD22 . LEU A 1 24 ? -4.921  -6.652  4.769   1.00 1.82 ? 24 LEU C HD22 1 
ATOM   256  H HD23 . LEU A 1 24 ? -5.474  -7.739  3.495   1.00 1.83 ? 24 LEU C HD23 1 
ATOM   257  N N    . SER A 1 25 ? -1.169  -4.860  4.972   1.00 0.39 ? 25 SER C N    1 
ATOM   258  C CA   . SER A 1 25 ? 0.272   -4.636  5.270   1.00 0.38 ? 25 SER C CA   1 
ATOM   259  C C    . SER A 1 25 ? 1.116   -5.309  4.188   1.00 0.40 ? 25 SER C C    1 
ATOM   260  O O    . SER A 1 25 ? 0.868   -6.437  3.813   1.00 0.44 ? 25 SER C O    1 
ATOM   261  C CB   . SER A 1 25 ? 0.612   -5.246  6.629   1.00 0.41 ? 25 SER C CB   1 
ATOM   262  O OG   . SER A 1 25 ? -0.556  -5.836  7.183   1.00 0.44 ? 25 SER C OG   1 
ATOM   263  H H    . SER A 1 25 ? -1.599  -5.699  5.240   1.00 0.42 ? 25 SER C H    1 
ATOM   264  H HA   . SER A 1 25 ? 0.477   -3.576  5.285   1.00 0.36 ? 25 SER C HA   1 
ATOM   265  H HB2  . SER A 1 25 ? 1.367   -6.004  6.505   1.00 0.44 ? 25 SER C HB2  1 
ATOM   266  H HB3  . SER A 1 25 ? 0.985   -4.475  7.285   1.00 0.41 ? 25 SER C HB3  1 
ATOM   267  H HG   . SER A 1 25 ? -0.285  -6.582  7.723   1.00 0.84 ? 25 SER C HG   1 
ATOM   268  N N    . PHE A 1 26 ? 2.113   -4.636  3.682   1.00 0.39 ? 26 PHE C N    1 
ATOM   269  C CA   . PHE A 1 26 ? 2.957   -5.269  2.630   1.00 0.42 ? 26 PHE C CA   1 
ATOM   270  C C    . PHE A 1 26 ? 4.416   -5.304  3.083   1.00 0.43 ? 26 PHE C C    1 
ATOM   271  O O    . PHE A 1 26 ? 4.746   -4.905  4.182   1.00 0.43 ? 26 PHE C O    1 
ATOM   272  C CB   . PHE A 1 26 ? 2.848   -4.502  1.309   1.00 0.40 ? 26 PHE C CB   1 
ATOM   273  C CG   . PHE A 1 26 ? 2.823   -3.010  1.536   1.00 0.37 ? 26 PHE C CG   1 
ATOM   274  C CD1  . PHE A 1 26 ? 3.992   -2.347  1.915   1.00 1.30 ? 26 PHE C CD1  1 
ATOM   275  C CD2  . PHE A 1 26 ? 1.645   -2.284  1.321   1.00 1.21 ? 26 PHE C CD2  1 
ATOM   276  C CE1  . PHE A 1 26 ? 3.988   -0.957  2.079   1.00 1.28 ? 26 PHE C CE1  1 
ATOM   277  C CE2  . PHE A 1 26 ? 1.638   -0.895  1.494   1.00 1.22 ? 26 PHE C CE2  1 
ATOM   278  C CZ   . PHE A 1 26 ? 2.811   -0.232  1.869   1.00 0.33 ? 26 PHE C CZ   1 
ATOM   279  H H    . PHE A 1 26 ? 2.308   -3.729  3.997   1.00 0.37 ? 26 PHE C H    1 
ATOM   280  H HA   . PHE A 1 26 ? 2.617   -6.283  2.475   1.00 0.45 ? 26 PHE C HA   1 
ATOM   281  H HB2  . PHE A 1 26 ? 3.704   -4.738  0.696   1.00 0.41 ? 26 PHE C HB2  1 
ATOM   282  H HB3  . PHE A 1 26 ? 1.947   -4.800  0.794   1.00 0.42 ? 26 PHE C HB3  1 
ATOM   283  H HD1  . PHE A 1 26 ? 4.895   -2.909  2.087   1.00 2.21 ? 26 PHE C HD1  1 
ATOM   284  H HD2  . PHE A 1 26 ? 0.740   -2.796  1.032   1.00 2.11 ? 26 PHE C HD2  1 
ATOM   285  H HE1  . PHE A 1 26 ? 4.893   -0.447  2.370   1.00 2.18 ? 26 PHE C HE1  1 
ATOM   286  H HE2  . PHE A 1 26 ? 0.730   -0.335  1.333   1.00 2.14 ? 26 PHE C HE2  1 
ATOM   287  H HZ   . PHE A 1 26 ? 2.807   0.841   1.996   1.00 0.33 ? 26 PHE C HZ   1 
ATOM   288  N N    . LYS A 1 27 ? 5.291   -5.792  2.244   1.00 0.49 ? 27 LYS C N    1 
ATOM   289  C CA   . LYS A 1 27 ? 6.730   -5.866  2.624   1.00 0.53 ? 27 LYS C CA   1 
ATOM   290  C C    . LYS A 1 27 ? 7.564   -5.010  1.667   1.00 0.48 ? 27 LYS C C    1 
ATOM   291  O O    . LYS A 1 27 ? 7.072   -4.515  0.671   1.00 0.50 ? 27 LYS C O    1 
ATOM   292  C CB   . LYS A 1 27 ? 7.198   -7.320  2.550   1.00 0.62 ? 27 LYS C CB   1 
ATOM   293  C CG   . LYS A 1 27 ? 6.760   -8.059  3.815   1.00 1.13 ? 27 LYS C CG   1 
ATOM   294  C CD   . LYS A 1 27 ? 7.733   -9.202  4.104   1.00 1.53 ? 27 LYS C CD   1 
ATOM   295  C CE   . LYS A 1 27 ? 6.948   -10.493 4.330   1.00 2.34 ? 27 LYS C CE   1 
ATOM   296  N NZ   . LYS A 1 27 ? 7.892   -11.600 4.655   1.00 3.15 ? 27 LYS C NZ   1 
ATOM   297  H H    . LYS A 1 27 ? 5.000   -6.116  1.367   1.00 0.52 ? 27 LYS C H    1 
ATOM   298  H HA   . LYS A 1 27 ? 6.852   -5.503  3.632   1.00 0.58 ? 27 LYS C HA   1 
ATOM   299  H HB2  . LYS A 1 27 ? 6.760   -7.796  1.684   1.00 1.07 ? 27 LYS C HB2  1 
ATOM   300  H HB3  . LYS A 1 27 ? 8.275   -7.350  2.473   1.00 1.07 ? 27 LYS C HB3  1 
ATOM   301  H HG2  . LYS A 1 27 ? 6.754   -7.371  4.650   1.00 1.70 ? 27 LYS C HG2  1 
ATOM   302  H HG3  . LYS A 1 27 ? 5.768   -8.461  3.673   1.00 1.83 ? 27 LYS C HG3  1 
ATOM   303  H HD2  . LYS A 1 27 ? 8.400   -9.327  3.262   1.00 2.10 ? 27 LYS C HD2  1 
ATOM   304  H HD3  . LYS A 1 27 ? 8.309   -8.972  4.987   1.00 1.83 ? 27 LYS C HD3  1 
ATOM   305  H HE2  . LYS A 1 27 ? 6.258   -10.356 5.151   1.00 2.61 ? 27 LYS C HE2  1 
ATOM   306  H HE3  . LYS A 1 27 ? 6.398   -10.742 3.435   1.00 2.87 ? 27 LYS C HE3  1 
ATOM   307  H HZ1  . LYS A 1 27 ? 8.858   -11.222 4.723   1.00 3.69 ? 27 LYS C HZ1  1 
ATOM   308  H HZ2  . LYS A 1 27 ? 7.622   -12.028 5.564   1.00 3.51 ? 27 LYS C HZ2  1 
ATOM   309  H HZ3  . LYS A 1 27 ? 7.855   -12.319 3.907   1.00 3.39 ? 27 LYS C HZ3  1 
ATOM   310  N N    . LYS A 1 28 ? 8.824   -4.831  1.960   1.00 0.49 ? 28 LYS C N    1 
ATOM   311  C CA   . LYS A 1 28 ? 9.690   -4.008  1.071   1.00 0.50 ? 28 LYS C CA   1 
ATOM   312  C C    . LYS A 1 28 ? 10.008  -4.797  -0.200  1.00 0.48 ? 28 LYS C C    1 
ATOM   313  O O    . LYS A 1 28 ? 10.512  -5.901  -0.147  1.00 0.66 ? 28 LYS C O    1 
ATOM   314  C CB   . LYS A 1 28 ? 10.990  -3.666  1.801   1.00 0.61 ? 28 LYS C CB   1 
ATOM   315  C CG   . LYS A 1 28 ? 11.902  -2.862  0.873   1.00 0.89 ? 28 LYS C CG   1 
ATOM   316  C CD   . LYS A 1 28 ? 13.287  -3.510  0.831   1.00 1.33 ? 28 LYS C CD   1 
ATOM   317  C CE   . LYS A 1 28 ? 14.360  -2.420  0.833   1.00 2.07 ? 28 LYS C CE   1 
ATOM   318  N NZ   . LYS A 1 28 ? 15.703  -3.043  1.003   1.00 2.81 ? 28 LYS C NZ   1 
ATOM   319  H H    . LYS A 1 28 ? 9.201   -5.239  2.767   1.00 0.55 ? 28 LYS C H    1 
ATOM   320  H HA   . LYS A 1 28 ? 9.173   -3.096  0.810   1.00 0.51 ? 28 LYS C HA   1 
ATOM   321  H HB2  . LYS A 1 28 ? 10.765  -3.082  2.681   1.00 0.77 ? 28 LYS C HB2  1 
ATOM   322  H HB3  . LYS A 1 28 ? 11.491  -4.578  2.091   1.00 0.74 ? 28 LYS C HB3  1 
ATOM   323  H HG2  . LYS A 1 28 ? 11.480  -2.848  -0.122  1.00 1.16 ? 28 LYS C HG2  1 
ATOM   324  H HG3  . LYS A 1 28 ? 11.990  -1.852  1.241   1.00 1.38 ? 28 LYS C HG3  1 
ATOM   325  H HD2  . LYS A 1 28 ? 13.414  -4.143  1.698   1.00 1.74 ? 28 LYS C HD2  1 
ATOM   326  H HD3  . LYS A 1 28 ? 13.381  -4.103  -0.066  1.00 1.92 ? 28 LYS C HD3  1 
ATOM   327  H HE2  . LYS A 1 28 ? 14.329  -1.883  -0.104  1.00 2.56 ? 28 LYS C HE2  1 
ATOM   328  H HE3  . LYS A 1 28 ? 14.176  -1.735  1.647   1.00 2.43 ? 28 LYS C HE3  1 
ATOM   329  H HZ1  . LYS A 1 28 ? 15.661  -3.757  1.756   1.00 3.19 ? 28 LYS C HZ1  1 
ATOM   330  H HZ2  . LYS A 1 28 ? 15.991  -3.497  0.113   1.00 3.19 ? 28 LYS C HZ2  1 
ATOM   331  H HZ3  . LYS A 1 28 ? 16.396  -2.309  1.258   1.00 3.17 ? 28 LYS C HZ3  1 
ATOM   332  N N    . GLY A 1 29 ? 9.719   -4.238  -1.343  1.00 0.50 ? 29 GLY C N    1 
ATOM   333  C CA   . GLY A 1 29 ? 10.004  -4.958  -2.615  1.00 0.57 ? 29 GLY C CA   1 
ATOM   334  C C    . GLY A 1 29 ? 8.742   -5.686  -3.081  1.00 0.53 ? 29 GLY C C    1 
ATOM   335  O O    . GLY A 1 29 ? 8.678   -6.193  -4.184  1.00 0.60 ? 29 GLY C O    1 
ATOM   336  H H    . GLY A 1 29 ? 9.312   -3.347  -1.364  1.00 0.62 ? 29 GLY C H    1 
ATOM   337  H HA2  . GLY A 1 29 ? 10.310  -4.246  -3.369  1.00 0.63 ? 29 GLY C HA2  1 
ATOM   338  H HA3  . GLY A 1 29 ? 10.792  -5.677  -2.455  1.00 0.65 ? 29 GLY C HA3  1 
ATOM   339  N N    . GLU A 1 30 ? 7.737   -5.743  -2.251  1.00 0.50 ? 30 GLU C N    1 
ATOM   340  C CA   . GLU A 1 30 ? 6.481   -6.438  -2.650  1.00 0.53 ? 30 GLU C CA   1 
ATOM   341  C C    . GLU A 1 30 ? 5.769   -5.621  -3.729  1.00 0.45 ? 30 GLU C C    1 
ATOM   342  O O    . GLU A 1 30 ? 5.799   -4.407  -3.722  1.00 0.49 ? 30 GLU C O    1 
ATOM   343  C CB   . GLU A 1 30 ? 5.567   -6.582  -1.432  1.00 0.62 ? 30 GLU C CB   1 
ATOM   344  C CG   . GLU A 1 30 ? 4.355   -7.439  -1.803  1.00 0.77 ? 30 GLU C CG   1 
ATOM   345  C CD   . GLU A 1 30 ? 3.846   -8.168  -0.558  1.00 1.04 ? 30 GLU C CD   1 
ATOM   346  O OE1  . GLU A 1 30 ? 3.461   -7.495  0.384   1.00 1.13 ? 30 GLU C OE1  1 
ATOM   347  O OE2  . GLU A 1 30 ? 3.849   -9.389  -0.568  1.00 1.87 ? 30 GLU C OE2  1 
ATOM   348  H H    . GLU A 1 30 ? 7.808   -5.328  -1.365  1.00 0.52 ? 30 GLU C H    1 
ATOM   349  H HA   . GLU A 1 30 ? 6.720   -7.418  -3.038  1.00 0.62 ? 30 GLU C HA   1 
ATOM   350  H HB2  . GLU A 1 30 ? 6.111   -7.054  -0.627  1.00 0.91 ? 30 GLU C HB2  1 
ATOM   351  H HB3  . GLU A 1 30 ? 5.231   -5.605  -1.116  1.00 0.94 ? 30 GLU C HB3  1 
ATOM   352  H HG2  . GLU A 1 30 ? 3.573   -6.806  -2.195  1.00 1.15 ? 30 GLU C HG2  1 
ATOM   353  H HG3  . GLU A 1 30 ? 4.641   -8.163  -2.550  1.00 1.20 ? 30 GLU C HG3  1 
ATOM   354  N N    . ARG A 1 31 ? 5.128   -6.276  -4.658  1.00 0.50 ? 31 ARG C N    1 
ATOM   355  C CA   . ARG A 1 31 ? 4.415   -5.533  -5.734  1.00 0.50 ? 31 ARG C CA   1 
ATOM   356  C C    . ARG A 1 31 ? 2.917   -5.508  -5.429  1.00 0.44 ? 31 ARG C C    1 
ATOM   357  O O    . ARG A 1 31 ? 2.334   -6.505  -5.051  1.00 0.60 ? 31 ARG C O    1 
ATOM   358  C CB   . ARG A 1 31 ? 4.652   -6.227  -7.077  1.00 0.67 ? 31 ARG C CB   1 
ATOM   359  C CG   . ARG A 1 31 ? 6.142   -6.538  -7.237  1.00 0.97 ? 31 ARG C CG   1 
ATOM   360  C CD   . ARG A 1 31 ? 6.553   -6.334  -8.695  1.00 1.31 ? 31 ARG C CD   1 
ATOM   361  N NE   . ARG A 1 31 ? 6.488   -7.637  -9.416  1.00 1.97 ? 31 ARG C NE   1 
ATOM   362  C CZ   . ARG A 1 31 ? 7.080   -7.778  -10.571 1.00 2.71 ? 31 ARG C CZ   1 
ATOM   363  N NH1  . ARG A 1 31 ? 7.731   -6.779  -11.103 1.00 3.06 ? 31 ARG C NH1  1 
ATOM   364  N NH2  . ARG A 1 31 ? 7.020   -8.922  -11.196 1.00 3.62 ? 31 ARG C NH2  1 
ATOM   365  H H    . ARG A 1 31 ? 5.115   -7.256  -4.646  1.00 0.63 ? 31 ARG C H    1 
ATOM   366  H HA   . ARG A 1 31 ? 4.790   -4.521  -5.781  1.00 0.50 ? 31 ARG C HA   1 
ATOM   367  H HB2  . ARG A 1 31 ? 4.085   -7.147  -7.110  1.00 0.83 ? 31 ARG C HB2  1 
ATOM   368  H HB3  . ARG A 1 31 ? 4.333   -5.578  -7.878  1.00 0.77 ? 31 ARG C HB3  1 
ATOM   369  H HG2  . ARG A 1 31 ? 6.716   -5.879  -6.603  1.00 1.62 ? 31 ARG C HG2  1 
ATOM   370  H HG3  . ARG A 1 31 ? 6.328   -7.563  -6.952  1.00 1.57 ? 31 ARG C HG3  1 
ATOM   371  H HD2  . ARG A 1 31 ? 5.882   -5.630  -9.164  1.00 1.85 ? 31 ARG C HD2  1 
ATOM   372  H HD3  . ARG A 1 31 ? 7.562   -5.951  -8.734  1.00 1.92 ? 31 ARG C HD3  1 
ATOM   373  H HE   . ARG A 1 31 ? 6.000   -8.390  -9.020  1.00 2.39 ? 31 ARG C HE   1 
ATOM   374  H HH11 . ARG A 1 31 ? 7.780   -5.902  -10.627 1.00 2.87 ? 31 ARG C HH11 1 
ATOM   375  H HH12 . ARG A 1 31 ? 8.184   -6.893  -11.988 1.00 3.86 ? 31 ARG C HH12 1 
ATOM   376  H HH21 . ARG A 1 31 ? 6.521   -9.688  -10.790 1.00 3.90 ? 31 ARG C HH21 1 
ATOM   377  H HH22 . ARG A 1 31 ? 7.471   -9.033  -12.081 1.00 4.26 ? 31 ARG C HH22 1 
ATOM   378  N N    . LEU A 1 32 ? 2.288   -4.377  -5.592  1.00 0.36 ? 32 LEU C N    1 
ATOM   379  C CA   . LEU A 1 32 ? 0.827   -4.290  -5.311  1.00 0.38 ? 32 LEU C CA   1 
ATOM   380  C C    . LEU A 1 32 ? 0.132   -3.550  -6.454  1.00 0.40 ? 32 LEU C C    1 
ATOM   381  O O    . LEU A 1 32 ? 0.574   -2.505  -6.890  1.00 0.61 ? 32 LEU C O    1 
ATOM   382  C CB   . LEU A 1 32 ? 0.603   -3.530  -4.002  1.00 0.49 ? 32 LEU C CB   1 
ATOM   383  C CG   . LEU A 1 32 ? 1.267   -4.287  -2.851  1.00 0.63 ? 32 LEU C CG   1 
ATOM   384  C CD1  . LEU A 1 32 ? 2.497   -3.514  -2.373  1.00 0.88 ? 32 LEU C CD1  1 
ATOM   385  C CD2  . LEU A 1 32 ? 0.274   -4.428  -1.695  1.00 0.72 ? 32 LEU C CD2  1 
ATOM   386  H H    . LEU A 1 32 ? 2.777   -3.584  -5.897  1.00 0.42 ? 32 LEU C H    1 
ATOM   387  H HA   . LEU A 1 32 ? 0.417   -5.285  -5.224  1.00 0.43 ? 32 LEU C HA   1 
ATOM   388  H HB2  . LEU A 1 32 ? 1.034   -2.542  -4.081  1.00 0.64 ? 32 LEU C HB2  1 
ATOM   389  H HB3  . LEU A 1 32 ? -0.456  -3.446  -3.812  1.00 0.62 ? 32 LEU C HB3  1 
ATOM   390  H HG   . LEU A 1 32 ? 1.567   -5.268  -3.191  1.00 0.90 ? 32 LEU C HG   1 
ATOM   391  H HD11 . LEU A 1 32 ? 3.001   -3.078  -3.223  1.00 1.50 ? 32 LEU C HD11 1 
ATOM   392  H HD12 . LEU A 1 32 ? 2.190   -2.731  -1.696  1.00 1.32 ? 32 LEU C HD12 1 
ATOM   393  H HD13 . LEU A 1 32 ? 3.170   -4.188  -1.863  1.00 1.32 ? 32 LEU C HD13 1 
ATOM   394  H HD21 . LEU A 1 32 ? -0.596  -3.818  -1.892  1.00 1.34 ? 32 LEU C HD21 1 
ATOM   395  H HD22 . LEU A 1 32 ? -0.025  -5.461  -1.600  1.00 1.23 ? 32 LEU C HD22 1 
ATOM   396  H HD23 . LEU A 1 32 ? 0.740   -4.102  -0.777  1.00 1.30 ? 32 LEU C HD23 1 
ATOM   397  N N    . GLN A 1 33 ? -0.954  -4.080  -6.943  1.00 0.38 ? 33 GLN C N    1 
ATOM   398  C CA   . GLN A 1 33 ? -1.676  -3.405  -8.057  1.00 0.45 ? 33 GLN C CA   1 
ATOM   399  C C    . GLN A 1 33 ? -2.426  -2.189  -7.511  1.00 0.44 ? 33 GLN C C    1 
ATOM   400  O O    . GLN A 1 33 ? -3.306  -2.310  -6.682  1.00 0.79 ? 33 GLN C O    1 
ATOM   401  C CB   . GLN A 1 33 ? -2.673  -4.382  -8.684  1.00 0.55 ? 33 GLN C CB   1 
ATOM   402  C CG   . GLN A 1 33 ? -2.608  -4.270  -10.208 1.00 1.16 ? 33 GLN C CG   1 
ATOM   403  C CD   . GLN A 1 33 ? -3.816  -4.979  -10.823 1.00 1.71 ? 33 GLN C CD   1 
ATOM   404  O OE1  . GLN A 1 33 ? -4.263  -4.625  -11.895 1.00 2.31 ? 33 GLN C OE1  1 
ATOM   405  N NE2  . GLN A 1 33 ? -4.368  -5.974  -10.183 1.00 2.38 ? 33 GLN C NE2  1 
ATOM   406  H H    . GLN A 1 33 ? -1.295  -4.924  -6.577  1.00 0.48 ? 33 GLN C H    1 
ATOM   407  H HA   . GLN A 1 33 ? -0.966  -3.086  -8.805  1.00 0.50 ? 33 GLN C HA   1 
ATOM   408  H HB2  . GLN A 1 33 ? -2.424  -5.390  -8.386  1.00 0.92 ? 33 GLN C HB2  1 
ATOM   409  H HB3  . GLN A 1 33 ? -3.671  -4.143  -8.349  1.00 1.03 ? 33 GLN C HB3  1 
ATOM   410  H HG2  . GLN A 1 33 ? -2.618  -3.228  -10.492 1.00 1.95 ? 33 GLN C HG2  1 
ATOM   411  H HG3  . GLN A 1 33 ? -1.701  -4.733  -10.566 1.00 1.51 ? 33 GLN C HG3  1 
ATOM   412  H HE21 . GLN A 1 33 ? -4.007  -6.259  -9.317  1.00 2.62 ? 33 GLN C HE21 1 
ATOM   413  H HE22 . GLN A 1 33 ? -5.142  -6.435  -10.567 1.00 2.99 ? 33 GLN C HE22 1 
ATOM   414  N N    . ILE A 1 34 ? -2.085  -1.016  -7.968  1.00 0.45 ? 34 ILE C N    1 
ATOM   415  C CA   . ILE A 1 34 ? -2.777  0.207   -7.472  1.00 0.42 ? 34 ILE C CA   1 
ATOM   416  C C    . ILE A 1 34 ? -4.193  0.269   -8.052  1.00 0.39 ? 34 ILE C C    1 
ATOM   417  O O    . ILE A 1 34 ? -4.418  -0.050  -9.203  1.00 0.51 ? 34 ILE C O    1 
ATOM   418  C CB   . ILE A 1 34 ? -1.995  1.447   -7.906  1.00 0.47 ? 34 ILE C CB   1 
ATOM   419  C CG1  . ILE A 1 34 ? -0.667  1.503   -7.146  1.00 0.61 ? 34 ILE C CG1  1 
ATOM   420  C CG2  . ILE A 1 34 ? -2.812  2.703   -7.594  1.00 0.51 ? 34 ILE C CG2  1 
ATOM   421  C CD1  . ILE A 1 34 ? -0.939  1.496   -5.640  1.00 0.54 ? 34 ILE C CD1  1 
ATOM   422  H H    . ILE A 1 34 ? -1.372  -0.938  -8.637  1.00 0.74 ? 34 ILE C H    1 
ATOM   423  H HA   . ILE A 1 34 ? -2.833  0.176   -6.394  1.00 0.41 ? 34 ILE C HA   1 
ATOM   424  H HB   . ILE A 1 34 ? -1.803  1.399   -8.969  1.00 0.51 ? 34 ILE C HB   1 
ATOM   425  H HG12 . ILE A 1 34 ? -0.066  0.645   -7.409  1.00 0.81 ? 34 ILE C HG12 1 
ATOM   426  H HG13 . ILE A 1 34 ? -0.138  2.406   -7.410  1.00 0.89 ? 34 ILE C HG13 1 
ATOM   427  H HG21 . ILE A 1 34 ? -3.299  2.586   -6.638  1.00 1.25 ? 34 ILE C HG21 1 
ATOM   428  H HG22 . ILE A 1 34 ? -2.156  3.561   -7.561  1.00 1.10 ? 34 ILE C HG22 1 
ATOM   429  H HG23 . ILE A 1 34 ? -3.557  2.848   -8.362  1.00 1.08 ? 34 ILE C HG23 1 
ATOM   430  H HD11 . ILE A 1 34 ? -1.758  2.164   -5.419  1.00 1.11 ? 34 ILE C HD11 1 
ATOM   431  H HD12 . ILE A 1 34 ? -1.195  0.495   -5.326  1.00 1.33 ? 34 ILE C HD12 1 
ATOM   432  H HD13 . ILE A 1 34 ? -0.054  1.824   -5.114  1.00 1.00 ? 34 ILE C HD13 1 
ATOM   433  N N    . VAL A 1 35 ? -5.148  0.681   -7.264  1.00 0.35 ? 35 VAL C N    1 
ATOM   434  C CA   . VAL A 1 35 ? -6.548  0.767   -7.768  1.00 0.37 ? 35 VAL C CA   1 
ATOM   435  C C    . VAL A 1 35 ? -6.979  2.233   -7.815  1.00 0.42 ? 35 VAL C C    1 
ATOM   436  O O    . VAL A 1 35 ? -7.057  2.835   -8.867  1.00 0.51 ? 35 VAL C O    1 
ATOM   437  C CB   . VAL A 1 35 ? -7.479  -0.008  -6.832  1.00 0.38 ? 35 VAL C CB   1 
ATOM   438  C CG1  . VAL A 1 35 ? -8.883  -0.059  -7.437  1.00 0.48 ? 35 VAL C CG1  1 
ATOM   439  C CG2  . VAL A 1 35 ? -6.950  -1.432  -6.653  1.00 0.41 ? 35 VAL C CG2  1 
ATOM   440  H H    . VAL A 1 35 ? -4.944  0.934   -6.340  1.00 0.39 ? 35 VAL C H    1 
ATOM   441  H HA   . VAL A 1 35 ? -6.602  0.345   -8.758  1.00 0.40 ? 35 VAL C HA   1 
ATOM   442  H HB   . VAL A 1 35 ? -7.520  0.488   -5.873  1.00 0.38 ? 35 VAL C HB   1 
ATOM   443  H HG11 . VAL A 1 35 ? -9.204  0.942   -7.688  1.00 1.13 ? 35 VAL C HG11 1 
ATOM   444  H HG12 . VAL A 1 35 ? -8.869  -0.667  -8.330  1.00 1.01 ? 35 VAL C HG12 1 
ATOM   445  H HG13 . VAL A 1 35 ? -9.568  -0.488  -6.722  1.00 1.23 ? 35 VAL C HG13 1 
ATOM   446  H HG21 . VAL A 1 35 ? -5.903  -1.397  -6.393  1.00 1.10 ? 35 VAL C HG21 1 
ATOM   447  H HG22 . VAL A 1 35 ? -7.502  -1.924  -5.866  1.00 1.09 ? 35 VAL C HG22 1 
ATOM   448  H HG23 . VAL A 1 35 ? -7.074  -1.980  -7.576  1.00 1.09 ? 35 VAL C HG23 1 
ATOM   449  N N    . ASN A 1 36 ? -7.257  2.810   -6.681  1.00 0.45 ? 36 ASN C N    1 
ATOM   450  C CA   . ASN A 1 36 ? -7.680  4.236   -6.651  1.00 0.54 ? 36 ASN C CA   1 
ATOM   451  C C    . ASN A 1 36 ? -6.598  5.064   -5.956  1.00 0.47 ? 36 ASN C C    1 
ATOM   452  O O    . ASN A 1 36 ? -6.326  4.887   -4.785  1.00 0.43 ? 36 ASN C O    1 
ATOM   453  C CB   . ASN A 1 36 ? -8.995  4.364   -5.880  1.00 0.66 ? 36 ASN C CB   1 
ATOM   454  C CG   . ASN A 1 36 ? -9.968  5.238   -6.673  1.00 1.19 ? 36 ASN C CG   1 
ATOM   455  O OD1  . ASN A 1 36 ? -9.559  6.011   -7.517  1.00 1.80 ? 36 ASN C OD1  1 
ATOM   456  N ND2  . ASN A 1 36 ? -11.248 5.149   -6.436  1.00 1.86 ? 36 ASN C ND2  1 
ATOM   457  H H    . ASN A 1 36 ? -7.184  2.303   -5.847  1.00 0.45 ? 36 ASN C H    1 
ATOM   458  H HA   . ASN A 1 36 ? -7.815  4.594   -7.661  1.00 0.62 ? 36 ASN C HA   1 
ATOM   459  H HB2  . ASN A 1 36 ? -9.425  3.383   -5.738  1.00 1.07 ? 36 ASN C HB2  1 
ATOM   460  H HB3  . ASN A 1 36 ? -8.807  4.818   -4.920  1.00 0.91 ? 36 ASN C HB3  1 
ATOM   461  H HD21 . ASN A 1 36 ? -11.577 4.527   -5.755  1.00 2.25 ? 36 ASN C HD21 1 
ATOM   462  H HD22 . ASN A 1 36 ? -11.880 5.705   -6.937  1.00 2.33 ? 36 ASN C HD22 1 
ATOM   463  N N    . ASN A 1 37 ? -5.975  5.962   -6.670  1.00 0.56 ? 37 ASN C N    1 
ATOM   464  C CA   . ASN A 1 37 ? -4.909  6.796   -6.051  1.00 0.57 ? 37 ASN C CA   1 
ATOM   465  C C    . ASN A 1 37 ? -5.192  8.275   -6.316  1.00 0.72 ? 37 ASN C C    1 
ATOM   466  O O    . ASN A 1 37 ? -4.311  9.031   -6.678  1.00 1.22 ? 37 ASN C O    1 
ATOM   467  C CB   . ASN A 1 37 ? -3.554  6.420   -6.653  1.00 0.74 ? 37 ASN C CB   1 
ATOM   468  C CG   . ASN A 1 37 ? -3.620  6.551   -8.176  1.00 1.26 ? 37 ASN C CG   1 
ATOM   469  O OD1  . ASN A 1 37 ? -4.537  7.146   -8.707  1.00 1.96 ? 37 ASN C OD1  1 
ATOM   470  N ND2  . ASN A 1 37 ? -2.680  6.016   -8.907  1.00 1.97 ? 37 ASN C ND2  1 
ATOM   471  H H    . ASN A 1 37 ? -6.208  6.086   -7.614  1.00 0.67 ? 37 ASN C H    1 
ATOM   472  H HA   . ASN A 1 37 ? -4.890  6.619   -4.987  1.00 0.55 ? 37 ASN C HA   1 
ATOM   473  H HB2  . ASN A 1 37 ? -2.791  7.081   -6.267  1.00 1.06 ? 37 ASN C HB2  1 
ATOM   474  H HB3  . ASN A 1 37 ? -3.313  5.400   -6.393  1.00 1.30 ? 37 ASN C HB3  1 
ATOM   475  H HD21 . ASN A 1 37 ? -1.941  5.535   -8.480  1.00 2.30 ? 37 ASN C HD21 1 
ATOM   476  H HD22 . ASN A 1 37 ? -2.714  6.094   -9.883  1.00 2.55 ? 37 ASN C HD22 1 
ATOM   477  N N    . THR A 1 38 ? -6.414  8.696   -6.140  1.00 0.92 ? 38 THR C N    1 
ATOM   478  C CA   . THR A 1 38 ? -6.751  10.128  -6.382  1.00 1.09 ? 38 THR C CA   1 
ATOM   479  C C    . THR A 1 38 ? -7.565  10.664  -5.204  1.00 1.37 ? 38 THR C C    1 
ATOM   480  O O    . THR A 1 38 ? -8.152  11.726  -5.275  1.00 1.86 ? 38 THR C O    1 
ATOM   481  C CB   . THR A 1 38 ? -7.572  10.248  -7.667  1.00 1.28 ? 38 THR C CB   1 
ATOM   482  O OG1  . THR A 1 38 ? -7.781  11.622  -7.967  1.00 1.48 ? 38 THR C OG1  1 
ATOM   483  C CG2  . THR A 1 38 ? -8.923  9.554   -7.479  1.00 1.46 ? 38 THR C CG2  1 
ATOM   484  H H    . THR A 1 38 ? -7.111  8.071   -5.848  1.00 1.31 ? 38 THR C H    1 
ATOM   485  H HA   . THR A 1 38 ? -5.840  10.699  -6.482  1.00 1.14 ? 38 THR C HA   1 
ATOM   486  H HB   . THR A 1 38 ? -7.043  9.778   -8.481  1.00 1.32 ? 38 THR C HB   1 
ATOM   487  H HG1  . THR A 1 38 ? -7.973  11.695  -8.904  1.00 1.85 ? 38 THR C HG1  1 
ATOM   488  H HG21 . THR A 1 38 ? -8.766  8.570   -7.064  1.00 1.82 ? 38 THR C HG21 1 
ATOM   489  H HG22 . THR A 1 38 ? -9.535  10.135  -6.804  1.00 1.86 ? 38 THR C HG22 1 
ATOM   490  H HG23 . THR A 1 38 ? -9.420  9.468   -8.432  1.00 1.82 ? 38 THR C HG23 1 
ATOM   491  N N    . GLU A 1 39 ? -7.604  9.941   -4.119  1.00 1.46 ? 39 GLU C N    1 
ATOM   492  C CA   . GLU A 1 39 ? -8.381  10.411  -2.937  1.00 1.87 ? 39 GLU C CA   1 
ATOM   493  C C    . GLU A 1 39 ? -7.477  11.251  -2.035  1.00 1.30 ? 39 GLU C C    1 
ATOM   494  O O    . GLU A 1 39 ? -7.801  12.368  -1.680  1.00 1.76 ? 39 GLU C O    1 
ATOM   495  C CB   . GLU A 1 39 ? -8.899  9.204   -2.154  1.00 2.52 ? 39 GLU C CB   1 
ATOM   496  C CG   . GLU A 1 39 ? -9.936  9.666   -1.128  1.00 3.45 ? 39 GLU C CG   1 
ATOM   497  C CD   . GLU A 1 39 ? -11.297 9.817   -1.809  1.00 4.04 ? 39 GLU C CD   1 
ATOM   498  O OE1  . GLU A 1 39 ? -11.971 8.813   -1.971  1.00 4.51 ? 39 GLU C OE1  1 
ATOM   499  O OE2  . GLU A 1 39 ? -11.642 10.934  -2.157  1.00 4.47 ? 39 GLU C OE2  1 
ATOM   500  H H    . GLU A 1 39 ? -7.124  9.088   -4.081  1.00 1.53 ? 39 GLU C H    1 
ATOM   501  H HA   . GLU A 1 39 ? -9.212  11.010  -3.268  1.00 2.37 ? 39 GLU C HA   1 
ATOM   502  H HB2  . GLU A 1 39 ? -9.356  8.502   -2.838  1.00 2.84 ? 39 GLU C HB2  1 
ATOM   503  H HB3  . GLU A 1 39 ? -8.078  8.726   -1.643  1.00 2.57 ? 39 GLU C HB3  1 
ATOM   504  H HG2  . GLU A 1 39 ? -10.007 8.936   -0.335  1.00 3.92 ? 39 GLU C HG2  1 
ATOM   505  H HG3  . GLU A 1 39 ? -9.634  10.617  -0.716  1.00 3.78 ? 39 GLU C HG3  1 
ATOM   506  N N    . GLY A 1 40 ? -6.348  10.722  -1.664  1.00 0.85 ? 40 GLY C N    1 
ATOM   507  C CA   . GLY A 1 40 ? -5.418  11.486  -0.784  1.00 0.58 ? 40 GLY C CA   1 
ATOM   508  C C    . GLY A 1 40 ? -4.088  10.739  -0.675  1.00 0.49 ? 40 GLY C C    1 
ATOM   509  O O    . GLY A 1 40 ? -3.525  10.304  -1.661  1.00 0.58 ? 40 GLY C O    1 
ATOM   510  H H    . GLY A 1 40 ? -6.112  9.822   -1.965  1.00 1.30 ? 40 GLY C H    1 
ATOM   511  H HA2  . GLY A 1 40 ? -5.248  12.466  -1.206  1.00 0.77 ? 40 GLY C HA2  1 
ATOM   512  H HA3  . GLY A 1 40 ? -5.853  11.585  0.199   1.00 0.87 ? 40 GLY C HA3  1 
ATOM   513  N N    . ASP A 1 41 ? -3.580  10.587  0.517   1.00 0.39 ? 41 ASP C N    1 
ATOM   514  C CA   . ASP A 1 41 ? -2.286  9.869   0.690   1.00 0.35 ? 41 ASP C CA   1 
ATOM   515  C C    . ASP A 1 41 ? -2.552  8.378   0.899   1.00 0.32 ? 41 ASP C C    1 
ATOM   516  O O    . ASP A 1 41 ? -1.694  7.643   1.346   1.00 0.52 ? 41 ASP C O    1 
ATOM   517  C CB   . ASP A 1 41 ? -1.556  10.428  1.913   1.00 0.40 ? 41 ASP C CB   1 
ATOM   518  C CG   . ASP A 1 41 ? -1.217  11.901  1.677   1.00 0.80 ? 41 ASP C CG   1 
ATOM   519  O OD1  . ASP A 1 41 ? -2.135  12.705  1.666   1.00 1.51 ? 41 ASP C OD1  1 
ATOM   520  O OD2  . ASP A 1 41 ? -0.046  12.200  1.512   1.00 1.42 ? 41 ASP C OD2  1 
ATOM   521  H H    . ASP A 1 41 ? -4.049  10.947  1.298   1.00 0.40 ? 41 ASP C H    1 
ATOM   522  H HA   . ASP A 1 41 ? -1.675  10.008  -0.189  1.00 0.38 ? 41 ASP C HA   1 
ATOM   523  H HB2  . ASP A 1 41 ? -2.191  10.337  2.783   1.00 0.60 ? 41 ASP C HB2  1 
ATOM   524  H HB3  . ASP A 1 41 ? -0.644  9.872   2.072   1.00 0.55 ? 41 ASP C HB3  1 
ATOM   525  N N    . TRP A 1 42 ? -3.733  7.924   0.584   1.00 0.33 ? 42 TRP C N    1 
ATOM   526  C CA   . TRP A 1 42 ? -4.045  6.480   0.772   1.00 0.31 ? 42 TRP C CA   1 
ATOM   527  C C    . TRP A 1 42 ? -4.754  5.939   -0.472  1.00 0.31 ? 42 TRP C C    1 
ATOM   528  O O    . TRP A 1 42 ? -5.804  6.411   -0.858  1.00 0.40 ? 42 TRP C O    1 
ATOM   529  C CB   . TRP A 1 42 ? -4.944  6.313   1.998   1.00 0.32 ? 42 TRP C CB   1 
ATOM   530  C CG   . TRP A 1 42 ? -4.121  6.485   3.234   1.00 0.29 ? 42 TRP C CG   1 
ATOM   531  C CD1  . TRP A 1 42 ? -3.991  7.640   3.929   1.00 0.30 ? 42 TRP C CD1  1 
ATOM   532  C CD2  . TRP A 1 42 ? -3.309  5.496   3.929   1.00 0.29 ? 42 TRP C CD2  1 
ATOM   533  N NE1  . TRP A 1 42 ? -3.152  7.420   5.008   1.00 0.30 ? 42 TRP C NE1  1 
ATOM   534  C CE2  . TRP A 1 42 ? -2.706  6.114   5.051   1.00 0.29 ? 42 TRP C CE2  1 
ATOM   535  C CE3  . TRP A 1 42 ? -3.040  4.135   3.698   1.00 0.33 ? 42 TRP C CE3  1 
ATOM   536  C CZ2  . TRP A 1 42 ? -1.866  5.405   5.912   1.00 0.32 ? 42 TRP C CZ2  1 
ATOM   537  C CZ3  . TRP A 1 42 ? -2.195  3.420   4.563   1.00 0.36 ? 42 TRP C CZ3  1 
ATOM   538  C CH2  . TRP A 1 42 ? -1.609  4.055   5.666   1.00 0.35 ? 42 TRP C CH2  1 
ATOM   539  H H    . TRP A 1 42 ? -4.414  8.531   0.227   1.00 0.51 ? 42 TRP C H    1 
ATOM   540  H HA   . TRP A 1 42 ? -3.126  5.934   0.925   1.00 0.30 ? 42 TRP C HA   1 
ATOM   541  H HB2  . TRP A 1 42 ? -5.727  7.058   1.977   1.00 0.35 ? 42 TRP C HB2  1 
ATOM   542  H HB3  . TRP A 1 42 ? -5.384  5.327   1.993   1.00 0.35 ? 42 TRP C HB3  1 
ATOM   543  H HD1  . TRP A 1 42 ? -4.464  8.580   3.682   1.00 0.34 ? 42 TRP C HD1  1 
ATOM   544  H HE1  . TRP A 1 42 ? -2.896  8.096   5.672   1.00 0.34 ? 42 TRP C HE1  1 
ATOM   545  H HE3  . TRP A 1 42 ? -3.487  3.637   2.850   1.00 0.36 ? 42 TRP C HE3  1 
ATOM   546  H HZ2  . TRP A 1 42 ? -1.416  5.898   6.761   1.00 0.34 ? 42 TRP C HZ2  1 
ATOM   547  H HZ3  . TRP A 1 42 ? -1.996  2.375   4.375   1.00 0.42 ? 42 TRP C HZ3  1 
ATOM   548  H HH2  . TRP A 1 42 ? -0.960  3.499   6.327   1.00 0.40 ? 42 TRP C HH2  1 
ATOM   549  N N    . TRP A 1 43 ? -4.178  4.953   -1.103  1.00 0.30 ? 43 TRP C N    1 
ATOM   550  C CA   . TRP A 1 43 ? -4.802  4.374   -2.327  1.00 0.31 ? 43 TRP C CA   1 
ATOM   551  C C    . TRP A 1 43 ? -5.219  2.930   -2.048  1.00 0.31 ? 43 TRP C C    1 
ATOM   552  O O    . TRP A 1 43 ? -4.688  2.283   -1.169  1.00 0.31 ? 43 TRP C O    1 
ATOM   553  C CB   . TRP A 1 43 ? -3.781  4.388   -3.463  1.00 0.33 ? 43 TRP C CB   1 
ATOM   554  C CG   . TRP A 1 43 ? -3.061  5.696   -3.476  1.00 0.33 ? 43 TRP C CG   1 
ATOM   555  C CD1  . TRP A 1 43 ? -3.582  6.884   -3.088  1.00 0.38 ? 43 TRP C CD1  1 
ATOM   556  C CD2  . TRP A 1 43 ? -1.699  5.963   -3.894  1.00 0.34 ? 43 TRP C CD2  1 
ATOM   557  N NE1  . TRP A 1 43 ? -2.619  7.866   -3.252  1.00 0.42 ? 43 TRP C NE1  1 
ATOM   558  C CE2  . TRP A 1 43 ? -1.439  7.344   -3.744  1.00 0.39 ? 43 TRP C CE2  1 
ATOM   559  C CE3  . TRP A 1 43 ? -0.674  5.143   -4.385  1.00 0.34 ? 43 TRP C CE3  1 
ATOM   560  C CZ2  . TRP A 1 43 ? -0.199  7.894   -4.074  1.00 0.44 ? 43 TRP C CZ2  1 
ATOM   561  C CZ3  . TRP A 1 43 ? 0.576   5.688   -4.717  1.00 0.38 ? 43 TRP C CZ3  1 
ATOM   562  C CH2  . TRP A 1 43 ? 0.813   7.062   -4.562  1.00 0.42 ? 43 TRP C CH2  1 
ATOM   563  H H    . TRP A 1 43 ? -3.329  4.593   -0.774  1.00 0.33 ? 43 TRP C H    1 
ATOM   564  H HA   . TRP A 1 43 ? -5.666  4.957   -2.607  1.00 0.33 ? 43 TRP C HA   1 
ATOM   565  H HB2  . TRP A 1 43 ? -3.072  3.590   -3.310  1.00 0.33 ? 43 TRP C HB2  1 
ATOM   566  H HB3  . TRP A 1 43 ? -4.278  4.244   -4.406  1.00 0.37 ? 43 TRP C HB3  1 
ATOM   567  H HD1  . TRP A 1 43 ? -4.585  7.042   -2.718  1.00 0.40 ? 43 TRP C HD1  1 
ATOM   568  H HE1  . TRP A 1 43 ? -2.740  8.817   -3.046  1.00 0.47 ? 43 TRP C HE1  1 
ATOM   569  H HE3  . TRP A 1 43 ? -0.854  4.083   -4.507  1.00 0.34 ? 43 TRP C HE3  1 
ATOM   570  H HZ2  . TRP A 1 43 ? -0.023  8.952   -3.952  1.00 0.50 ? 43 TRP C HZ2  1 
ATOM   571  H HZ3  . TRP A 1 43 ? 1.358   5.045   -5.091  1.00 0.40 ? 43 TRP C HZ3  1 
ATOM   572  H HH2  . TRP A 1 43 ? 1.777   7.476   -4.820  1.00 0.47 ? 43 TRP C HH2  1 
ATOM   573  N N    . LEU A 1 44 ? -6.158  2.414   -2.795  1.00 0.32 ? 44 LEU C N    1 
ATOM   574  C CA   . LEU A 1 44 ? -6.590  1.005   -2.570  1.00 0.33 ? 44 LEU C CA   1 
ATOM   575  C C    . LEU A 1 44 ? -5.755  0.077   -3.453  1.00 0.35 ? 44 LEU C C    1 
ATOM   576  O O    . LEU A 1 44 ? -5.866  0.088   -4.661  1.00 0.53 ? 44 LEU C O    1 
ATOM   577  C CB   . LEU A 1 44 ? -8.077  0.854   -2.904  1.00 0.36 ? 44 LEU C CB   1 
ATOM   578  C CG   . LEU A 1 44 ? -8.537  -0.559  -2.541  1.00 0.40 ? 44 LEU C CG   1 
ATOM   579  C CD1  . LEU A 1 44 ? -8.547  -0.718  -1.019  1.00 0.87 ? 44 LEU C CD1  1 
ATOM   580  C CD2  . LEU A 1 44 ? -9.949  -0.788  -3.083  1.00 0.84 ? 44 LEU C CD2  1 
ATOM   581  H H    . LEU A 1 44 ? -6.566  2.947   -3.509  1.00 0.33 ? 44 LEU C H    1 
ATOM   582  H HA   . LEU A 1 44 ? -6.431  0.748   -1.539  1.00 0.33 ? 44 LEU C HA   1 
ATOM   583  H HB2  . LEU A 1 44 ? -8.649  1.576   -2.333  1.00 0.37 ? 44 LEU C HB2  1 
ATOM   584  H HB3  . LEU A 1 44 ? -8.230  1.022   -3.960  1.00 0.37 ? 44 LEU C HB3  1 
ATOM   585  H HG   . LEU A 1 44 ? -7.861  -1.281  -2.974  1.00 0.55 ? 44 LEU C HG   1 
ATOM   586  H HD11 . LEU A 1 44 ? -7.707  -0.189  -0.596  1.00 1.44 ? 44 LEU C HD11 1 
ATOM   587  H HD12 . LEU A 1 44 ? -9.465  -0.312  -0.620  1.00 1.53 ? 44 LEU C HD12 1 
ATOM   588  H HD13 . LEU A 1 44 ? -8.477  -1.764  -0.765  1.00 1.31 ? 44 LEU C HD13 1 
ATOM   589  H HD21 . LEU A 1 44 ? -10.265 0.078   -3.647  1.00 1.52 ? 44 LEU C HD21 1 
ATOM   590  H HD22 . LEU A 1 44 ? -9.952  -1.656  -3.726  1.00 1.37 ? 44 LEU C HD22 1 
ATOM   591  H HD23 . LEU A 1 44 ? -10.629 -0.948  -2.259  1.00 1.27 ? 44 LEU C HD23 1 
ATOM   592  N N    . ALA A 1 45 ? -4.906  -0.722  -2.862  1.00 0.34 ? 45 ALA C N    1 
ATOM   593  C CA   . ALA A 1 45 ? -4.057  -1.636  -3.678  1.00 0.36 ? 45 ALA C CA   1 
ATOM   594  C C    . ALA A 1 45 ? -4.642  -3.050  -3.661  1.00 0.32 ? 45 ALA C C    1 
ATOM   595  O O    . ALA A 1 45 ? -5.553  -3.351  -2.916  1.00 0.42 ? 45 ALA C O    1 
ATOM   596  C CB   . ALA A 1 45 ? -2.641  -1.669  -3.099  1.00 0.50 ? 45 ALA C CB   1 
ATOM   597  H H    . ALA A 1 45 ? -4.821  -0.714  -1.884  1.00 0.46 ? 45 ALA C H    1 
ATOM   598  H HA   . ALA A 1 45 ? -4.020  -1.278  -4.695  1.00 0.39 ? 45 ALA C HA   1 
ATOM   599  H HB1  . ALA A 1 45 ? -2.684  -1.950  -2.057  1.00 1.12 ? 45 ALA C HB1  1 
ATOM   600  H HB2  . ALA A 1 45 ? -2.046  -2.387  -3.642  1.00 1.24 ? 45 ALA C HB2  1 
ATOM   601  H HB3  . ALA A 1 45 ? -2.194  -0.689  -3.188  1.00 1.04 ? 45 ALA C HB3  1 
ATOM   602  N N    . HIS A 1 46 ? -4.116  -3.921  -4.479  1.00 0.34 ? 46 HIS C N    1 
ATOM   603  C CA   . HIS A 1 46 ? -4.627  -5.319  -4.521  1.00 0.39 ? 46 HIS C CA   1 
ATOM   604  C C    . HIS A 1 46 ? -3.441  -6.285  -4.586  1.00 0.49 ? 46 HIS C C    1 
ATOM   605  O O    . HIS A 1 46 ? -2.736  -6.350  -5.575  1.00 0.57 ? 46 HIS C O    1 
ATOM   606  C CB   . HIS A 1 46 ? -5.513  -5.501  -5.758  1.00 0.53 ? 46 HIS C CB   1 
ATOM   607  C CG   . HIS A 1 46 ? -5.739  -6.967  -6.010  1.00 0.69 ? 46 HIS C CG   1 
ATOM   608  N ND1  . HIS A 1 46 ? -6.602  -7.727  -5.236  1.00 0.96 ? 46 HIS C ND1  1 
ATOM   609  C CD2  . HIS A 1 46 ? -5.219  -7.828  -6.946  1.00 0.96 ? 46 HIS C CD2  1 
ATOM   610  C CE1  . HIS A 1 46 ? -6.576  -8.984  -5.716  1.00 1.06 ? 46 HIS C CE1  1 
ATOM   611  N NE2  . HIS A 1 46 ? -5.749  -9.100  -6.758  1.00 1.05 ? 46 HIS C NE2  1 
ATOM   612  H H    . HIS A 1 46 ? -3.380  -3.653  -5.068  1.00 0.43 ? 46 HIS C H    1 
ATOM   613  H HA   . HIS A 1 46 ? -5.205  -5.518  -3.630  1.00 0.43 ? 46 HIS C HA   1 
ATOM   614  H HB2  . HIS A 1 46 ? -6.462  -5.014  -5.595  1.00 0.58 ? 46 HIS C HB2  1 
ATOM   615  H HB3  . HIS A 1 46 ? -5.025  -5.060  -6.615  1.00 0.59 ? 46 HIS C HB3  1 
ATOM   616  H HD1  . HIS A 1 46 ? -7.135  -7.407  -4.479  1.00 1.21 ? 46 HIS C HD1  1 
ATOM   617  H HD2  . HIS A 1 46 ? -4.508  -7.557  -7.712  1.00 1.25 ? 46 HIS C HD2  1 
ATOM   618  H HE1  . HIS A 1 46 ? -7.152  -9.801  -5.307  1.00 1.32 ? 46 HIS C HE1  1 
ATOM   619  N N    . SER A 1 47 ? -3.213  -7.034  -3.543  1.00 0.61 ? 47 SER C N    1 
ATOM   620  C CA   . SER A 1 47 ? -2.072  -7.992  -3.548  1.00 0.79 ? 47 SER C CA   1 
ATOM   621  C C    . SER A 1 47 ? -2.328  -9.090  -4.582  1.00 0.83 ? 47 SER C C    1 
ATOM   622  O O    . SER A 1 47 ? -3.360  -9.732  -4.577  1.00 0.89 ? 47 SER C O    1 
ATOM   623  C CB   . SER A 1 47 ? -1.928  -8.621  -2.162  1.00 0.96 ? 47 SER C CB   1 
ATOM   624  O OG   . SER A 1 47 ? -1.617  -7.606  -1.216  1.00 1.10 ? 47 SER C OG   1 
ATOM   625  H H    . SER A 1 47 ? -3.792  -6.966  -2.756  1.00 0.64 ? 47 SER C H    1 
ATOM   626  H HA   . SER A 1 47 ? -1.162  -7.466  -3.801  1.00 0.88 ? 47 SER C HA   1 
ATOM   627  H HB2  . SER A 1 47 ? -2.854  -9.096  -1.882  1.00 1.09 ? 47 SER C HB2  1 
ATOM   628  H HB3  . SER A 1 47 ? -1.139  -9.362  -2.184  1.00 1.21 ? 47 SER C HB3  1 
ATOM   629  H HG   . SER A 1 47 ? -1.110  -8.008  -0.506  1.00 1.47 ? 47 SER C HG   1 
ATOM   630  N N    . LEU A 1 48 ? -1.397  -9.313  -5.468  1.00 1.06 ? 48 LEU C N    1 
ATOM   631  C CA   . LEU A 1 48 ? -1.588  -10.371 -6.500  1.00 1.23 ? 48 LEU C CA   1 
ATOM   632  C C    . LEU A 1 48 ? -1.048  -11.702 -5.971  1.00 1.38 ? 48 LEU C C    1 
ATOM   633  O O    . LEU A 1 48 ? -1.260  -12.745 -6.557  1.00 1.54 ? 48 LEU C O    1 
ATOM   634  C CB   . LEU A 1 48 ? -0.831  -9.985  -7.773  1.00 1.51 ? 48 LEU C CB   1 
ATOM   635  C CG   . LEU A 1 48 ? -1.355  -8.645  -8.293  1.00 1.39 ? 48 LEU C CG   1 
ATOM   636  C CD1  . LEU A 1 48 ? -0.325  -8.027  -9.241  1.00 1.75 ? 48 LEU C CD1  1 
ATOM   637  C CD2  . LEU A 1 48 ? -2.669  -8.869  -9.044  1.00 1.47 ? 48 LEU C CD2  1 
ATOM   638  H H    . LEU A 1 48 ? -0.571  -8.786  -5.454  1.00 1.25 ? 48 LEU C H    1 
ATOM   639  H HA   . LEU A 1 48 ? -2.640  -10.472 -6.723  1.00 1.16 ? 48 LEU C HA   1 
ATOM   640  H HB2  . LEU A 1 48 ? 0.223   -9.900  -7.553  1.00 1.77 ? 48 LEU C HB2  1 
ATOM   641  H HB3  . LEU A 1 48 ? -0.982  -10.744 -8.525  1.00 1.76 ? 48 LEU C HB3  1 
ATOM   642  H HG   . LEU A 1 48 ? -1.523  -7.977  -7.459  1.00 1.27 ? 48 LEU C HG   1 
ATOM   643  H HD11 . LEU A 1 48 ? 0.532   -8.679  -9.315  1.00 2.15 ? 48 LEU C HD11 1 
ATOM   644  H HD12 . LEU A 1 48 ? -0.767  -7.900  -10.218 1.00 2.14 ? 48 LEU C HD12 1 
ATOM   645  H HD13 . LEU A 1 48 ? -0.016  -7.066  -8.858  1.00 1.97 ? 48 LEU C HD13 1 
ATOM   646  H HD21 . LEU A 1 48 ? -2.514  -9.591  -9.832  1.00 1.81 ? 48 LEU C HD21 1 
ATOM   647  H HD22 . LEU A 1 48 ? -3.418  -9.239  -8.359  1.00 1.92 ? 48 LEU C HD22 1 
ATOM   648  H HD23 . LEU A 1 48 ? -3.003  -7.936  -9.472  1.00 1.77 ? 48 LEU C HD23 1 
ATOM   649  N N    . THR A 1 49 ? -0.353  -11.673 -4.867  1.00 1.49 ? 49 THR C N    1 
ATOM   650  C CA   . THR A 1 49 ? 0.199   -12.936 -4.301  1.00 1.75 ? 49 THR C CA   1 
ATOM   651  C C    . THR A 1 49 ? -0.953  -13.862 -3.905  1.00 1.72 ? 49 THR C C    1 
ATOM   652  O O    . THR A 1 49 ? -1.073  -14.965 -4.400  1.00 1.88 ? 49 THR C O    1 
ATOM   653  C CB   . THR A 1 49 ? 1.043   -12.614 -3.066  1.00 1.99 ? 49 THR C CB   1 
ATOM   654  O OG1  . THR A 1 49 ? 1.883   -11.503 -3.345  1.00 2.06 ? 49 THR C OG1  1 
ATOM   655  C CG2  . THR A 1 49 ? 1.900   -13.826 -2.700  1.00 2.48 ? 49 THR C CG2  1 
ATOM   656  H H    . THR A 1 49 ? -0.194  -10.822 -4.410  1.00 1.51 ? 49 THR C H    1 
ATOM   657  H HA   . THR A 1 49 ? 0.815   -13.424 -5.042  1.00 1.92 ? 49 THR C HA   1 
ATOM   658  H HB   . THR A 1 49 ? 0.392   -12.375 -2.238  1.00 1.95 ? 49 THR C HB   1 
ATOM   659  H HG1  . THR A 1 49 ? 1.793   -10.874 -2.625  1.00 2.57 ? 49 THR C HG1  1 
ATOM   660  H HG21 . THR A 1 49 ? 1.815   -14.573 -3.474  1.00 2.98 ? 49 THR C HG21 1 
ATOM   661  H HG22 . THR A 1 49 ? 2.932   -13.522 -2.604  1.00 2.69 ? 49 THR C HG22 1 
ATOM   662  H HG23 . THR A 1 49 ? 1.557   -14.238 -1.762  1.00 2.69 ? 49 THR C HG23 1 
ATOM   663  N N    . THR A 1 50 ? -1.801  -13.423 -3.016  1.00 1.70 ? 50 THR C N    1 
ATOM   664  C CA   . THR A 1 50 ? -2.944  -14.278 -2.590  1.00 1.84 ? 50 THR C CA   1 
ATOM   665  C C    . THR A 1 50 ? -4.216  -13.821 -3.305  1.00 1.58 ? 50 THR C C    1 
ATOM   666  O O    . THR A 1 50 ? -5.010  -14.623 -3.754  1.00 1.88 ? 50 THR C O    1 
ATOM   667  C CB   . THR A 1 50 ? -3.136  -14.154 -1.077  1.00 2.12 ? 50 THR C CB   1 
ATOM   668  O OG1  . THR A 1 50 ? -4.163  -15.043 -0.658  1.00 2.59 ? 50 THR C OG1  1 
ATOM   669  C CG2  . THR A 1 50 ? -3.527  -12.718 -0.727  1.00 2.50 ? 50 THR C CG2  1 
ATOM   670  H H    . THR A 1 50 ? -1.686  -12.529 -2.629  1.00 1.71 ? 50 THR C H    1 
ATOM   671  H HA   . THR A 1 50 ? -2.738  -15.308 -2.844  1.00 2.10 ? 50 THR C HA   1 
ATOM   672  H HB   . THR A 1 50 ? -2.215  -14.405 -0.573  1.00 2.55 ? 50 THR C HB   1 
ATOM   673  H HG1  . THR A 1 50 ? -3.781  -15.666 -0.037  1.00 2.96 ? 50 THR C HG1  1 
ATOM   674  H HG21 . THR A 1 50 ? -2.849  -12.031 -1.213  1.00 2.83 ? 50 THR C HG21 1 
ATOM   675  H HG22 . THR A 1 50 ? -4.535  -12.526 -1.064  1.00 2.76 ? 50 THR C HG22 1 
ATOM   676  H HG23 . THR A 1 50 ? -3.473  -12.581 0.344   1.00 2.99 ? 50 THR C HG23 1 
ATOM   677  N N    . GLY A 1 51 ? -4.416  -12.536 -3.416  1.00 1.33 ? 51 GLY C N    1 
ATOM   678  C CA   . GLY A 1 51 ? -5.637  -12.029 -4.104  1.00 1.21 ? 51 GLY C CA   1 
ATOM   679  C C    . GLY A 1 51 ? -6.524  -11.292 -3.098  1.00 1.21 ? 51 GLY C C    1 
ATOM   680  O O    . GLY A 1 51 ? -7.691  -11.596 -2.945  1.00 1.91 ? 51 GLY C O    1 
ATOM   681  H H    . GLY A 1 51 ? -3.763  -11.904 -3.049  1.00 1.48 ? 51 GLY C H    1 
ATOM   682  H HA2  . GLY A 1 51 ? -5.348  -11.350 -4.895  1.00 1.10 ? 51 GLY C HA2  1 
ATOM   683  H HA3  . GLY A 1 51 ? -6.186  -12.857 -4.524  1.00 1.40 ? 51 GLY C HA3  1 
ATOM   684  N N    . GLN A 1 52 ? -5.981  -10.326 -2.412  1.00 0.89 ? 52 GLN C N    1 
ATOM   685  C CA   . GLN A 1 52 ? -6.792  -9.568  -1.418  1.00 0.94 ? 52 GLN C CA   1 
ATOM   686  C C    . GLN A 1 52 ? -6.687  -8.072  -1.713  1.00 0.76 ? 52 GLN C C    1 
ATOM   687  O O    . GLN A 1 52 ? -5.883  -7.644  -2.517  1.00 0.81 ? 52 GLN C O    1 
ATOM   688  C CB   . GLN A 1 52 ? -6.266  -9.847  -0.008  1.00 1.20 ? 52 GLN C CB   1 
ATOM   689  C CG   . GLN A 1 52 ? -6.730  -11.233 0.446   1.00 1.54 ? 52 GLN C CG   1 
ATOM   690  C CD   . GLN A 1 52 ? -6.963  -11.222 1.958   1.00 2.20 ? 52 GLN C CD   1 
ATOM   691  O OE1  . GLN A 1 52 ? -8.085  -11.332 2.412   1.00 2.74 ? 52 GLN C OE1  1 
ATOM   692  N NE2  . GLN A 1 52 ? -5.944  -11.094 2.762   1.00 2.88 ? 52 GLN C NE2  1 
ATOM   693  H H    . GLN A 1 52 ? -5.039  -10.095 -2.551  1.00 1.16 ? 52 GLN C H    1 
ATOM   694  H HA   . GLN A 1 52 ? -7.825  -9.878  -1.485  1.00 1.09 ? 52 GLN C HA   1 
ATOM   695  H HB2  . GLN A 1 52 ? -5.186  -9.813  -0.014  1.00 1.26 ? 52 GLN C HB2  1 
ATOM   696  H HB3  . GLN A 1 52 ? -6.648  -9.102  0.673   1.00 1.34 ? 52 GLN C HB3  1 
ATOM   697  H HG2  . GLN A 1 52 ? -7.649  -11.489 -0.060  1.00 1.98 ? 52 GLN C HG2  1 
ATOM   698  H HG3  . GLN A 1 52 ? -5.972  -11.963 0.206   1.00 1.68 ? 52 GLN C HG3  1 
ATOM   699  H HE21 . GLN A 1 52 ? -5.039  -11.005 2.397   1.00 3.05 ? 52 GLN C HE21 1 
ATOM   700  H HE22 . GLN A 1 52 ? -6.083  -11.086 3.733   1.00 3.52 ? 52 GLN C HE22 1 
ATOM   701  N N    . THR A 1 53 ? -7.492  -7.272  -1.070  1.00 0.68 ? 53 THR C N    1 
ATOM   702  C CA   . THR A 1 53 ? -7.432  -5.805  -1.320  1.00 0.57 ? 53 THR C CA   1 
ATOM   703  C C    . THR A 1 53 ? -7.178  -5.070  -0.004  1.00 0.46 ? 53 THR C C    1 
ATOM   704  O O    . THR A 1 53 ? -7.598  -5.499  1.051   1.00 0.57 ? 53 THR C O    1 
ATOM   705  C CB   . THR A 1 53 ? -8.759  -5.329  -1.921  1.00 0.71 ? 53 THR C CB   1 
ATOM   706  O OG1  . THR A 1 53 ? -8.835  -5.736  -3.281  1.00 0.95 ? 53 THR C OG1  1 
ATOM   707  C CG2  . THR A 1 53 ? -8.841  -3.803  -1.837  1.00 0.71 ? 53 THR C CG2  1 
ATOM   708  H H    . THR A 1 53 ? -8.135  -7.634  -0.425  1.00 0.78 ? 53 THR C H    1 
ATOM   709  H HA   . THR A 1 53 ? -6.629  -5.593  -2.009  1.00 0.58 ? 53 THR C HA   1 
ATOM   710  H HB   . THR A 1 53 ? -9.579  -5.760  -1.369  1.00 0.87 ? 53 THR C HB   1 
ATOM   711  H HG1  . THR A 1 53 ? -9.742  -5.993  -3.462  1.00 1.39 ? 53 THR C HG1  1 
ATOM   712  H HG21 . THR A 1 53 ? -7.877  -3.377  -2.074  1.00 1.25 ? 53 THR C HG21 1 
ATOM   713  H HG22 . THR A 1 53 ? -9.578  -3.441  -2.538  1.00 1.22 ? 53 THR C HG22 1 
ATOM   714  H HG23 . THR A 1 53 ? -9.124  -3.513  -0.835  1.00 1.22 ? 53 THR C HG23 1 
ATOM   715  N N    . GLY A 1 54 ? -6.495  -3.961  -0.063  1.00 0.36 ? 54 GLY C N    1 
ATOM   716  C CA   . GLY A 1 54 ? -6.217  -3.193  1.180   1.00 0.40 ? 54 GLY C CA   1 
ATOM   717  C C    . GLY A 1 54 ? -5.517  -1.880  0.828   1.00 0.34 ? 54 GLY C C    1 
ATOM   718  O O    . GLY A 1 54 ? -4.530  -1.858  0.120   1.00 0.35 ? 54 GLY C O    1 
ATOM   719  H H    . GLY A 1 54 ? -6.169  -3.631  -0.926  1.00 0.35 ? 54 GLY C H    1 
ATOM   720  H HA2  . GLY A 1 54 ? -7.147  -2.982  1.688   1.00 0.50 ? 54 GLY C HA2  1 
ATOM   721  H HA3  . GLY A 1 54 ? -5.577  -3.774  1.826   1.00 0.50 ? 54 GLY C HA3  1 
ATOM   722  N N    . TYR A 1 55 ? -6.018  -0.785  1.327   1.00 0.34 ? 55 TYR C N    1 
ATOM   723  C CA   . TYR A 1 55 ? -5.384  0.524   1.038   1.00 0.33 ? 55 TYR C CA   1 
ATOM   724  C C    . TYR A 1 55 ? -3.886  0.438   1.319   1.00 0.29 ? 55 TYR C C    1 
ATOM   725  O O    . TYR A 1 55 ? -3.389  -0.559  1.805   1.00 0.29 ? 55 TYR C O    1 
ATOM   726  C CB   . TYR A 1 55 ? -6.012  1.596   1.926   1.00 0.39 ? 55 TYR C CB   1 
ATOM   727  C CG   . TYR A 1 55 ? -7.227  2.164   1.238   1.00 0.47 ? 55 TYR C CG   1 
ATOM   728  C CD1  . TYR A 1 55 ? -8.349  1.356   1.027   1.00 1.27 ? 55 TYR C CD1  1 
ATOM   729  C CD2  . TYR A 1 55 ? -7.234  3.497   0.810   1.00 1.40 ? 55 TYR C CD2  1 
ATOM   730  C CE1  . TYR A 1 55 ? -9.478  1.878   0.389   1.00 1.39 ? 55 TYR C CE1  1 
ATOM   731  C CE2  . TYR A 1 55 ? -8.364  4.020   0.169   1.00 1.61 ? 55 TYR C CE2  1 
ATOM   732  C CZ   . TYR A 1 55 ? -9.486  3.210   -0.041  1.00 1.08 ? 55 TYR C CZ   1 
ATOM   733  O OH   . TYR A 1 55 ? -10.601 3.725   -0.672  1.00 1.43 ? 55 TYR C OH   1 
ATOM   734  H H    . TYR A 1 55 ? -6.810  -0.825  1.899   1.00 0.39 ? 55 TYR C H    1 
ATOM   735  H HA   . TYR A 1 55 ? -5.539  0.779   0.006   1.00 0.34 ? 55 TYR C HA   1 
ATOM   736  H HB2  . TYR A 1 55 ? -6.303  1.156   2.869   1.00 0.51 ? 55 TYR C HB2  1 
ATOM   737  H HB3  . TYR A 1 55 ? -5.296  2.382   2.101   1.00 0.58 ? 55 TYR C HB3  1 
ATOM   738  H HD1  . TYR A 1 55 ? -8.342  0.327   1.357   1.00 2.13 ? 55 TYR C HD1  1 
ATOM   739  H HD2  . TYR A 1 55 ? -6.368  4.120   0.972   1.00 2.22 ? 55 TYR C HD2  1 
ATOM   740  H HE1  . TYR A 1 55 ? -10.341 1.252   0.227   1.00 2.21 ? 55 TYR C HE1  1 
ATOM   741  H HE2  . TYR A 1 55 ? -8.370  5.047   -0.161  1.00 2.50 ? 55 TYR C HE2  1 
ATOM   742  H HH   . TYR A 1 55 ? -11.344 3.149   -0.479  1.00 1.59 ? 55 TYR C HH   1 
ATOM   743  N N    . ILE A 1 56 ? -3.166  1.478   1.015   1.00 0.28 ? 56 ILE C N    1 
ATOM   744  C CA   . ILE A 1 56 ? -1.699  1.472   1.256   1.00 0.25 ? 56 ILE C CA   1 
ATOM   745  C C    . ILE A 1 56 ? -1.205  2.918   1.335   1.00 0.23 ? 56 ILE C C    1 
ATOM   746  O O    . ILE A 1 56 ? -1.694  3.774   0.625   1.00 0.24 ? 56 ILE C O    1 
ATOM   747  C CB   . ILE A 1 56 ? -1.002  0.755   0.098   1.00 0.27 ? 56 ILE C CB   1 
ATOM   748  C CG1  . ILE A 1 56 ? -1.555  1.278   -1.230  1.00 0.35 ? 56 ILE C CG1  1 
ATOM   749  C CG2  . ILE A 1 56 ? -1.260  -0.750  0.195   1.00 0.34 ? 56 ILE C CG2  1 
ATOM   750  C CD1  . ILE A 1 56 ? -0.399  1.733   -2.121  1.00 0.88 ? 56 ILE C CD1  1 
ATOM   751  H H    . ILE A 1 56 ? -3.592  2.269   0.622   1.00 0.31 ? 56 ILE C H    1 
ATOM   752  H HA   . ILE A 1 56 ? -1.485  0.958   2.183   1.00 0.25 ? 56 ILE C HA   1 
ATOM   753  H HB   . ILE A 1 56 ? 0.061   0.943   0.147   1.00 0.28 ? 56 ILE C HB   1 
ATOM   754  H HG12 . ILE A 1 56 ? -2.104  0.491   -1.726  1.00 0.95 ? 56 ILE C HG12 1 
ATOM   755  H HG13 . ILE A 1 56 ? -2.213  2.113   -1.042  1.00 0.92 ? 56 ILE C HG13 1 
ATOM   756  H HG21 . ILE A 1 56 ? -1.161  -1.067  1.223   1.00 1.08 ? 56 ILE C HG21 1 
ATOM   757  H HG22 . ILE A 1 56 ? -2.258  -0.968  -0.154  1.00 1.01 ? 56 ILE C HG22 1 
ATOM   758  H HG23 . ILE A 1 56 ? -0.542  -1.278  -0.417  1.00 0.99 ? 56 ILE C HG23 1 
ATOM   759  H HD11 . ILE A 1 56 ? 0.422   1.037   -2.031  1.00 1.37 ? 56 ILE C HD11 1 
ATOM   760  H HD12 . ILE A 1 56 ? -0.729  1.769   -3.149  1.00 1.53 ? 56 ILE C HD12 1 
ATOM   761  H HD13 . ILE A 1 56 ? -0.073  2.715   -1.814  1.00 1.56 ? 56 ILE C HD13 1 
ATOM   762  N N    . PRO A 1 57 ? -0.245  3.150   2.191   1.00 0.21 ? 57 PRO C N    1 
ATOM   763  C CA   . PRO A 1 57 ? 0.340   4.490   2.374   1.00 0.21 ? 57 PRO C CA   1 
ATOM   764  C C    . PRO A 1 57 ? 1.250   4.833   1.189   1.00 0.20 ? 57 PRO C C    1 
ATOM   765  O O    . PRO A 1 57 ? 2.176   4.113   0.872   1.00 0.21 ? 57 PRO C O    1 
ATOM   766  C CB   . PRO A 1 57 ? 1.118   4.368   3.685   1.00 0.21 ? 57 PRO C CB   1 
ATOM   767  C CG   . PRO A 1 57 ? 1.392   2.862   3.894   1.00 0.22 ? 57 PRO C CG   1 
ATOM   768  C CD   . PRO A 1 57 ? 0.350   2.104   3.048   1.00 0.22 ? 57 PRO C CD   1 
ATOM   769  H HA   . PRO A 1 57 ? -0.440  5.229   2.476   1.00 0.22 ? 57 PRO C HA   1 
ATOM   770  H HB2  . PRO A 1 57 ? 2.047   4.911   3.615   1.00 0.22 ? 57 PRO C HB2  1 
ATOM   771  H HB3  . PRO A 1 57 ? 0.527   4.746   4.504   1.00 0.23 ? 57 PRO C HB3  1 
ATOM   772  H HG2  . PRO A 1 57 ? 2.392   2.617   3.565   1.00 0.22 ? 57 PRO C HG2  1 
ATOM   773  H HG3  . PRO A 1 57 ? 1.270   2.607   4.934   1.00 0.24 ? 57 PRO C HG3  1 
ATOM   774  H HD2  . PRO A 1 57 ? 0.834   1.345   2.447   1.00 0.24 ? 57 PRO C HD2  1 
ATOM   775  H HD3  . PRO A 1 57 ? -0.406  1.663   3.682   1.00 0.24 ? 57 PRO C HD3  1 
ATOM   776  N N    . SER A 1 58 ? 0.966   5.919   0.519   1.00 0.22 ? 58 SER C N    1 
ATOM   777  C CA   . SER A 1 58 ? 1.774   6.316   -0.674  1.00 0.23 ? 58 SER C CA   1 
ATOM   778  C C    . SER A 1 58 ? 3.237   6.575   -0.299  1.00 0.24 ? 58 SER C C    1 
ATOM   779  O O    . SER A 1 58 ? 4.123   6.437   -1.118  1.00 0.27 ? 58 SER C O    1 
ATOM   780  C CB   . SER A 1 58 ? 1.184   7.591   -1.275  1.00 0.29 ? 58 SER C CB   1 
ATOM   781  O OG   . SER A 1 58 ? 1.832   8.722   -0.708  1.00 0.67 ? 58 SER C OG   1 
ATOM   782  H H    . SER A 1 58 ? 0.199   6.466   0.787   1.00 0.25 ? 58 SER C H    1 
ATOM   783  H HA   . SER A 1 58 ? 1.729   5.529   -1.409  1.00 0.23 ? 58 SER C HA   1 
ATOM   784  H HB2  . SER A 1 58 ? 1.336   7.593   -2.340  1.00 0.51 ? 58 SER C HB2  1 
ATOM   785  H HB3  . SER A 1 58 ? 0.123   7.628   -1.064  1.00 0.55 ? 58 SER C HB3  1 
ATOM   786  H HG   . SER A 1 58 ? 1.166   9.392   -0.538  1.00 0.88 ? 58 SER C HG   1 
ATOM   787  N N    . ASN A 1 59 ? 3.506   6.968   0.914   1.00 0.27 ? 59 ASN C N    1 
ATOM   788  C CA   . ASN A 1 59 ? 4.913   7.252   1.299   1.00 0.32 ? 59 ASN C CA   1 
ATOM   789  C C    . ASN A 1 59 ? 5.709   5.947   1.408   1.00 0.31 ? 59 ASN C C    1 
ATOM   790  O O    . ASN A 1 59 ? 6.919   5.947   1.310   1.00 0.38 ? 59 ASN C O    1 
ATOM   791  C CB   . ASN A 1 59 ? 4.920   7.978   2.642   1.00 0.37 ? 59 ASN C CB   1 
ATOM   792  C CG   . ASN A 1 59 ? 4.461   7.020   3.737   1.00 0.34 ? 59 ASN C CG   1 
ATOM   793  O OD1  . ASN A 1 59 ? 3.743   6.080   3.467   1.00 0.35 ? 59 ASN C OD1  1 
ATOM   794  N ND2  . ASN A 1 59 ? 4.847   7.218   4.966   1.00 0.39 ? 59 ASN C ND2  1 
ATOM   795  H H    . ASN A 1 59 ? 2.788   7.093   1.567   1.00 0.28 ? 59 ASN C H    1 
ATOM   796  H HA   . ASN A 1 59 ? 5.366   7.885   0.551   1.00 0.34 ? 59 ASN C HA   1 
ATOM   797  H HB2  . ASN A 1 59 ? 5.915   8.323   2.858   1.00 0.42 ? 59 ASN C HB2  1 
ATOM   798  H HB3  . ASN A 1 59 ? 4.246   8.821   2.600   1.00 0.39 ? 59 ASN C HB3  1 
ATOM   799  H HD21 . ASN A 1 59 ? 5.428   7.977   5.182   1.00 0.47 ? 59 ASN C HD21 1 
ATOM   800  H HD22 . ASN A 1 59 ? 4.557   6.606   5.676   1.00 0.39 ? 59 ASN C HD22 1 
ATOM   801  N N    . TYR A 1 60 ? 5.049   4.836   1.603   1.00 0.28 ? 60 TYR C N    1 
ATOM   802  C CA   . TYR A 1 60 ? 5.789   3.544   1.713   1.00 0.29 ? 60 TYR C CA   1 
ATOM   803  C C    . TYR A 1 60 ? 5.786   2.837   0.357   1.00 0.28 ? 60 TYR C C    1 
ATOM   804  O O    . TYR A 1 60 ? 6.318   1.752   0.215   1.00 0.35 ? 60 TYR C O    1 
ATOM   805  C CB   . TYR A 1 60 ? 5.109   2.645   2.748   1.00 0.28 ? 60 TYR C CB   1 
ATOM   806  C CG   . TYR A 1 60 ? 5.767   2.823   4.095   1.00 0.28 ? 60 TYR C CG   1 
ATOM   807  C CD1  . TYR A 1 60 ? 5.876   4.100   4.655   1.00 1.10 ? 60 TYR C CD1  1 
ATOM   808  C CD2  . TYR A 1 60 ? 6.263   1.710   4.788   1.00 1.19 ? 60 TYR C CD2  1 
ATOM   809  C CE1  . TYR A 1 60 ? 6.480   4.267   5.906   1.00 1.10 ? 60 TYR C CE1  1 
ATOM   810  C CE2  . TYR A 1 60 ? 6.869   1.877   6.040   1.00 1.22 ? 60 TYR C CE2  1 
ATOM   811  C CZ   . TYR A 1 60 ? 6.977   3.156   6.599   1.00 0.38 ? 60 TYR C CZ   1 
ATOM   812  O OH   . TYR A 1 60 ? 7.572   3.322   7.832   1.00 0.45 ? 60 TYR C OH   1 
ATOM   813  H H    . TYR A 1 60 ? 4.071   4.850   1.672   1.00 0.29 ? 60 TYR C H    1 
ATOM   814  H HA   . TYR A 1 60 ? 6.807   3.736   2.017   1.00 0.33 ? 60 TYR C HA   1 
ATOM   815  H HB2  . TYR A 1 60 ? 4.068   2.910   2.821   1.00 0.31 ? 60 TYR C HB2  1 
ATOM   816  H HB3  . TYR A 1 60 ? 5.196   1.613   2.440   1.00 0.29 ? 60 TYR C HB3  1 
ATOM   817  H HD1  . TYR A 1 60 ? 5.494   4.958   4.122   1.00 1.94 ? 60 TYR C HD1  1 
ATOM   818  H HD2  . TYR A 1 60 ? 6.179   0.723   4.357   1.00 2.02 ? 60 TYR C HD2  1 
ATOM   819  H HE1  . TYR A 1 60 ? 6.566   5.253   6.337   1.00 1.93 ? 60 TYR C HE1  1 
ATOM   820  H HE2  . TYR A 1 60 ? 7.253   1.020   6.577   1.00 2.06 ? 60 TYR C HE2  1 
ATOM   821  H HH   . TYR A 1 60 ? 7.057   2.831   8.478   1.00 0.90 ? 60 TYR C HH   1 
ATOM   822  N N    . VAL A 1 61 ? 5.190   3.442   -0.640  1.00 0.24 ? 61 VAL C N    1 
ATOM   823  C CA   . VAL A 1 61 ? 5.152   2.807   -1.987  1.00 0.25 ? 61 VAL C CA   1 
ATOM   824  C C    . VAL A 1 61 ? 5.672   3.791   -3.032  1.00 0.33 ? 61 VAL C C    1 
ATOM   825  O O    . VAL A 1 61 ? 5.831   4.968   -2.773  1.00 0.50 ? 61 VAL C O    1 
ATOM   826  C CB   . VAL A 1 61 ? 3.716   2.413   -2.335  1.00 0.24 ? 61 VAL C CB   1 
ATOM   827  C CG1  . VAL A 1 61 ? 2.795   3.623   -2.186  1.00 0.49 ? 61 VAL C CG1  1 
ATOM   828  C CG2  . VAL A 1 61 ? 3.648   1.913   -3.775  1.00 0.47 ? 61 VAL C CG2  1 
ATOM   829  H H    . VAL A 1 61 ? 4.768   4.316   -0.501  1.00 0.24 ? 61 VAL C H    1 
ATOM   830  H HA   . VAL A 1 61 ? 5.774   1.926   -1.986  1.00 0.33 ? 61 VAL C HA   1 
ATOM   831  H HB   . VAL A 1 61 ? 3.397   1.631   -1.674  1.00 0.46 ? 61 VAL C HB   1 
ATOM   832  H HG11 . VAL A 1 61 ? 3.282   4.497   -2.592  1.00 1.07 ? 61 VAL C HG11 1 
ATOM   833  H HG12 . VAL A 1 61 ? 1.872   3.444   -2.722  1.00 1.18 ? 61 VAL C HG12 1 
ATOM   834  H HG13 . VAL A 1 61 ? 2.579   3.785   -1.142  1.00 1.20 ? 61 VAL C HG13 1 
ATOM   835  H HG21 . VAL A 1 61 ? 4.410   1.163   -3.931  1.00 1.11 ? 61 VAL C HG21 1 
ATOM   836  H HG22 . VAL A 1 61 ? 2.676   1.484   -3.961  1.00 1.04 ? 61 VAL C HG22 1 
ATOM   837  H HG23 . VAL A 1 61 ? 3.813   2.739   -4.450  1.00 1.25 ? 61 VAL C HG23 1 
ATOM   838  N N    . ALA A 1 62 ? 5.936   3.312   -4.211  1.00 0.33 ? 62 ALA C N    1 
ATOM   839  C CA   . ALA A 1 62 ? 6.448   4.207   -5.288  1.00 0.42 ? 62 ALA C CA   1 
ATOM   840  C C    . ALA A 1 62 ? 6.025   3.655   -6.653  1.00 0.45 ? 62 ALA C C    1 
ATOM   841  O O    . ALA A 1 62 ? 5.861   2.463   -6.813  1.00 0.51 ? 62 ALA C O    1 
ATOM   842  C CB   . ALA A 1 62 ? 7.975   4.271   -5.213  1.00 0.59 ? 62 ALA C CB   1 
ATOM   843  H H    . ALA A 1 62 ? 5.797   2.360   -4.389  1.00 0.37 ? 62 ALA C H    1 
ATOM   844  H HA   . ALA A 1 62 ? 6.039   5.198   -5.157  1.00 0.47 ? 62 ALA C HA   1 
ATOM   845  H HB1  . ALA A 1 62 ? 8.284   4.303   -4.180  1.00 1.29 ? 62 ALA C HB1  1 
ATOM   846  H HB2  . ALA A 1 62 ? 8.394   3.397   -5.688  1.00 1.05 ? 62 ALA C HB2  1 
ATOM   847  H HB3  . ALA A 1 62 ? 8.322   5.158   -5.721  1.00 1.20 ? 62 ALA C HB3  1 
ATOM   848  N N    . PRO A 1 63 ? 5.863   4.545   -7.598  1.00 0.54 ? 63 PRO C N    1 
ATOM   849  C CA   . PRO A 1 63 ? 5.460   4.184   -8.969  1.00 0.64 ? 63 PRO C CA   1 
ATOM   850  C C    . PRO A 1 63 ? 6.654   3.627   -9.749  1.00 0.73 ? 63 PRO C C    1 
ATOM   851  O O    . PRO A 1 63 ? 7.623   4.318   -9.996  1.00 0.90 ? 63 PRO C O    1 
ATOM   852  C CB   . PRO A 1 63 ? 4.990   5.514   -9.567  1.00 0.77 ? 63 PRO C CB   1 
ATOM   853  C CG   . PRO A 1 63 ? 5.668   6.629   -8.735  1.00 0.79 ? 63 PRO C CG   1 
ATOM   854  C CD   . PRO A 1 63 ? 6.068   5.994   -7.389  1.00 0.64 ? 63 PRO C CD   1 
ATOM   855  H HA   . PRO A 1 63 ? 4.647   3.477   -8.954  1.00 0.66 ? 63 PRO C HA   1 
ATOM   856  H HB2  . PRO A 1 63 ? 5.294   5.580   -10.602 1.00 0.85 ? 63 PRO C HB2  1 
ATOM   857  H HB3  . PRO A 1 63 ? 3.918   5.600   -9.485  1.00 0.84 ? 63 PRO C HB3  1 
ATOM   858  H HG2  . PRO A 1 63 ? 6.545   6.993   -9.252  1.00 0.86 ? 63 PRO C HG2  1 
ATOM   859  H HG3  . PRO A 1 63 ? 4.975   7.438   -8.564  1.00 0.90 ? 63 PRO C HG3  1 
ATOM   860  H HD2  . PRO A 1 63 ? 7.105   6.204   -7.166  1.00 0.69 ? 63 PRO C HD2  1 
ATOM   861  H HD3  . PRO A 1 63 ? 5.428   6.349   -6.597  1.00 0.66 ? 63 PRO C HD3  1 
ATOM   862  N N    . SER A 1 64 ? 6.592   2.383   -10.139 1.00 0.89 ? 64 SER C N    1 
ATOM   863  C CA   . SER A 1 64 ? 7.724   1.786   -10.902 1.00 1.05 ? 64 SER C CA   1 
ATOM   864  C C    . SER A 1 64 ? 7.288   1.532   -12.347 1.00 1.74 ? 64 SER C C    1 
ATOM   865  O O    . SER A 1 64 ? 6.206   1.001   -12.533 1.00 2.40 ? 64 SER C O    1 
ATOM   866  C CB   . SER A 1 64 ? 8.133   0.463   -10.253 1.00 1.89 ? 64 SER C CB   1 
ATOM   867  O OG   . SER A 1 64 ? 9.011   -0.235  -11.125 1.00 2.50 ? 64 SER C OG   1 
ATOM   868  O OXT  . SER A 1 64 ? 8.043   1.873   -13.241 1.00 2.39 ? 64 SER C OXT  1 
ATOM   869  H H    . SER A 1 64 ? 5.802   1.843   -9.929  1.00 1.05 ? 64 SER C H    1 
ATOM   870  H HA   . SER A 1 64 ? 8.563   2.465   -10.893 1.00 1.43 ? 64 SER C HA   1 
ATOM   871  H HB2  . SER A 1 64 ? 8.639   0.657   -9.322  1.00 2.36 ? 64 SER C HB2  1 
ATOM   872  H HB3  . SER A 1 64 ? 7.249   -0.132  -10.064 1.00 2.46 ? 64 SER C HB3  1 
ATOM   873  H HG   . SER A 1 64 ? 9.890   0.140   -11.026 1.00 3.01 ? 64 SER C HG   1 
HETATM 874  C C    . ACE B 2 1  ? -12.046 5.072   3.286   1.00 0.93 ? 72 ACE N C    1 
HETATM 875  O O    . ACE B 2 1  ? -13.164 5.523   3.432   1.00 1.03 ? 72 ACE N O    1 
HETATM 876  C CH3  . ACE B 2 1  ? -11.615 4.486   1.935   1.00 0.99 ? 72 ACE N CH3  1 
HETATM 877  H H1   . ACE B 2 1  ? -12.325 4.776   1.175   1.00 1.39 ? 72 ACE N H1   1 
HETATM 878  H H2   . ACE B 2 1  ? -11.582 3.408   2.004   1.00 1.52 ? 72 ACE N H2   1 
HETATM 879  H H3   . ACE B 2 1  ? -10.636 4.861   1.676   1.00 1.38 ? 72 ACE N H3   1 
HETATM 880  C C    . MN8 B 2 2  ? -9.367  9.361   7.782   1.00 0.73 ? 73 MN8 N C    1 
HETATM 881  O O    . MN8 B 2 2  ? -10.041 10.213  8.324   1.00 0.81 ? 73 MN8 N O    1 
HETATM 882  C CA   . MN8 B 2 2  ? -9.863  8.681   6.657   1.00 0.73 ? 73 MN8 N CA   1 
HETATM 883  C C3   . MN8 B 2 2  ? -9.858  9.134   5.378   1.00 0.82 ? 73 MN8 N C3   1 
HETATM 884  C C4   . MN8 B 2 2  ? -9.341  10.430  4.827   1.00 0.95 ? 73 MN8 N C4   1 
HETATM 885  C C5   . MN8 B 2 2  ? -8.065  10.171  4.025   1.00 1.02 ? 73 MN8 N C5   1 
HETATM 886  C C6   . MN8 B 2 2  ? -10.400 11.053  3.915   1.00 1.19 ? 73 MN8 N C6   1 
HETATM 887  S S7   . MN8 B 2 2  ? -10.583 7.945   4.350   1.00 0.85 ? 73 MN8 N S7   1 
HETATM 888  C C8   . MN8 B 2 2  ? -10.828 6.939   5.748   1.00 0.76 ? 73 MN8 N C8   1 
HETATM 889  N N9   . MN8 B 2 2  ? -10.406 7.445   6.890   1.00 0.73 ? 73 MN8 N N9   1 
HETATM 890  C CA2  . MN8 B 2 2  ? -11.489 5.603   5.574   1.00 0.82 ? 73 MN8 N CA2  1 
HETATM 891  N N    . MN8 B 2 2  ? -11.141 5.049   4.238   1.00 0.83 ? 73 MN8 N N    1 
HETATM 892  C C12  . MN8 B 2 2  ? -9.780  4.474   3.972   1.00 0.83 ? 73 MN8 N C12  1 
HETATM 893  C C13  . MN8 B 2 2  ? -8.944  4.377   5.237   1.00 0.81 ? 73 MN8 N C13  1 
HETATM 894  C C14  . MN8 B 2 2  ? -9.532  4.448   6.511   1.00 0.84 ? 73 MN8 N C14  1 
HETATM 895  C C15  . MN8 B 2 2  ? -11.014 4.643   6.654   1.00 0.87 ? 73 MN8 N C15  1 
HETATM 896  C C16  . MN8 B 2 2  ? -8.735  4.341   7.658   1.00 0.87 ? 73 MN8 N C16  1 
HETATM 897  C C17  . MN8 B 2 2  ? -7.354  4.165   7.538   1.00 0.89 ? 73 MN8 N C17  1 
HETATM 898  C C18  . MN8 B 2 2  ? -6.765  4.095   6.272   1.00 0.86 ? 73 MN8 N C18  1 
HETATM 899  C C19  . MN8 B 2 2  ? -7.558  4.200   5.124   1.00 0.82 ? 73 MN8 N C19  1 
HETATM 900  H H4   . MN8 B 2 2  ? -9.124  11.106  5.642   1.00 1.00 ? 73 MN8 N H4   1 
HETATM 901  H H51  . MN8 B 2 2  ? -7.849  11.028  3.405   1.00 1.48 ? 73 MN8 N H51  1 
HETATM 902  H H52  . MN8 B 2 2  ? -8.201  9.300   3.401   1.00 1.42 ? 73 MN8 N H52  1 
HETATM 903  H H53  . MN8 B 2 2  ? -7.242  10.002  4.703   1.00 1.49 ? 73 MN8 N H53  1 
HETATM 904  H H61  . MN8 B 2 2  ? -10.272 12.126  3.896   1.00 1.65 ? 73 MN8 N H61  1 
HETATM 905  H H62  . MN8 B 2 2  ? -11.384 10.815  4.291   1.00 1.59 ? 73 MN8 N H62  1 
HETATM 906  H H63  . MN8 B 2 2  ? -10.290 10.660  2.916   1.00 1.53 ? 73 MN8 N H63  1 
HETATM 907  H HA2  . MN8 B 2 2  ? -12.561 5.721   5.646   1.00 0.87 ? 73 MN8 N HA2  1 
HETATM 908  H H121 . MN8 B 2 2  ? -9.892  3.486   3.549   1.00 0.91 ? 73 MN8 N H121 1 
HETATM 909  H H122 . MN8 B 2 2  ? -9.269  5.103   3.261   1.00 0.84 ? 73 MN8 N H122 1 
HETATM 910  H H151 . MN8 B 2 2  ? -11.516 3.693   6.540   1.00 0.94 ? 73 MN8 N H151 1 
HETATM 911  H H152 . MN8 B 2 2  ? -11.234 5.055   7.628   1.00 0.90 ? 73 MN8 N H152 1 
HETATM 912  H H16  . MN8 B 2 2  ? -9.188  4.393   8.636   1.00 0.92 ? 73 MN8 N H16  1 
HETATM 913  H H17  . MN8 B 2 2  ? -6.742  4.083   8.422   1.00 0.95 ? 73 MN8 N H17  1 
HETATM 914  H H18  . MN8 B 2 2  ? -5.698  3.959   6.179   1.00 0.91 ? 73 MN8 N H18  1 
HETATM 915  H H19  . MN8 B 2 2  ? -7.102  4.145   4.147   1.00 0.83 ? 73 MN8 N H19  1 
HETATM 916  N N    . MN1 B 2 3  ? -8.158  9.028   8.190   1.00 0.66 ? 74 MN1 N N    1 
HETATM 917  C C2   . MN1 B 2 3  ? -7.348  7.970   7.504   1.00 0.58 ? 74 MN1 N C2   1 
HETATM 918  C C3   . MN1 B 2 3  ? -5.973  8.554   7.175   1.00 0.49 ? 74 MN1 N C3   1 
HETATM 919  C C4   . MN1 B 2 3  ? -5.338  9.087   8.463   1.00 0.53 ? 74 MN1 N C4   1 
HETATM 920  C C    . MN1 B 2 3  ? -3.917  9.581   8.165   1.00 0.49 ? 74 MN1 N C    1 
HETATM 921  O O    . MN1 B 2 3  ? -3.582  9.850   7.029   1.00 0.45 ? 74 MN1 N O    1 
HETATM 922  C C5   . MN1 B 2 3  ? -6.190  10.251  8.978   1.00 0.64 ? 74 MN1 N C5   1 
HETATM 923  C C6   . MN1 B 2 3  ? -7.568  9.715   9.371   1.00 0.71 ? 74 MN1 N C6   1 
HETATM 924  H H21  . MN1 B 2 3  ? -7.229  7.134   8.179   1.00 0.61 ? 74 MN1 N H21  1 
HETATM 925  H H22  . MN1 B 2 3  ? -7.837  7.648   6.599   1.00 0.60 ? 74 MN1 N H22  1 
HETATM 926  H H31  . MN1 B 2 3  ? -5.344  7.791   6.741   1.00 0.45 ? 74 MN1 N H31  1 
HETATM 927  H H32  . MN1 B 2 3  ? -6.089  9.377   6.484   1.00 0.50 ? 74 MN1 N H32  1 
HETATM 928  H H4   . MN1 B 2 3  ? -5.307  8.303   9.206   1.00 0.57 ? 74 MN1 N H4   1 
HETATM 929  H H51  . MN1 B 2 3  ? -5.712  10.705  9.831   1.00 0.70 ? 74 MN1 N H51  1 
HETATM 930  H H52  . MN1 B 2 3  ? -6.303  10.979  8.186   1.00 0.63 ? 74 MN1 N H52  1 
HETATM 931  H H61  . MN1 B 2 3  ? -7.460  9.000   10.173  1.00 0.75 ? 74 MN1 N H61  1 
HETATM 932  H H62  . MN1 B 2 3  ? -8.208  10.528  9.679   1.00 0.79 ? 74 MN1 N H62  1 
ATOM   933  N N    . PRO B 2 4  ? -3.121  9.682   9.201   1.00 0.56 ? 75 PRO N N    1 
ATOM   934  C CA   . PRO B 2 4  ? -1.727  10.142  9.089   1.00 0.58 ? 75 PRO N CA   1 
ATOM   935  C C    . PRO B 2 4  ? -0.832  9.011   8.572   1.00 0.50 ? 75 PRO N C    1 
ATOM   936  O O    . PRO B 2 4  ? -0.985  7.866   8.946   1.00 0.61 ? 75 PRO N O    1 
ATOM   937  C CB   . PRO B 2 4  ? -1.355  10.515  10.526  1.00 0.72 ? 75 PRO N CB   1 
ATOM   938  C CG   . PRO B 2 4  ? -2.322  9.730   11.444  1.00 0.76 ? 75 PRO N CG   1 
ATOM   939  C CD   . PRO B 2 4  ? -3.537  9.347   10.579  1.00 0.67 ? 75 PRO N CD   1 
ATOM   940  H HA   . PRO B 2 4  ? -1.659  11.008  8.452   1.00 0.60 ? 75 PRO N HA   1 
ATOM   941  H HB2  . PRO B 2 4  ? -0.331  10.231  10.729  1.00 0.75 ? 75 PRO N HB2  1 
ATOM   942  H HB3  . PRO B 2 4  ? -1.485  11.574  10.681  1.00 0.80 ? 75 PRO N HB3  1 
ATOM   943  H HG2  . PRO B 2 4  ? -1.835  8.840   11.819  1.00 0.78 ? 75 PRO N HG2  1 
ATOM   944  H HG3  . PRO B 2 4  ? -2.641  10.353  12.265  1.00 0.87 ? 75 PRO N HG3  1 
ATOM   945  H HD2  . PRO B 2 4  ? -3.745  8.289   10.668  1.00 0.66 ? 75 PRO N HD2  1 
ATOM   946  H HD3  . PRO B 2 4  ? -4.400  9.927   10.861  1.00 0.72 ? 75 PRO N HD3  1 
ATOM   947  N N    . LEU B 2 5  ? 0.099   9.324   7.714   1.00 0.46 ? 76 LEU N N    1 
ATOM   948  C CA   . LEU B 2 5  ? 1.000   8.266   7.177   1.00 0.39 ? 76 LEU N CA   1 
ATOM   949  C C    . LEU B 2 5  ? 1.991   7.838   8.264   1.00 0.42 ? 76 LEU N C    1 
ATOM   950  O O    . LEU B 2 5  ? 2.210   8.558   9.218   1.00 0.50 ? 76 LEU N O    1 
ATOM   951  C CB   . LEU B 2 5  ? 1.771   8.814   5.974   1.00 0.41 ? 76 LEU N CB   1 
ATOM   952  C CG   . LEU B 2 5  ? 0.816   8.992   4.793   1.00 0.41 ? 76 LEU N CG   1 
ATOM   953  C CD1  . LEU B 2 5  ? 1.190   10.258  4.021   1.00 0.61 ? 76 LEU N CD1  1 
ATOM   954  C CD2  . LEU B 2 5  ? 0.922   7.780   3.865   1.00 0.43 ? 76 LEU N CD2  1 
ATOM   955  H H    . LEU B 2 5  ? 0.208   10.254  7.424   1.00 0.58 ? 76 LEU N H    1 
ATOM   956  H HA   . LEU B 2 5  ? 0.413   7.414   6.870   1.00 0.36 ? 76 LEU N HA   1 
ATOM   957  H HB2  . LEU B 2 5  ? 2.208   9.769   6.231   1.00 0.48 ? 76 LEU N HB2  1 
ATOM   958  H HB3  . LEU B 2 5  ? 2.553   8.123   5.700   1.00 0.41 ? 76 LEU N HB3  1 
ATOM   959  H HG   . LEU B 2 5  ? -0.197  9.081   5.160   1.00 0.43 ? 76 LEU N HG   1 
ATOM   960  H HD11 . LEU B 2 5  ? 2.067   10.706  4.464   1.00 1.09 ? 76 LEU N HD11 1 
ATOM   961  H HD12 . LEU B 2 5  ? 1.396   10.004  2.991   1.00 1.26 ? 76 LEU N HD12 1 
ATOM   962  H HD13 . LEU B 2 5  ? 0.370   10.960  4.060   1.00 1.23 ? 76 LEU N HD13 1 
ATOM   963  H HD21 . LEU B 2 5  ? 0.810   6.874   4.442   1.00 1.12 ? 76 LEU N HD21 1 
ATOM   964  H HD22 . LEU B 2 5  ? 0.143   7.829   3.118   1.00 1.11 ? 76 LEU N HD22 1 
ATOM   965  H HD23 . LEU B 2 5  ? 1.886   7.782   3.380   1.00 1.10 ? 76 LEU N HD23 1 
ATOM   966  N N    . PRO B 2 6  ? 2.559   6.673   8.084   1.00 0.39 ? 77 PRO N N    1 
ATOM   967  C CA   . PRO B 2 6  ? 3.536   6.112   9.034   1.00 0.46 ? 77 PRO N CA   1 
ATOM   968  C C    . PRO B 2 6  ? 4.904   6.780   8.851   1.00 0.48 ? 77 PRO N C    1 
ATOM   969  O O    . PRO B 2 6  ? 5.131   7.467   7.875   1.00 0.50 ? 77 PRO N O    1 
ATOM   970  C CB   . PRO B 2 6  ? 3.593   4.630   8.657   1.00 0.48 ? 77 PRO N CB   1 
ATOM   971  C CG   . PRO B 2 6  ? 3.101   4.533   7.193   1.00 0.42 ? 77 PRO N CG   1 
ATOM   972  C CD   . PRO B 2 6  ? 2.282   5.809   6.918   1.00 0.35 ? 77 PRO N CD   1 
ATOM   973  H HA   . PRO B 2 6  ? 3.188   6.223   10.048  1.00 0.53 ? 77 PRO N HA   1 
ATOM   974  H HB2  . PRO B 2 6  ? 4.609   4.267   8.735   1.00 0.53 ? 77 PRO N HB2  1 
ATOM   975  H HB3  . PRO B 2 6  ? 2.942   4.057   9.298   1.00 0.54 ? 77 PRO N HB3  1 
ATOM   976  H HG2  . PRO B 2 6  ? 3.947   4.481   6.521   1.00 0.42 ? 77 PRO N HG2  1 
ATOM   977  H HG3  . PRO B 2 6  ? 2.474   3.664   7.068   1.00 0.46 ? 77 PRO N HG3  1 
ATOM   978  H HD2  . PRO B 2 6  ? 2.615   6.281   6.005   1.00 0.34 ? 77 PRO N HD2  1 
ATOM   979  H HD3  . PRO B 2 6  ? 1.229   5.580   6.867   1.00 0.35 ? 77 PRO N HD3  1 
ATOM   980  N N    . PRO B 2 7  ? 5.772   6.557   9.803   1.00 0.53 ? 78 PRO N N    1 
ATOM   981  C CA   . PRO B 2 7  ? 7.131   7.125   9.787   1.00 0.59 ? 78 PRO N CA   1 
ATOM   982  C C    . PRO B 2 7  ? 8.037   6.333   8.837   1.00 0.56 ? 78 PRO N C    1 
ATOM   983  O O    . PRO B 2 7  ? 8.582   5.308   9.196   1.00 0.57 ? 78 PRO N O    1 
ATOM   984  C CB   . PRO B 2 7  ? 7.598   6.974   11.238  1.00 0.68 ? 78 PRO N CB   1 
ATOM   985  C CG   . PRO B 2 7  ? 6.742   5.843   11.858  1.00 0.69 ? 78 PRO N CG   1 
ATOM   986  C CD   . PRO B 2 7  ? 5.480   5.719   10.984  1.00 0.60 ? 78 PRO N CD   1 
ATOM   987  H HA   . PRO B 2 7  ? 7.108   8.166   9.514   1.00 0.64 ? 78 PRO N HA   1 
ATOM   988  H HB2  . PRO B 2 7  ? 8.647   6.708   11.265  1.00 0.70 ? 78 PRO N HB2  1 
ATOM   989  H HB3  . PRO B 2 7  ? 7.433   7.893   11.779  1.00 0.76 ? 78 PRO N HB3  1 
ATOM   990  H HG2  . PRO B 2 7  ? 7.296   4.914   11.849  1.00 0.71 ? 78 PRO N HG2  1 
ATOM   991  H HG3  . PRO B 2 7  ? 6.462   6.100   12.868  1.00 0.79 ? 78 PRO N HG3  1 
ATOM   992  H HD2  . PRO B 2 7  ? 5.323   4.690   10.693  1.00 0.60 ? 78 PRO N HD2  1 
ATOM   993  H HD3  . PRO B 2 7  ? 4.618   6.103   11.508  1.00 0.65 ? 78 PRO N HD3  1 
ATOM   994  N N    . LEU B 2 8  ? 8.206   6.806   7.630   1.00 0.61 ? 79 LEU N N    1 
ATOM   995  C CA   . LEU B 2 8  ? 9.082   6.087   6.661   1.00 0.64 ? 79 LEU N CA   1 
ATOM   996  C C    . LEU B 2 8  ? 10.360  5.627   7.374   1.00 0.65 ? 79 LEU N C    1 
ATOM   997  O O    . LEU B 2 8  ? 10.791  6.243   8.327   1.00 0.69 ? 79 LEU N O    1 
ATOM   998  C CB   . LEU B 2 8  ? 9.430   7.026   5.504   1.00 0.75 ? 79 LEU N CB   1 
ATOM   999  C CG   . LEU B 2 8  ? 8.432   6.805   4.361   1.00 0.70 ? 79 LEU N CG   1 
ATOM   1000 C CD1  . LEU B 2 8  ? 8.714   7.791   3.233   1.00 0.68 ? 79 LEU N CD1  1 
ATOM   1001 C CD2  . LEU B 2 8  ? 8.587   5.393   3.815   1.00 0.84 ? 79 LEU N CD2  1 
ATOM   1002 H H    . LEU B 2 8  ? 7.761   7.637   7.364   1.00 0.68 ? 79 LEU N H    1 
ATOM   1003 H HA   . LEU B 2 8  ? 8.564   5.224   6.272   1.00 0.63 ? 79 LEU N HA   1 
ATOM   1004 H HB2  . LEU B 2 8  ? 9.374   8.051   5.842   1.00 0.86 ? 79 LEU N HB2  1 
ATOM   1005 H HB3  . LEU B 2 8  ? 10.429  6.814   5.154   1.00 0.86 ? 79 LEU N HB3  1 
ATOM   1006 H HG   . LEU B 2 8  ? 7.426   6.946   4.722   1.00 1.04 ? 79 LEU N HG   1 
ATOM   1007 H HD11 . LEU B 2 8  ? 9.542   8.426   3.507   1.00 1.28 ? 79 LEU N HD11 1 
ATOM   1008 H HD12 . LEU B 2 8  ? 8.965   7.236   2.337   1.00 1.19 ? 79 LEU N HD12 1 
ATOM   1009 H HD13 . LEU B 2 8  ? 7.837   8.392   3.052   1.00 1.22 ? 79 LEU N HD13 1 
ATOM   1010 H HD21 . LEU B 2 8  ? 9.603   5.261   3.495   1.00 1.27 ? 79 LEU N HD21 1 
ATOM   1011 H HD22 . LEU B 2 8  ? 8.353   4.673   4.580   1.00 1.40 ? 79 LEU N HD22 1 
ATOM   1012 H HD23 . LEU B 2 8  ? 7.926   5.254   2.976   1.00 1.36 ? 79 LEU N HD23 1 
ATOM   1013 N N    . PRO B 2 9  ? 10.914  4.543   6.894   1.00 0.67 ? 80 PRO N N    1 
ATOM   1014 C CA   . PRO B 2 9  ? 12.135  3.950   7.467   1.00 0.72 ? 80 PRO N CA   1 
ATOM   1015 C C    . PRO B 2 9  ? 13.370  4.750   7.043   1.00 0.81 ? 80 PRO N C    1 
ATOM   1016 O O    . PRO B 2 9  ? 14.220  5.061   7.855   1.00 1.29 ? 80 PRO N O    1 
ATOM   1017 C CB   . PRO B 2 9  ? 12.160  2.540   6.864   1.00 0.75 ? 80 PRO N CB   1 
ATOM   1018 C CG   . PRO B 2 9  ? 11.312  2.604   5.579   1.00 0.77 ? 80 PRO N CG   1 
ATOM   1019 C CD   . PRO B 2 9  ? 10.378  3.814   5.730   1.00 0.72 ? 80 PRO N CD   1 
ATOM   1020 H HA   . PRO B 2 9  ? 12.065  3.891   8.540   1.00 0.72 ? 80 PRO N HA   1 
ATOM   1021 H HB2  . PRO B 2 9  ? 13.177  2.253   6.624   1.00 0.82 ? 80 PRO N HB2  1 
ATOM   1022 H HB3  . PRO B 2 9  ? 11.720  1.833   7.550   1.00 0.75 ? 80 PRO N HB3  1 
ATOM   1023 H HG2  . PRO B 2 9  ? 11.956  2.740   4.722   1.00 0.84 ? 80 PRO N HG2  1 
ATOM   1024 H HG3  . PRO B 2 9  ? 10.729  1.703   5.471   1.00 0.80 ? 80 PRO N HG3  1 
ATOM   1025 H HD2  . PRO B 2 9  ? 10.426  4.430   4.848   1.00 0.78 ? 80 PRO N HD2  1 
ATOM   1026 H HD3  . PRO B 2 9  ? 9.365   3.495   5.922   1.00 0.72 ? 80 PRO N HD3  1 
HETATM 1027 N N    . NH2 B 2 10 ? 13.507  5.100   5.794   1.00 1.43 ? 81 NH2 N N    1 
HETATM 1028 H HN1  . NH2 B 2 10 ? 12.824  4.850   5.137   1.00 2.11 ? 81 NH2 N HN1  1 
HETATM 1029 H HN2  . NH2 B 2 10 ? 14.294  5.613   5.512   1.00 1.51 ? 81 NH2 N HN2  1 
# 
